data_1CAR
# 
_entry.id   1CAR 
# 
_audit_conform.dict_name       mmcif_pdbx.dic 
_audit_conform.dict_version    5.385 
_audit_conform.dict_location   http://mmcif.pdb.org/dictionaries/ascii/mmcif_pdbx.dic 
# 
loop_
_database_2.database_id 
_database_2.database_code 
_database_2.pdbx_database_accession 
_database_2.pdbx_DOI 
PDB   1CAR         pdb_00001car 10.2210/pdb1car/pdb 
WWPDB D_1000172195 ?            ?                   
# 
loop_
_pdbx_audit_revision_history.ordinal 
_pdbx_audit_revision_history.data_content_type 
_pdbx_audit_revision_history.major_revision 
_pdbx_audit_revision_history.minor_revision 
_pdbx_audit_revision_history.revision_date 
1 'Structure model' 1 0 1980-03-28 
2 'Structure model' 1 1 2008-03-21 
3 'Structure model' 1 2 2011-07-13 
4 'Structure model' 2 0 2020-07-29 
5 'Structure model' 2 1 2024-02-07 
# 
loop_
_pdbx_audit_revision_details.ordinal 
_pdbx_audit_revision_details.revision_ordinal 
_pdbx_audit_revision_details.data_content_type 
_pdbx_audit_revision_details.provider 
_pdbx_audit_revision_details.type 
_pdbx_audit_revision_details.description 
_pdbx_audit_revision_details.details 
1 1 'Structure model' repository 'Initial release' ?                          ? 
2 4 'Structure model' repository Remediation       'Carbohydrate remediation' ? 
# 
loop_
_pdbx_audit_revision_group.ordinal 
_pdbx_audit_revision_group.revision_ordinal 
_pdbx_audit_revision_group.data_content_type 
_pdbx_audit_revision_group.group 
1  2 'Structure model' 'Version format compliance' 
2  3 'Structure model' 'Version format compliance' 
3  4 'Structure model' Advisory                    
4  4 'Structure model' 'Atomic model'              
5  4 'Structure model' 'Data collection'           
6  4 'Structure model' 'Database references'       
7  4 'Structure model' 'Derived calculations'      
8  4 'Structure model' Other                       
9  4 'Structure model' 'Structure summary'         
10 5 'Structure model' 'Data collection'           
11 5 'Structure model' 'Database references'       
12 5 'Structure model' 'Structure summary'         
# 
loop_
_pdbx_audit_revision_category.ordinal 
_pdbx_audit_revision_category.revision_ordinal 
_pdbx_audit_revision_category.data_content_type 
_pdbx_audit_revision_category.category 
1  4 'Structure model' atom_site                     
2  4 'Structure model' chem_comp                     
3  4 'Structure model' entity                        
4  4 'Structure model' pdbx_branch_scheme            
5  4 'Structure model' pdbx_chem_comp_identifier     
6  4 'Structure model' pdbx_database_status          
7  4 'Structure model' pdbx_entity_branch            
8  4 'Structure model' pdbx_entity_branch_descriptor 
9  4 'Structure model' pdbx_entity_branch_link       
10 4 'Structure model' pdbx_entity_branch_list       
11 4 'Structure model' pdbx_entity_nonpoly           
12 4 'Structure model' pdbx_nonpoly_scheme           
13 4 'Structure model' pdbx_struct_assembly          
14 4 'Structure model' pdbx_struct_oper_list         
15 4 'Structure model' pdbx_unobs_or_zero_occ_atoms  
16 4 'Structure model' pdbx_validate_symm_contact    
17 4 'Structure model' struct_asym                   
18 4 'Structure model' struct_conn                   
19 4 'Structure model' struct_ref                    
20 4 'Structure model' struct_ref_seq                
21 5 'Structure model' chem_comp                     
22 5 'Structure model' chem_comp_atom                
23 5 'Structure model' chem_comp_bond                
24 5 'Structure model' database_2                    
# 
loop_
_pdbx_audit_revision_item.ordinal 
_pdbx_audit_revision_item.revision_ordinal 
_pdbx_audit_revision_item.data_content_type 
_pdbx_audit_revision_item.item 
1  4 'Structure model' '_atom_site.Cartn_x'                         
2  4 'Structure model' '_atom_site.Cartn_y'                         
3  4 'Structure model' '_atom_site.Cartn_z'                         
4  4 'Structure model' '_atom_site.auth_atom_id'                    
5  4 'Structure model' '_atom_site.auth_comp_id'                    
6  4 'Structure model' '_atom_site.auth_seq_id'                     
7  4 'Structure model' '_atom_site.label_asym_id'                   
8  4 'Structure model' '_atom_site.label_atom_id'                   
9  4 'Structure model' '_atom_site.label_comp_id'                   
10 4 'Structure model' '_atom_site.label_entity_id'                 
11 4 'Structure model' '_atom_site.type_symbol'                     
12 4 'Structure model' '_chem_comp.mon_nstd_flag'                   
13 4 'Structure model' '_chem_comp.name'                            
14 4 'Structure model' '_chem_comp.type'                            
15 4 'Structure model' '_pdbx_database_status.process_site'         
16 4 'Structure model' '_pdbx_unobs_or_zero_occ_atoms.auth_seq_id'  
17 4 'Structure model' '_pdbx_unobs_or_zero_occ_atoms.label_seq_id' 
18 4 'Structure model' '_struct_conn.pdbx_dist_value'               
19 4 'Structure model' '_struct_conn.pdbx_leaving_atom_flag'        
20 4 'Structure model' '_struct_conn.pdbx_value_order'              
21 4 'Structure model' '_struct_conn.ptnr1_auth_comp_id'            
22 4 'Structure model' '_struct_conn.ptnr1_label_asym_id'           
23 4 'Structure model' '_struct_conn.ptnr1_label_atom_id'           
24 4 'Structure model' '_struct_conn.ptnr1_label_comp_id'           
25 4 'Structure model' '_struct_conn.ptnr2_auth_comp_id'            
26 4 'Structure model' '_struct_conn.ptnr2_label_asym_id'           
27 4 'Structure model' '_struct_conn.ptnr2_label_atom_id'           
28 4 'Structure model' '_struct_conn.ptnr2_label_comp_id'           
29 5 'Structure model' '_chem_comp.pdbx_synonyms'                   
30 5 'Structure model' '_database_2.pdbx_DOI'                       
31 5 'Structure model' '_database_2.pdbx_database_accession'        
# 
_pdbx_database_status.status_code                     REL 
_pdbx_database_status.entry_id                        1CAR 
_pdbx_database_status.recvd_initial_deposition_date   1978-05-23 
_pdbx_database_status.deposit_site                    ? 
_pdbx_database_status.process_site                    BNL 
_pdbx_database_status.SG_entry                        . 
_pdbx_database_status.pdb_format_compatible           Y 
_pdbx_database_status.status_code_mr                  ? 
_pdbx_database_status.status_code_sf                  ? 
_pdbx_database_status.status_code_cs                  ? 
_pdbx_database_status.status_code_nmr_data            ? 
_pdbx_database_status.methods_development_category    ? 
# 
_audit_author.name           'Arnott, S.' 
_audit_author.pdbx_ordinal   1 
# 
loop_
_citation.id 
_citation.title 
_citation.journal_abbrev 
_citation.journal_volume 
_citation.page_first 
_citation.page_last 
_citation.year 
_citation.journal_id_ASTM 
_citation.country 
_citation.journal_id_ISSN 
_citation.journal_id_CSD 
_citation.book_publisher 
_citation.pdbx_database_id_PubMed 
_citation.pdbx_database_id_DOI 
primary 
'Iota-carrageenan: molecular structure and packing of polysaccharide double helices in oriented fibres of divalent cation salts.' 
J.Mol.Biol.                  90 253 267 1974 JMOBAK UK 0022-2836 0070 ? 4453016 '10.1016/0022-2836(74)90371-4' 
1       
'Accurate X-Ray Diffraction Analysis of Fibrous Polysaccharides Containing Pyranose Rings. Part 1. The Linked-Atom Approach.'     
'J.Chem.Soc.,Perkin Trans.2' ?  324 ?   1972 JCPKBH UK 0300-9580 0188 ? ?       ?                              
# 
loop_
_citation_author.citation_id 
_citation_author.name 
_citation_author.ordinal 
_citation_author.identifier_ORCID 
primary 'Arnott, S.'  1 ? 
primary 'Scott, W.E.' 2 ? 
primary 'Rees, D.A.'  3 ? 
primary 'McNab, C.G.' 4 ? 
1       'Arnott, S.'  5 ? 
1       'Scott, W.E.' 6 ? 
# 
_entity.id                         1 
_entity.type                       branched 
_entity.src_method                 man 
_entity.pdbx_description           
;4-O-sulfo-beta-D-galactopyranose-(1-4)-3,6-anhydro-2-O-sulfo-alpha-D-galactopyranose-(1-3)-4-O-sulfo-beta-D-galactopyranose-(1-4)-3,6-anhydro-2-O-sulfo-alpha-D-galactopyranose-(1-3)-4-O-sulfo-beta-D-galactopyranose-(1-4)-3,6-anhydro-2-O-sulfo-alpha-D-galactopyranose
;
_entity.formula_weight             1417.193 
_entity.pdbx_number_of_molecules   2 
_entity.pdbx_ec                    ? 
_entity.pdbx_mutation              ? 
_entity.pdbx_fragment              ? 
_entity.details                    ? 
# 
_pdbx_entity_branch.entity_id   1 
_pdbx_entity_branch.type        oligosaccharide 
# 
loop_
_pdbx_entity_branch_descriptor.ordinal 
_pdbx_entity_branch_descriptor.entity_id 
_pdbx_entity_branch_descriptor.descriptor 
_pdbx_entity_branch_descriptor.type 
_pdbx_entity_branch_descriptor.program 
_pdbx_entity_branch_descriptor.program_version 
1 1 'WURCS=2.0/2,6,5/[a2112h-1a_1-5_3-6_2*OSO/3=O/3=O][a2112h-1b_1-5_4*OSO/3=O/3=O]/1-2-1-2-1-2/a4-b1_b3-c1_c4-d1_d3-e1_e4-f1' 
WURCS  PDB2Glycan 1.1.0 
2 1 '[][&lt;C30O37S5&gt;]{[(1+1)][b-D-3-deoxy-Galp4SO3]{}}'                                                                    
LINUCS PDB-CARE   ?     
# 
loop_
_pdbx_entity_branch_link.link_id 
_pdbx_entity_branch_link.entity_id 
_pdbx_entity_branch_link.entity_branch_list_num_1 
_pdbx_entity_branch_link.comp_id_1 
_pdbx_entity_branch_link.atom_id_1 
_pdbx_entity_branch_link.leaving_atom_id_1 
_pdbx_entity_branch_link.entity_branch_list_num_2 
_pdbx_entity_branch_link.comp_id_2 
_pdbx_entity_branch_link.atom_id_2 
_pdbx_entity_branch_link.leaving_atom_id_2 
_pdbx_entity_branch_link.value_order 
_pdbx_entity_branch_link.details 
1 1 2 G4S C1 O1 1 DGS O4 HO4 sing ? 
2 1 3 DGS C1 O1 2 G4S O3 HO3 sing ? 
3 1 4 G4S C1 O1 3 DGS O4 HO4 sing ? 
4 1 5 DGS C1 O1 4 G4S O3 HO3 sing ? 
5 1 6 G4S C1 O1 5 DGS O4 HO4 sing ? 
# 
loop_
_chem_comp.id 
_chem_comp.type 
_chem_comp.mon_nstd_flag 
_chem_comp.name 
_chem_comp.pdbx_synonyms 
_chem_comp.formula 
_chem_comp.formula_weight 
DGS 'D-saccharide, alpha linking' . 3,6-anhydro-2-O-sulfo-alpha-D-galactopyranose 
;3,6-ANHYDRO-D-GALACTOSE-2-SULFATE; 3,6-anhydro-2-O-sulfo-alpha-D-galactose; 3,6-anhydro-2-O-sulfo-D-galactose; 3,6-anhydro-2-O-sulfo-galactose
;
'C6 H10 O8 S' 242.204 
G4S 'D-saccharide, beta linking'  n 4-O-sulfo-beta-D-galactopyranose              
'4-O-sulfo-beta-D-galactose; 4-O-sulfo-D-galactose; 4-O-sulfo-galactose' 'C6 H12 O9 S' 260.219 
# 
loop_
_pdbx_chem_comp_identifier.comp_id 
_pdbx_chem_comp_identifier.type 
_pdbx_chem_comp_identifier.program 
_pdbx_chem_comp_identifier.program_version 
_pdbx_chem_comp_identifier.identifier 
G4S 'CONDENSED IUPAC CARBOHYDRATE SYMBOL' GMML     1.0 'DGalp[4S]b'                
G4S 'COMMON NAME'                         GMML     1.0 4-sulfo-b-D-galactopyranose 
G4S 'IUPAC CARBOHYDRATE SYMBOL'           PDB-CARE 1.0 b-D-Galp4SO3                
# 
loop_
_pdbx_branch_scheme.asym_id 
_pdbx_branch_scheme.entity_id 
_pdbx_branch_scheme.mon_id 
_pdbx_branch_scheme.num 
_pdbx_branch_scheme.pdb_asym_id 
_pdbx_branch_scheme.pdb_mon_id 
_pdbx_branch_scheme.pdb_seq_num 
_pdbx_branch_scheme.auth_asym_id 
_pdbx_branch_scheme.auth_mon_id 
_pdbx_branch_scheme.auth_seq_num 
_pdbx_branch_scheme.hetero 
A 1 DGS 1 A DGS 1 A AGS 6 n 
A 1 G4S 2 A G4S 2 A G4S 5 n 
A 1 DGS 3 A DGS 3 A AGS 4 n 
A 1 G4S 4 A G4S 4 A G4S 3 n 
A 1 DGS 5 A DGS 5 A AGS 2 n 
A 1 G4S 6 A G4S 6 A G4S 1 n 
B 1 DGS 1 B DGS 1 B AGS 6 n 
B 1 G4S 2 B G4S 2 B G4S 5 n 
B 1 DGS 3 B DGS 3 B AGS 4 n 
B 1 G4S 4 B G4S 4 B G4S 3 n 
B 1 DGS 5 B DGS 5 B AGS 2 n 
B 1 G4S 6 B G4S 6 B G4S 1 n 
# 
loop_
_pdbx_unobs_or_zero_occ_atoms.id 
_pdbx_unobs_or_zero_occ_atoms.PDB_model_num 
_pdbx_unobs_or_zero_occ_atoms.polymer_flag 
_pdbx_unobs_or_zero_occ_atoms.occupancy_flag 
_pdbx_unobs_or_zero_occ_atoms.auth_asym_id 
_pdbx_unobs_or_zero_occ_atoms.auth_comp_id 
_pdbx_unobs_or_zero_occ_atoms.auth_seq_id 
_pdbx_unobs_or_zero_occ_atoms.PDB_ins_code 
_pdbx_unobs_or_zero_occ_atoms.auth_atom_id 
_pdbx_unobs_or_zero_occ_atoms.label_alt_id 
_pdbx_unobs_or_zero_occ_atoms.label_asym_id 
_pdbx_unobs_or_zero_occ_atoms.label_comp_id 
_pdbx_unobs_or_zero_occ_atoms.label_seq_id 
_pdbx_unobs_or_zero_occ_atoms.label_atom_id 
1 1 N 1 A G4S 6 ? O3 ? A G4S 6 O3 
2 1 N 1 B G4S 6 ? O3 ? B G4S 6 O3 
# 
loop_
_software.name 
_software.classification 
_software.version 
_software.citation_id 
_software.pdbx_ordinal 
LINKED-ATOM refinement 'LEAST-SQUARES MODEL-BUILDING PROCEDURE' ? 1 
LALS        refinement .                                        ? 2 
# 
_cell.entry_id           1CAR 
_cell.length_a           13.730 
_cell.length_b           13.730 
_cell.length_c           13.280 
_cell.angle_alpha        90.00 
_cell.angle_beta         90.00 
_cell.angle_gamma        120.00 
_cell.Z_PDB              6 
_cell.pdbx_unique_axis   ? 
# 
_symmetry.entry_id                         1CAR 
_symmetry.space_group_name_H-M             'P 32 1 2' 
_symmetry.pdbx_full_space_group_name_H-M   ? 
_symmetry.cell_setting                     ? 
_symmetry.Int_Tables_number                153 
# 
_exptl.entry_id          1CAR 
_exptl.method            'FIBER DIFFRACTION' 
_exptl.crystals_number   ? 
# 
_refine.entry_id                                 1CAR 
_refine.ls_number_reflns_obs                     ? 
_refine.ls_number_reflns_all                     ? 
_refine.pdbx_ls_sigma_I                          ? 
_refine.pdbx_ls_sigma_F                          ? 
_refine.pdbx_data_cutoff_high_absF               ? 
_refine.pdbx_data_cutoff_low_absF                ? 
_refine.pdbx_data_cutoff_high_rms_absF           ? 
_refine.ls_d_res_low                             ? 
_refine.ls_d_res_high                            3.0 
_refine.ls_percent_reflns_obs                    ? 
_refine.ls_R_factor_obs                          ? 
_refine.ls_R_factor_all                          ? 
_refine.ls_R_factor_R_work                       ? 
_refine.ls_R_factor_R_free                       ? 
_refine.ls_R_factor_R_free_error                 ? 
_refine.ls_R_factor_R_free_error_details         ? 
_refine.ls_percent_reflns_R_free                 ? 
_refine.ls_number_reflns_R_free                  ? 
_refine.ls_number_parameters                     ? 
_refine.ls_number_restraints                     ? 
_refine.occupancy_min                            ? 
_refine.occupancy_max                            ? 
_refine.B_iso_mean                               ? 
_refine.aniso_B[1][1]                            ? 
_refine.aniso_B[2][2]                            ? 
_refine.aniso_B[3][3]                            ? 
_refine.aniso_B[1][2]                            ? 
_refine.aniso_B[1][3]                            ? 
_refine.aniso_B[2][3]                            ? 
_refine.solvent_model_details                    ? 
_refine.solvent_model_param_ksol                 ? 
_refine.solvent_model_param_bsol                 ? 
_refine.pdbx_ls_cross_valid_method               ? 
_refine.details                                  ? 
_refine.pdbx_starting_model                      ? 
_refine.pdbx_method_to_determine_struct          ? 
_refine.pdbx_isotropic_thermal_model             ? 
_refine.pdbx_stereochemistry_target_values       ? 
_refine.pdbx_stereochem_target_val_spec_case     ? 
_refine.pdbx_R_Free_selection_details            ? 
_refine.pdbx_overall_ESU_R                       ? 
_refine.pdbx_overall_ESU_R_Free                  ? 
_refine.overall_SU_ML                            ? 
_refine.overall_SU_B                             ? 
_refine.pdbx_refine_id                           'FIBER DIFFRACTION' 
_refine.pdbx_diffrn_id                           1 
_refine.pdbx_TLS_residual_ADP_flag               ? 
_refine.correlation_coeff_Fo_to_Fc               ? 
_refine.correlation_coeff_Fo_to_Fc_free          ? 
_refine.pdbx_solvent_vdw_probe_radii             ? 
_refine.pdbx_solvent_ion_probe_radii             ? 
_refine.pdbx_solvent_shrinkage_radii             ? 
_refine.pdbx_overall_phase_error                 ? 
_refine.overall_SU_R_Cruickshank_DPI             ? 
_refine.pdbx_overall_SU_R_free_Cruickshank_DPI   ? 
_refine.pdbx_overall_SU_R_Blow_DPI               ? 
_refine.pdbx_overall_SU_R_free_Blow_DPI          ? 
# 
_refine_hist.pdbx_refine_id                   'FIBER DIFFRACTION' 
_refine_hist.cycle_id                         LAST 
_refine_hist.pdbx_number_atoms_protein        0 
_refine_hist.pdbx_number_atoms_nucleic_acid   0 
_refine_hist.pdbx_number_atoms_ligand         174 
_refine_hist.number_atoms_solvent             0 
_refine_hist.number_atoms_total               174 
_refine_hist.d_res_high                       3.0 
_refine_hist.d_res_low                        . 
# 
_struct.entry_id                  1CAR 
_struct.title                     
'I-CARRAGEENAN. MOLECULAR STRUCTURE AND PACKING OF POLYSACCHARIDE DOUBLE HELICES IN ORIENTED FIBRES OF DIVALENT CATION SALTS' 
_struct.pdbx_model_details        ? 
_struct.pdbx_CASP_flag            ? 
_struct.pdbx_model_type_details   ? 
# 
_struct_keywords.entry_id        1CAR 
_struct_keywords.pdbx_keywords   'TEXTURE OF CONNECTIVE TISSUE' 
_struct_keywords.text            'TEXTURE OF CONNECTIVE TISSUE' 
# 
loop_
_struct_asym.id 
_struct_asym.pdbx_blank_PDB_chainid_flag 
_struct_asym.pdbx_modified 
_struct_asym.entity_id 
_struct_asym.details 
A N N 1 ? 
B N N 1 ? 
# 
_pdbx_struct_assembly.id                   1 
_pdbx_struct_assembly.details              author_defined_assembly 
_pdbx_struct_assembly.method_details       ? 
_pdbx_struct_assembly.oligomeric_details   ? 
_pdbx_struct_assembly.oligomeric_count     ? 
# 
_pdbx_struct_assembly_gen.assembly_id       1 
_pdbx_struct_assembly_gen.oper_expression   1 
_pdbx_struct_assembly_gen.asym_id_list      A,B 
# 
_pdbx_struct_oper_list.id                   1 
_pdbx_struct_oper_list.type                 'identity operation' 
_pdbx_struct_oper_list.name                 1_555 
_pdbx_struct_oper_list.symmetry_operation   x,y,z 
_pdbx_struct_oper_list.matrix[1][1]         1.0000000000 
_pdbx_struct_oper_list.matrix[1][2]         0.0000000000 
_pdbx_struct_oper_list.matrix[1][3]         0.0000000000 
_pdbx_struct_oper_list.vector[1]            0.0000000000 
_pdbx_struct_oper_list.matrix[2][1]         0.0000000000 
_pdbx_struct_oper_list.matrix[2][2]         1.0000000000 
_pdbx_struct_oper_list.matrix[2][3]         0.0000000000 
_pdbx_struct_oper_list.vector[2]            0.0000000000 
_pdbx_struct_oper_list.matrix[3][1]         0.0000000000 
_pdbx_struct_oper_list.matrix[3][2]         0.0000000000 
_pdbx_struct_oper_list.matrix[3][3]         1.0000000000 
_pdbx_struct_oper_list.vector[3]            0.0000000000 
# 
_struct_biol.id                    1 
_struct_biol.details               
;THE TWO SIX-RESIDUE CHAIN-SEGMENTS GIVEN HERE WERE OBTAINED
FROM THE PUBLISHED COORDINATES FOR A TWO-RESIDUE FRAGMENT
OF THE DOUBLE-HELICAL STRUCTURE.  THE CHAIN LABELLED *A*
WAS GENERATED BY THE ACTION OF A 31 SCREW AXIS ON THE
PUBLISHED COORDINATES.  THE CHAIN DENOTED *B* WAS DERIVED
USING THE NON-CRYSTALLOGRAPHIC EQUIPOINTS -
     Y-X,-X,Z+1.32/2.656-1/3
     X,Y,Z+1.32/2.656
     -Y,X-Y,Z+1.32/2.656+1/3
;
_struct_biol.pdbx_parent_biol_id   ? 
# 
loop_
_struct_conn.id 
_struct_conn.conn_type_id 
_struct_conn.pdbx_leaving_atom_flag 
_struct_conn.pdbx_PDB_id 
_struct_conn.ptnr1_label_asym_id 
_struct_conn.ptnr1_label_comp_id 
_struct_conn.ptnr1_label_seq_id 
_struct_conn.ptnr1_label_atom_id 
_struct_conn.pdbx_ptnr1_label_alt_id 
_struct_conn.pdbx_ptnr1_PDB_ins_code 
_struct_conn.pdbx_ptnr1_standard_comp_id 
_struct_conn.ptnr1_symmetry 
_struct_conn.ptnr2_label_asym_id 
_struct_conn.ptnr2_label_comp_id 
_struct_conn.ptnr2_label_seq_id 
_struct_conn.ptnr2_label_atom_id 
_struct_conn.pdbx_ptnr2_label_alt_id 
_struct_conn.pdbx_ptnr2_PDB_ins_code 
_struct_conn.ptnr1_auth_asym_id 
_struct_conn.ptnr1_auth_comp_id 
_struct_conn.ptnr1_auth_seq_id 
_struct_conn.ptnr2_auth_asym_id 
_struct_conn.ptnr2_auth_comp_id 
_struct_conn.ptnr2_auth_seq_id 
_struct_conn.ptnr2_symmetry 
_struct_conn.pdbx_ptnr3_label_atom_id 
_struct_conn.pdbx_ptnr3_label_seq_id 
_struct_conn.pdbx_ptnr3_label_comp_id 
_struct_conn.pdbx_ptnr3_label_asym_id 
_struct_conn.pdbx_ptnr3_label_alt_id 
_struct_conn.pdbx_ptnr3_PDB_ins_code 
_struct_conn.details 
_struct_conn.pdbx_dist_value 
_struct_conn.pdbx_value_order 
_struct_conn.pdbx_role 
covale1  covale one  ? A DGS . O4 ? ? ? 1_555 A G4S . C1 ? ? A DGS 1 A G4S 2 1_555 ? ? ? ? ? ? ? 1.388 sing ? 
covale2  covale both ? A G4S . O3 ? ? ? 1_555 A DGS . C1 ? ? A G4S 2 A DGS 3 1_555 ? ? ? ? ? ? ? 1.372 sing ? 
covale3  covale one  ? A DGS . O4 ? ? ? 1_555 A G4S . C1 ? ? A DGS 3 A G4S 4 1_555 ? ? ? ? ? ? ? 1.388 sing ? 
covale4  covale both ? A G4S . O3 ? ? ? 1_555 A DGS . C1 ? ? A G4S 4 A DGS 5 1_555 ? ? ? ? ? ? ? 1.372 sing ? 
covale5  covale one  ? A DGS . O4 ? ? ? 1_555 A G4S . C1 ? ? A DGS 5 A G4S 6 1_555 ? ? ? ? ? ? ? 1.387 sing ? 
covale6  covale one  ? B DGS . O4 ? ? ? 1_555 B G4S . C1 ? ? B DGS 1 B G4S 2 1_555 ? ? ? ? ? ? ? 1.388 sing ? 
covale7  covale both ? B G4S . O3 ? ? ? 1_555 B DGS . C1 ? ? B G4S 2 B DGS 3 1_555 ? ? ? ? ? ? ? 1.372 sing ? 
covale8  covale one  ? B DGS . O4 ? ? ? 1_555 B G4S . C1 ? ? B DGS 3 B G4S 4 1_555 ? ? ? ? ? ? ? 1.387 sing ? 
covale9  covale both ? B G4S . O3 ? ? ? 1_555 B DGS . C1 ? ? B G4S 4 B DGS 5 1_555 ? ? ? ? ? ? ? 1.373 sing ? 
covale10 covale one  ? B DGS . O4 ? ? ? 1_555 B G4S . C1 ? ? B DGS 5 B G4S 6 1_555 ? ? ? ? ? ? ? 1.388 sing ? 
# 
_struct_conn_type.id          covale 
_struct_conn_type.criteria    ? 
_struct_conn_type.reference   ? 
# 
loop_
_pdbx_validate_symm_contact.id 
_pdbx_validate_symm_contact.PDB_model_num 
_pdbx_validate_symm_contact.auth_atom_id_1 
_pdbx_validate_symm_contact.auth_asym_id_1 
_pdbx_validate_symm_contact.auth_comp_id_1 
_pdbx_validate_symm_contact.auth_seq_id_1 
_pdbx_validate_symm_contact.PDB_ins_code_1 
_pdbx_validate_symm_contact.label_alt_id_1 
_pdbx_validate_symm_contact.site_symmetry_1 
_pdbx_validate_symm_contact.auth_atom_id_2 
_pdbx_validate_symm_contact.auth_asym_id_2 
_pdbx_validate_symm_contact.auth_comp_id_2 
_pdbx_validate_symm_contact.auth_seq_id_2 
_pdbx_validate_symm_contact.PDB_ins_code_2 
_pdbx_validate_symm_contact.label_alt_id_2 
_pdbx_validate_symm_contact.site_symmetry_2 
_pdbx_validate_symm_contact.dist 
1    1 C6 A DGS 1 ? ? 1_555 C6 A DGS 3 ? ? 2_555 0.00 
2    1 C6 B DGS 1 ? ? 1_555 C6 B DGS 5 ? ? 3_556 0.00 
3    1 C1 A DGS 3 ? ? 1_555 C1 A DGS 5 ? ? 2_555 0.00 
4    1 C1 B DGS 1 ? ? 1_555 C1 B DGS 3 ? ? 2_555 0.00 
5    1 C1 A DGS 1 ? ? 1_555 C1 A DGS 3 ? ? 2_555 0.00 
6    1 C1 B DGS 1 ? ? 1_555 C1 B DGS 5 ? ? 3_556 0.00 
7    1 O8 B G4S 2 ? ? 1_555 O8 B G4S 4 ? ? 2_555 0.00 
8    1 O8 A G4S 4 ? ? 1_555 O8 A G4S 6 ? ? 2_555 0.00 
9    1 O4 A G4S 4 ? ? 1_555 O4 A G4S 6 ? ? 2_555 0.00 
10   1 O4 B G4S 2 ? ? 1_555 O4 B G4S 4 ? ? 2_555 0.00 
11   1 O4 A DGS 3 ? ? 1_555 O4 A DGS 5 ? ? 2_555 0.00 
12   1 O4 B DGS 1 ? ? 1_555 O4 B DGS 3 ? ? 2_555 0.00 
13   1 O1 A DGS 1 ? ? 1_555 O3 A G4S 2 ? ? 2_555 0.00 
14   1 O3 B G4S 2 ? ? 1_555 O3 B G4S 4 ? ? 2_555 0.00 
15   1 O1 B DGS 1 ? ? 1_555 O3 B G4S 4 ? ? 3_556 0.00 
16   1 O1 A DGS 1 ? ? 1_555 O3 A G4S 4 ? ? 3_556 0.00 
17   1 O7 B DGS 1 ? ? 1_555 O7 B DGS 3 ? ? 2_555 0.00 
18   1 O7 A DGS 3 ? ? 1_555 O7 A DGS 5 ? ? 2_555 0.00 
19   1 O7 B DGS 3 ? ? 1_555 O7 B DGS 5 ? ? 2_555 0.00 
20   1 O7 A DGS 1 ? ? 1_555 O7 A DGS 5 ? ? 3_556 0.00 
21   1 O9 B DGS 3 ? ? 1_555 O9 B DGS 5 ? ? 2_555 0.00 
22   1 O9 A DGS 1 ? ? 1_555 O9 A DGS 3 ? ? 2_555 0.00 
23   1 O9 A DGS 1 ? ? 1_555 O9 A DGS 5 ? ? 3_556 0.00 
24   1 O9 B DGS 1 ? ? 1_555 O9 B DGS 5 ? ? 3_556 0.00 
25   1 C2 A DGS 1 ? ? 1_555 C2 A DGS 5 ? ? 3_556 0.00 
26   1 C1 A G4S 2 ? ? 1_555 C1 A G4S 6 ? ? 3_556 0.00 
27   1 O6 B G4S 2 ? ? 1_555 O6 B G4S 4 ? ? 2_555 0.00 
28   1 O6 A G4S 4 ? ? 1_555 O6 A G4S 6 ? ? 2_555 0.00 
29   1 C6 A G4S 2 ? ? 1_555 C6 A G4S 4 ? ? 2_555 0.00 
30   1 C6 B G4S 2 ? ? 1_555 C6 B G4S 6 ? ? 3_556 0.00 
31   1 O5 A DGS 1 ? ? 1_555 O5 A DGS 5 ? ? 3_556 0.00 
32   1 C2 B G4S 2 ? ? 1_555 C2 B G4S 4 ? ? 2_555 0.00 
33   1 C2 A G4S 4 ? ? 1_555 C2 A G4S 6 ? ? 2_555 0.00 
34   1 O2 A G4S 2 ? ? 1_555 O2 A G4S 4 ? ? 2_555 0.00 
35   1 O2 A G4S 4 ? ? 1_555 O2 A G4S 6 ? ? 2_555 0.00 
36   1 O2 B G4S 2 ? ? 1_555 O2 B G4S 4 ? ? 2_555 0.00 
37   1 O2 B G4S 2 ? ? 1_555 O2 B G4S 6 ? ? 3_556 0.00 
38   1 O7 B G4S 2 ? ? 1_555 O7 B G4S 6 ? ? 3_556 0.00 
39   1 C5 B G4S 2 ? ? 1_555 C5 B G4S 4 ? ? 2_555 0.00 
40   1 C5 A G4S 4 ? ? 1_555 C5 A G4S 6 ? ? 2_555 0.00 
41   1 C5 B G4S 2 ? ? 1_555 C5 B G4S 6 ? ? 3_556 0.00 
42   1 C5 A G4S 2 ? ? 1_555 C5 A G4S 6 ? ? 3_556 0.00 
43   1 O9 B G4S 2 ? ? 1_555 O9 B G4S 6 ? ? 3_556 0.00 
44   1 C3 B G4S 2 ? ? 1_555 C3 B G4S 4 ? ? 2_555 0.00 
45   1 C3 A G4S 4 ? ? 1_555 C3 A G4S 6 ? ? 2_555 0.00 
46   1 C3 A G4S 2 ? ? 1_555 C3 A G4S 6 ? ? 3_556 0.00 
47   1 C3 B G4S 2 ? ? 1_555 C3 B G4S 6 ? ? 3_556 0.00 
48   1 O9 A G4S 4 ? ? 1_555 O9 A G4S 6 ? ? 2_555 0.00 
49   1 O9 B G4S 2 ? ? 1_555 O9 B G4S 4 ? ? 2_555 0.00 
50   1 O2 A DGS 1 ? ? 1_555 O2 A DGS 3 ? ? 2_555 0.00 
51   1 O2 B DGS 1 ? ? 1_555 O2 B DGS 5 ? ? 3_556 0.00 
52   1 S  A G4S 4 ? ? 1_555 S  A G4S 6 ? ? 2_555 0.00 
53   1 S  A G4S 2 ? ? 1_555 S  A G4S 4 ? ? 2_555 0.00 
54   1 S  B G4S 2 ? ? 1_555 S  B G4S 4 ? ? 2_555 0.00 
55   1 S  B G4S 2 ? ? 1_555 S  B G4S 6 ? ? 3_556 0.00 
56   1 O5 B G4S 4 ? ? 1_555 O5 B G4S 6 ? ? 2_555 0.00 
57   1 O5 A G4S 2 ? ? 1_555 O5 A G4S 6 ? ? 3_556 0.00 
58   1 C1 A DGS 1 ? ? 1_555 C1 A DGS 5 ? ? 3_556 0.00 
59   1 C1 B DGS 3 ? ? 1_555 C1 B DGS 5 ? ? 2_555 0.00 
60   1 O7 A G4S 2 ? ? 1_555 O7 A G4S 6 ? ? 3_556 0.00 
61   1 S  A DGS 1 ? ? 1_555 S  A DGS 3 ? ? 2_555 0.00 
62   1 S  B DGS 1 ? ? 1_555 S  B DGS 5 ? ? 3_556 0.00 
63   1 C3 B DGS 1 ? ? 1_555 C3 B DGS 5 ? ? 3_556 0.00 
64   1 C3 A DGS 1 ? ? 1_555 C3 A DGS 3 ? ? 2_555 0.00 
65   1 C5 A DGS 1 ? ? 1_555 C5 A DGS 3 ? ? 2_555 0.00 
66   1 C5 B DGS 1 ? ? 1_555 C5 B DGS 5 ? ? 3_556 0.00 
67   1 O5 B DGS 1 ? ? 1_555 O5 B DGS 5 ? ? 3_556 0.00 
68   1 C4 B G4S 2 ? ? 1_555 C4 B G4S 4 ? ? 2_555 0.00 
69   1 C4 A G4S 4 ? ? 1_555 C4 A G4S 6 ? ? 2_555 0.00 
70   1 C4 B G4S 2 ? ? 1_555 C4 B G4S 6 ? ? 3_556 0.00 
71   1 C4 A G4S 2 ? ? 1_555 C4 A G4S 6 ? ? 3_556 0.00 
72   1 O3 A DGS 3 ? ? 1_555 O3 A DGS 5 ? ? 2_555 0.00 
73   1 O3 B DGS 1 ? ? 1_555 O3 B DGS 3 ? ? 2_555 0.00 
74   1 O3 B DGS 3 ? ? 1_555 O3 B DGS 5 ? ? 2_555 0.00 
75   1 O3 A DGS 1 ? ? 1_555 O3 A DGS 5 ? ? 3_556 0.00 
76   1 O5 A G4S 4 ? ? 1_555 O5 A G4S 6 ? ? 2_555 0.00 
77   1 O5 B G4S 2 ? ? 1_555 O5 B G4S 4 ? ? 2_555 0.00 
78   1 O1 B DGS 1 ? ? 1_555 O3 B G4S 2 ? ? 2_555 0.00 
79   1 O3 A G4S 2 ? ? 1_555 O3 A G4S 4 ? ? 2_555 0.00 
80   1 O7 B DGS 1 ? ? 1_555 O7 B DGS 5 ? ? 3_556 0.00 
81   1 O7 A DGS 1 ? ? 1_555 O7 A DGS 3 ? ? 2_555 0.00 
82   1 O9 A DGS 3 ? ? 1_555 O9 A DGS 5 ? ? 2_555 0.00 
83   1 O9 B DGS 1 ? ? 1_555 O9 B DGS 3 ? ? 2_555 0.00 
84   1 C2 B DGS 3 ? ? 1_555 C2 B DGS 5 ? ? 2_555 0.00 
85   1 C1 B G4S 4 ? ? 1_555 C1 B G4S 6 ? ? 2_555 0.00 
86   1 O7 B G4S 2 ? ? 1_555 O7 B G4S 4 ? ? 2_555 0.00 
87   1 O7 A G4S 4 ? ? 1_555 O7 A G4S 6 ? ? 2_555 0.00 
88   1 C1 B G4S 2 ? ? 1_555 C1 B G4S 6 ? ? 3_556 0.00 
89   1 S  B DGS 3 ? ? 1_555 S  B DGS 5 ? ? 2_555 0.00 
90   1 S  A DGS 1 ? ? 1_555 S  A DGS 5 ? ? 3_556 0.00 
91   1 C2 B G4S 4 ? ? 1_555 C2 B G4S 6 ? ? 2_555 0.00 
92   1 C2 A G4S 2 ? ? 1_555 C2 A G4S 6 ? ? 3_556 0.00 
93   1 C4 A DGS 3 ? ? 1_555 C4 A DGS 5 ? ? 2_555 0.00 
94   1 C4 B DGS 1 ? ? 1_555 C4 B DGS 3 ? ? 2_555 0.00 
95   1 C4 B DGS 3 ? ? 1_555 C4 B DGS 5 ? ? 2_555 0.00 
96   1 C4 A DGS 1 ? ? 1_555 C4 A DGS 5 ? ? 3_556 0.00 
97   1 O5 A DGS 3 ? ? 1_555 O5 A DGS 5 ? ? 2_555 0.00 
98   1 O5 B DGS 1 ? ? 1_555 O5 B DGS 3 ? ? 2_555 0.00 
99   1 O5 B DGS 3 ? ? 1_555 O5 B DGS 5 ? ? 2_555 0.00 
100  1 O9 A G4S 2 ? ? 1_555 O9 A G4S 6 ? ? 3_556 0.00 
101  1 S  A DGS 3 ? ? 1_555 S  A DGS 5 ? ? 2_555 0.00 
102  1 S  B DGS 1 ? ? 1_555 S  B DGS 3 ? ? 2_555 0.00 
103  1 O2 A G4S 2 ? ? 1_555 O2 A G4S 6 ? ? 3_556 0.00 
104  1 O2 B G4S 4 ? ? 1_555 O2 B G4S 6 ? ? 2_555 0.00 
105  1 O7 A G4S 2 ? ? 1_555 O7 A G4S 4 ? ? 2_555 0.00 
106  1 O8 A DGS 1 ? ? 1_555 O8 A DGS 3 ? ? 2_555 0.00 
107  1 O8 B DGS 1 ? ? 1_555 O8 B DGS 5 ? ? 3_556 0.00 
108  1 C5 B G4S 4 ? ? 1_555 C5 B G4S 6 ? ? 2_555 0.00 
109  1 C5 A G4S 2 ? ? 1_555 C5 A G4S 4 ? ? 2_555 0.00 
110  1 O2 A DGS 3 ? ? 1_555 O2 A DGS 5 ? ? 2_555 0.00 
111  1 O2 B DGS 1 ? ? 1_555 O2 B DGS 3 ? ? 2_555 0.00 
112  1 O9 A G4S 2 ? ? 1_555 O9 A G4S 4 ? ? 2_555 0.00 
113  1 C3 A G4S 2 ? ? 1_555 C3 A G4S 4 ? ? 2_555 0.00 
114  1 C3 B G4S 4 ? ? 1_555 C3 B G4S 6 ? ? 2_555 0.00 
115  1 C2 A DGS 1 ? ? 1_555 C2 A DGS 3 ? ? 2_555 0.00 
116  1 C2 B DGS 1 ? ? 1_555 C2 B DGS 5 ? ? 3_556 0.00 
117  1 O6 B G4S 4 ? ? 1_555 O6 B G4S 6 ? ? 2_555 0.00 
118  1 O6 A G4S 2 ? ? 1_555 O6 A G4S 6 ? ? 3_556 0.00 
119  1 O8 B DGS 1 ? ? 1_555 O8 B DGS 3 ? ? 2_555 0.00 
120  1 O8 A DGS 3 ? ? 1_555 O8 A DGS 5 ? ? 2_555 0.00 
121  1 S  A G4S 2 ? ? 1_555 S  A G4S 6 ? ? 3_556 0.00 
122  1 S  B G4S 4 ? ? 1_555 S  B G4S 6 ? ? 2_555 0.00 
123  1 C1 B G4S 2 ? ? 1_555 C1 B G4S 4 ? ? 2_555 0.00 
124  1 C1 A G4S 4 ? ? 1_555 C1 A G4S 6 ? ? 2_555 0.00 
125  1 O7 B G4S 4 ? ? 1_555 O7 B G4S 6 ? ? 2_555 0.00 
126  1 C2 B G4S 2 ? ? 1_555 C2 B G4S 6 ? ? 3_556 0.00 
127  1 O8 B G4S 4 ? ? 1_555 O8 B G4S 6 ? ? 2_555 0.00 
128  1 C2 A G4S 2 ? ? 1_555 C2 A G4S 4 ? ? 2_555 0.00 
129  1 O8 A G4S 2 ? ? 1_555 O8 A G4S 6 ? ? 3_556 0.00 
130  1 O5 A DGS 1 ? ? 1_555 O5 A DGS 3 ? ? 2_555 0.00 
131  1 C4 B G4S 4 ? ? 1_555 C4 B G4S 6 ? ? 2_555 0.00 
132  1 C4 A G4S 2 ? ? 1_555 C4 A G4S 4 ? ? 2_555 0.00 
133  1 O3 B DGS 1 ? ? 1_555 O3 B DGS 5 ? ? 3_556 0.00 
134  1 O3 A DGS 1 ? ? 1_555 O3 A DGS 3 ? ? 2_555 0.00 
135  1 C3 B DGS 3 ? ? 1_555 C3 B DGS 5 ? ? 2_555 0.00 
136  1 C3 A DGS 1 ? ? 1_555 C3 A DGS 5 ? ? 3_556 0.00 
137  1 O4 A G4S 2 ? ? 1_555 O4 A G4S 4 ? ? 2_555 0.00 
138  1 O4 B G4S 2 ? ? 1_555 O4 B G4S 6 ? ? 3_556 0.00 
139  1 C6 A G4S 2 ? ? 1_555 C6 A G4S 6 ? ? 3_556 0.00 
140  1 C6 B G4S 4 ? ? 1_555 C6 B G4S 6 ? ? 2_555 0.00 
141  1 O6 B G4S 2 ? ? 1_555 O6 B G4S 6 ? ? 3_556 0.00 
142  1 O6 A G4S 2 ? ? 1_555 O6 A G4S 4 ? ? 2_555 0.00 
143  1 C1 A G4S 2 ? ? 1_555 C1 A G4S 4 ? ? 2_555 0.00 
144  1 C3 B DGS 1 ? ? 1_555 C3 B DGS 3 ? ? 2_555 0.00 
145  1 C3 A DGS 3 ? ? 1_555 C3 A DGS 5 ? ? 2_555 0.00 
146  1 C5 B DGS 1 ? ? 1_555 C5 B DGS 3 ? ? 2_555 0.00 
147  1 C4 B DGS 1 ? ? 1_555 C4 B DGS 5 ? ? 3_556 0.00 
148  1 C6 B G4S 2 ? ? 1_555 C6 B G4S 4 ? ? 2_555 0.00 
149  1 C6 A G4S 4 ? ? 1_555 C6 A G4S 6 ? ? 2_555 0.00 
150  1 C4 A DGS 1 ? ? 1_555 C4 A DGS 3 ? ? 2_555 0.00 
151  1 O9 B G4S 4 ? ? 1_555 O9 B G4S 6 ? ? 2_555 0.00 
152  1 C5 A DGS 1 ? ? 1_555 C5 A DGS 5 ? ? 3_556 0.00 
153  1 O4 A DGS 1 ? ? 1_555 O4 A DGS 5 ? ? 3_556 0.00 
154  1 O4 B DGS 3 ? ? 1_555 O4 B DGS 5 ? ? 2_555 0.00 
155  1 C6 B DGS 3 ? ? 1_555 C6 B DGS 5 ? ? 2_555 0.00 
156  1 C6 A DGS 1 ? ? 1_555 C6 A DGS 5 ? ? 3_556 0.00 
157  1 O4 A DGS 1 ? ? 1_555 O4 A DGS 3 ? ? 2_555 0.00 
158  1 O4 B DGS 1 ? ? 1_555 O4 B DGS 5 ? ? 3_556 0.00 
159  1 O4 A G4S 2 ? ? 1_555 O4 A G4S 6 ? ? 3_556 0.00 
160  1 O4 B G4S 4 ? ? 1_555 O4 B G4S 6 ? ? 2_555 0.00 
161  1 O2 B DGS 3 ? ? 1_555 O2 B DGS 5 ? ? 2_555 0.00 
162  1 O2 A DGS 1 ? ? 1_555 O2 A DGS 5 ? ? 3_556 0.00 
163  1 C5 A DGS 3 ? ? 1_555 C5 A DGS 5 ? ? 2_555 0.00 
164  1 O8 A DGS 1 ? ? 1_555 O8 A DGS 5 ? ? 3_556 0.00 
165  1 O8 B DGS 3 ? ? 1_555 O8 B DGS 5 ? ? 2_555 0.00 
166  1 O8 B G4S 2 ? ? 1_555 O8 B G4S 6 ? ? 3_556 0.00 
167  1 O8 A G4S 2 ? ? 1_555 O8 A G4S 4 ? ? 2_555 0.00 
168  1 C2 B DGS 1 ? ? 1_555 C2 B DGS 3 ? ? 2_555 0.00 
169  1 C5 B DGS 3 ? ? 1_555 C5 B DGS 5 ? ? 2_555 0.00 
170  1 C6 B DGS 1 ? ? 1_555 C6 B DGS 3 ? ? 2_555 0.00 
171  1 C6 A DGS 3 ? ? 1_555 C6 A DGS 5 ? ? 2_555 0.00 
172  1 C2 A DGS 3 ? ? 1_555 C2 A DGS 5 ? ? 2_555 0.00 
173  1 O5 B G4S 2 ? ? 1_555 O5 B G4S 6 ? ? 3_556 0.00 
174  1 O5 A G4S 2 ? ? 1_555 O5 A G4S 4 ? ? 2_555 0.00 
175  1 C2 A DGS 5 ? ? 1_555 C2 B DGS 3 ? ? 1_554 0.08 
176  1 C5 A DGS 5 ? ? 1_555 C5 B DGS 3 ? ? 1_554 0.08 
177  1 O3 A G4S 4 ? ? 1_555 O1 B DGS 1 ? ? 3_553 0.08 
178  1 O9 A DGS 5 ? ? 1_555 O9 B DGS 1 ? ? 3_553 0.08 
179  1 C1 A DGS 1 ? ? 1_555 C1 B DGS 3 ? ? 3_555 0.08 
180  1 C3 A DGS 3 ? ? 1_555 C3 B DGS 5 ? ? 3_555 0.08 
181  1 S  A DGS 5 ? ? 1_555 S  B DGS 1 ? ? 3_553 0.08 
182  1 O7 A DGS 3 ? ? 1_555 O7 B DGS 5 ? ? 3_555 0.08 
183  1 O2 A DGS 5 ? ? 1_555 O2 B DGS 1 ? ? 3_553 0.08 
184  1 C2 A DGS 1 ? ? 1_555 C2 B DGS 3 ? ? 3_555 0.08 
185  1 O2 A G4S 2 ? ? 1_555 O2 B G4S 4 ? ? 3_555 0.08 
186  1 S  A G4S 2 ? ? 1_555 S  B G4S 4 ? ? 3_555 0.08 
187  1 C2 A G4S 4 ? ? 1_555 C2 B G4S 6 ? ? 3_555 0.08 
188  1 O3 A DGS 3 ? ? 1_555 O3 B DGS 5 ? ? 3_555 0.08 
189  1 C6 A G4S 2 ? ? 1_555 C6 B G4S 4 ? ? 3_555 0.08 
190  1 O6 A G4S 4 ? ? 1_555 O6 B G4S 6 ? ? 3_555 0.08 
191  1 C4 A DGS 3 ? ? 1_555 C4 B DGS 5 ? ? 3_555 0.08 
192  1 O4 A DGS 1 ? ? 1_555 O4 B DGS 3 ? ? 3_555 0.08 
193  1 C5 A DGS 5 ? ? 1_555 C5 B DGS 1 ? ? 3_553 0.08 
194  1 O4 A G4S 2 ? ? 1_555 O4 B G4S 4 ? ? 3_555 0.08 
195  1 C6 A DGS 5 ? ? 1_555 C6 B DGS 1 ? ? 3_553 0.08 
196  1 O8 A DGS 1 ? ? 1_555 O8 B DGS 3 ? ? 3_555 0.08 
197  1 O8 A G4S 4 ? ? 1_555 O8 B G4S 6 ? ? 3_555 0.08 
198  1 C5 A DGS 1 ? ? 1_555 C5 B DGS 3 ? ? 3_555 0.08 
199  1 C2 A DGS 5 ? ? 1_555 C2 B DGS 1 ? ? 3_553 0.08 
200  1 O5 A G4S 4 ? ? 1_555 O5 B G4S 6 ? ? 3_555 0.08 
201  1 C6 A DGS 1 ? ? 1_555 C6 B DGS 1 ? ? 2_554 0.08 
202  1 C1 A DGS 1 ? ? 1_555 C1 B DGS 1 ? ? 2_554 0.08 
203  1 C1 A DGS 3 ? ? 1_555 C1 B DGS 3 ? ? 2_554 0.08 
204  1 O8 A G4S 4 ? ? 1_555 O8 B G4S 4 ? ? 2_554 0.08 
205  1 O4 A G4S 4 ? ? 1_555 O4 B G4S 4 ? ? 2_554 0.08 
206  1 O4 A DGS 3 ? ? 1_555 O4 B DGS 3 ? ? 2_554 0.08 
207  1 O3 A G4S 4 ? ? 1_555 O3 B G4S 4 ? ? 2_554 0.08 
208  1 O1 A DGS 1 ? ? 1_555 O1 B DGS 1 ? ? 2_554 0.08 
209  1 O7 A DGS 5 ? ? 1_555 O7 B DGS 5 ? ? 2_554 0.08 
210  1 O7 A DGS 3 ? ? 1_555 O7 B DGS 3 ? ? 2_554 0.08 
211  1 O9 A DGS 1 ? ? 1_555 O9 B DGS 1 ? ? 2_554 0.08 
212  1 O9 A DGS 5 ? ? 1_555 O9 B DGS 5 ? ? 2_554 0.08 
213  1 C2 A DGS 5 ? ? 1_555 C2 B DGS 5 ? ? 2_554 0.08 
214  1 O6 A G4S 4 ? ? 1_555 O6 B G4S 4 ? ? 2_554 0.08 
215  1 C6 A G4S 2 ? ? 1_555 C6 B G4S 2 ? ? 2_554 0.08 
216  1 C2 A G4S 4 ? ? 1_555 C2 B G4S 4 ? ? 2_554 0.08 
217  1 O2 A G4S 4 ? ? 1_555 O2 B G4S 4 ? ? 2_554 0.08 
218  1 O2 A G4S 2 ? ? 1_555 O2 B G4S 2 ? ? 2_554 0.08 
219  1 C5 A G4S 4 ? ? 1_555 C5 B G4S 4 ? ? 2_554 0.08 
220  1 C3 A G4S 4 ? ? 1_555 C3 B G4S 4 ? ? 2_554 0.08 
221  1 O9 A G4S 4 ? ? 1_555 O9 B G4S 4 ? ? 2_554 0.08 
222  1 O2 A DGS 1 ? ? 1_555 O2 B DGS 1 ? ? 2_554 0.08 
223  1 S  A G4S 4 ? ? 1_555 S  B G4S 4 ? ? 2_554 0.08 
224  1 S  A G4S 2 ? ? 1_555 S  B G4S 2 ? ? 2_554 0.08 
225  1 O5 A G4S 6 ? ? 1_555 O5 B G4S 6 ? ? 2_554 0.08 
226  1 S  A DGS 1 ? ? 1_555 S  B DGS 1 ? ? 2_554 0.08 
227  1 C5 A DGS 1 ? ? 1_555 C5 B DGS 1 ? ? 2_554 0.08 
228  1 C4 A G4S 4 ? ? 1_555 C4 B G4S 4 ? ? 2_554 0.08 
229  1 O3 A DGS 3 ? ? 1_555 O3 B DGS 3 ? ? 2_554 0.08 
230  1 O3 A DGS 5 ? ? 1_555 O3 B DGS 5 ? ? 2_554 0.08 
231  1 O5 A G4S 4 ? ? 1_555 O5 B G4S 4 ? ? 2_554 0.08 
232  1 O7 A G4S 4 ? ? 1_555 O7 B G4S 4 ? ? 2_554 0.08 
233  1 S  A DGS 5 ? ? 1_555 S  B DGS 5 ? ? 2_554 0.08 
234  1 C2 A G4S 6 ? ? 1_555 C2 B G4S 6 ? ? 2_554 0.08 
235  1 C4 A DGS 5 ? ? 1_555 C4 B DGS 5 ? ? 2_554 0.08 
236  1 C4 A DGS 3 ? ? 1_555 C4 B DGS 3 ? ? 2_554 0.08 
237  1 O5 A DGS 3 ? ? 1_555 O5 B DGS 3 ? ? 2_554 0.08 
238  1 O8 A DGS 1 ? ? 1_555 O8 B DGS 1 ? ? 2_554 0.08 
239  1 C2 A DGS 1 ? ? 1_555 C2 B DGS 1 ? ? 2_554 0.08 
240  1 O6 A G4S 6 ? ? 1_555 O6 B G4S 6 ? ? 2_554 0.08 
241  1 O8 A DGS 3 ? ? 1_555 O8 B DGS 3 ? ? 2_554 0.08 
242  1 C1 A G4S 4 ? ? 1_555 C1 B G4S 4 ? ? 2_554 0.08 
243  1 O8 A G4S 6 ? ? 1_555 O8 B G4S 6 ? ? 2_554 0.08 
244  1 C3 A DGS 5 ? ? 1_555 C3 B DGS 5 ? ? 2_554 0.08 
245  1 O4 A G4S 2 ? ? 1_555 O4 B G4S 2 ? ? 2_554 0.08 
246  1 C3 A DGS 3 ? ? 1_555 C3 B DGS 3 ? ? 2_554 0.08 
247  1 C5 A DGS 3 ? ? 1_555 C5 B DGS 3 ? ? 2_554 0.08 
248  1 C6 A G4S 4 ? ? 1_555 C6 B G4S 4 ? ? 2_554 0.08 
249  1 C5 A DGS 5 ? ? 1_555 C5 B DGS 5 ? ? 2_554 0.08 
250  1 C6 A DGS 5 ? ? 1_555 C6 B DGS 5 ? ? 2_554 0.08 
251  1 O4 A DGS 1 ? ? 1_555 O4 B DGS 1 ? ? 2_554 0.08 
252  1 O2 A DGS 5 ? ? 1_555 O2 B DGS 5 ? ? 2_554 0.08 
253  1 C2 A DGS 3 ? ? 1_555 C2 B DGS 3 ? ? 2_554 0.08 
254  1 C5 A DGS 3 ? ? 1_555 C5 B DGS 1 ? ? 1_554 0.08 
255  1 O2 A DGS 3 ? ? 1_555 O2 B DGS 1 ? ? 1_554 0.08 
256  1 O3 A DGS 3 ? ? 1_555 O3 B DGS 1 ? ? 1_554 0.08 
257  1 O9 A DGS 3 ? ? 1_555 O9 B DGS 1 ? ? 1_554 0.08 
258  1 C1 A G4S 4 ? ? 1_555 C1 B G4S 2 ? ? 1_554 0.08 
259  1 C4 A G4S 4 ? ? 1_555 C4 B G4S 2 ? ? 1_554 0.08 
260  1 O7 A G4S 4 ? ? 1_555 O7 B G4S 2 ? ? 1_554 0.08 
261  1 O8 A G4S 4 ? ? 1_555 O8 B G4S 2 ? ? 1_554 0.08 
262  1 C6 A DGS 5 ? ? 1_555 C6 B DGS 3 ? ? 1_554 0.08 
263  1 O4 A DGS 5 ? ? 1_555 O4 B DGS 3 ? ? 1_554 0.08 
264  1 S  A DGS 5 ? ? 1_555 S  B DGS 3 ? ? 1_554 0.08 
265  1 C1 A G4S 6 ? ? 1_555 C1 B G4S 4 ? ? 1_554 0.08 
266  1 O5 A G4S 6 ? ? 1_555 O5 B G4S 4 ? ? 1_554 0.08 
267  1 O3 A G4S 2 ? ? 1_555 O1 B DGS 1 ? ? 1_554 0.08 
268  1 C2 A DGS 3 ? ? 1_555 C2 B DGS 1 ? ? 1_554 0.08 
269  1 C3 A DGS 3 ? ? 1_555 C3 B DGS 1 ? ? 1_554 0.08 
270  1 C6 A DGS 3 ? ? 1_555 C6 B DGS 1 ? ? 1_554 0.08 
271  1 O5 A DGS 3 ? ? 1_555 O5 B DGS 1 ? ? 1_554 0.08 
272  1 O8 A DGS 3 ? ? 1_555 O8 B DGS 1 ? ? 1_554 0.08 
273  1 C2 A G4S 4 ? ? 1_555 C2 B G4S 2 ? ? 1_554 0.08 
274  1 C5 A G4S 4 ? ? 1_555 C5 B G4S 2 ? ? 1_554 0.08 
275  1 C6 A G4S 4 ? ? 1_555 C6 B G4S 2 ? ? 1_554 0.08 
276  1 O3 A G4S 4 ? ? 1_555 O3 B G4S 2 ? ? 1_554 0.08 
277  1 O5 A G4S 4 ? ? 1_555 O5 B G4S 2 ? ? 1_554 0.08 
278  1 O6 A G4S 4 ? ? 1_555 O6 B G4S 2 ? ? 1_554 0.08 
279  1 C1 A DGS 5 ? ? 1_555 C1 B DGS 3 ? ? 1_554 0.08 
280  1 O9 A DGS 5 ? ? 1_555 O9 B DGS 3 ? ? 1_554 0.08 
281  1 O9 A G4S 6 ? ? 1_555 O9 B G4S 4 ? ? 1_554 0.08 
282  1 C4 A G4S 6 ? ? 1_555 C4 B G4S 4 ? ? 1_554 0.08 
283  1 S  A G4S 6 ? ? 1_555 S  B G4S 4 ? ? 1_554 0.08 
284  1 O5 A DGS 5 ? ? 1_555 O5 B DGS 3 ? ? 1_554 0.08 
285  1 C2 A G4S 6 ? ? 1_555 C2 B G4S 4 ? ? 1_554 0.08 
286  1 C6 A G4S 6 ? ? 1_555 C6 B G4S 4 ? ? 1_554 0.08 
287  1 O7 A G4S 6 ? ? 1_555 O7 B G4S 4 ? ? 1_554 0.08 
288  1 O2 A G4S 6 ? ? 1_555 O2 B G4S 4 ? ? 1_554 0.08 
289  1 C4 A DGS 3 ? ? 1_555 C4 B DGS 1 ? ? 1_554 0.08 
290  1 C3 A G4S 4 ? ? 1_555 C3 B G4S 2 ? ? 1_554 0.08 
291  1 O9 A G4S 4 ? ? 1_555 O9 B G4S 2 ? ? 1_554 0.08 
292  1 C3 A DGS 5 ? ? 1_555 C3 B DGS 3 ? ? 1_554 0.08 
293  1 C4 A DGS 5 ? ? 1_555 C4 B DGS 3 ? ? 1_554 0.08 
294  1 O3 A DGS 5 ? ? 1_555 O3 B DGS 3 ? ? 1_554 0.08 
295  1 O8 A DGS 5 ? ? 1_555 O8 B DGS 3 ? ? 1_554 0.08 
296  1 C3 A G4S 6 ? ? 1_555 C3 B G4S 4 ? ? 1_554 0.08 
297  1 C5 A G4S 6 ? ? 1_555 C5 B G4S 4 ? ? 1_554 0.08 
298  1 O6 A G4S 6 ? ? 1_555 O6 B G4S 4 ? ? 1_554 0.08 
299  1 O8 A G4S 6 ? ? 1_555 O8 B G4S 4 ? ? 1_554 0.08 
300  1 O4 A G4S 6 ? ? 1_555 O4 B G4S 4 ? ? 1_554 0.08 
301  1 O7 A DGS 5 ? ? 1_555 O7 B DGS 3 ? ? 1_554 0.08 
302  1 C1 A DGS 3 ? ? 1_555 C1 B DGS 1 ? ? 1_554 0.08 
303  1 O4 A DGS 3 ? ? 1_555 O4 B DGS 1 ? ? 1_554 0.08 
304  1 O7 A DGS 3 ? ? 1_555 O7 B DGS 1 ? ? 1_554 0.08 
305  1 S  A DGS 3 ? ? 1_555 S  B DGS 1 ? ? 1_554 0.08 
306  1 O2 A G4S 4 ? ? 1_555 O2 B G4S 2 ? ? 1_554 0.08 
307  1 O4 A G4S 4 ? ? 1_555 O4 B G4S 2 ? ? 1_554 0.08 
308  1 O2 A DGS 5 ? ? 1_555 O2 B DGS 3 ? ? 1_554 0.08 
309  1 S  A G4S 4 ? ? 1_555 S  B G4S 2 ? ? 1_554 0.08 
310  1 O9 A DGS 1 ? ? 1_555 O9 B DGS 5 ? ? 1_556 0.08 
311  1 C2 A DGS 1 ? ? 1_555 C2 B DGS 5 ? ? 1_556 0.08 
312  1 C3 A DGS 1 ? ? 1_555 C3 B DGS 5 ? ? 1_556 0.08 
313  1 C5 A DGS 1 ? ? 1_555 C5 B DGS 5 ? ? 1_556 0.08 
314  1 C6 A DGS 1 ? ? 1_555 C6 B DGS 5 ? ? 1_556 0.08 
315  1 O8 A DGS 1 ? ? 1_555 O8 B DGS 5 ? ? 1_556 0.08 
316  1 C1 A DGS 1 ? ? 1_555 C1 B DGS 5 ? ? 1_556 0.08 
317  1 O2 A DGS 1 ? ? 1_555 O2 B DGS 5 ? ? 1_556 0.08 
318  1 S  A DGS 1 ? ? 1_555 S  B DGS 5 ? ? 1_556 0.08 
319  1 C6 A G4S 2 ? ? 1_555 C6 B G4S 6 ? ? 1_556 0.08 
320  1 O8 A G4S 2 ? ? 1_555 O8 B G4S 6 ? ? 1_556 0.08 
321  1 C4 A DGS 1 ? ? 1_555 C4 B DGS 5 ? ? 1_556 0.08 
322  1 O3 A DGS 1 ? ? 1_555 O3 B DGS 5 ? ? 1_556 0.08 
323  1 O7 A DGS 1 ? ? 1_555 O7 B DGS 5 ? ? 1_556 0.08 
324  1 O5 A G4S 2 ? ? 1_555 O5 B G4S 6 ? ? 1_556 0.08 
325  1 S  A G4S 2 ? ? 1_555 S  B G4S 6 ? ? 1_556 0.08 
326  1 C2 A G4S 2 ? ? 1_555 C2 B G4S 6 ? ? 1_556 0.08 
327  1 O2 A G4S 2 ? ? 1_555 O2 B G4S 6 ? ? 1_556 0.08 
328  1 O4 A G4S 2 ? ? 1_555 O4 B G4S 6 ? ? 1_556 0.08 
329  1 O1 A DGS 1 ? ? 1_555 O3 B G4S 4 ? ? 1_556 0.08 
330  1 O4 A DGS 1 ? ? 1_555 O4 B DGS 5 ? ? 1_556 0.08 
331  1 O6 A G4S 2 ? ? 1_555 O6 B G4S 6 ? ? 1_556 0.08 
332  1 C1 A DGS 5 ? ? 1_555 C1 B DGS 1 ? ? 3_553 0.08 
333  1 O8 A G4S 6 ? ? 1_555 O8 B G4S 2 ? ? 3_553 0.08 
334  1 O4 A G4S 6 ? ? 1_555 O4 B G4S 2 ? ? 3_553 0.08 
335  1 O4 A DGS 5 ? ? 1_555 O4 B DGS 1 ? ? 3_553 0.08 
336  1 O7 A DGS 5 ? ? 1_555 O7 B DGS 1 ? ? 3_553 0.08 
337  1 O6 A G4S 6 ? ? 1_555 O6 B G4S 2 ? ? 3_553 0.08 
338  1 C6 A DGS 3 ? ? 1_555 C6 B DGS 5 ? ? 3_555 0.08 
339  1 C1 A DGS 3 ? ? 1_555 C1 B DGS 5 ? ? 3_555 0.08 
340  1 C2 A G4S 6 ? ? 1_555 C2 B G4S 2 ? ? 3_553 0.08 
341  1 O2 A G4S 6 ? ? 1_555 O2 B G4S 2 ? ? 3_553 0.08 
342  1 O3 A G4S 2 ? ? 1_555 O3 B G4S 4 ? ? 3_555 0.08 
343  1 O1 A DGS 1 ? ? 1_555 O3 B G4S 2 ? ? 3_555 0.08 
344  1 C5 A G4S 6 ? ? 1_555 C5 B G4S 2 ? ? 3_553 0.08 
345  1 O7 A DGS 1 ? ? 1_555 O7 B DGS 3 ? ? 3_555 0.08 
346  1 O9 A DGS 1 ? ? 1_555 O9 B DGS 3 ? ? 3_555 0.08 
347  1 O9 A DGS 3 ? ? 1_555 O9 B DGS 5 ? ? 3_555 0.08 
348  1 C1 A G4S 2 ? ? 1_555 C1 B G4S 4 ? ? 3_555 0.08 
349  1 C3 A G4S 6 ? ? 1_555 C3 B G4S 2 ? ? 3_553 0.08 
350  1 C6 A G4S 4 ? ? 1_555 C6 B G4S 6 ? ? 3_555 0.08 
351  1 O9 A G4S 6 ? ? 1_555 O9 B G4S 2 ? ? 3_553 0.08 
352  1 S  A G4S 6 ? ? 1_555 S  B G4S 2 ? ? 3_553 0.08 
353  1 O5 A DGS 1 ? ? 1_555 O5 B DGS 3 ? ? 3_555 0.08 
354  1 O2 A G4S 4 ? ? 1_555 O2 B G4S 6 ? ? 3_555 0.08 
355  1 O7 A G4S 4 ? ? 1_555 O7 B G4S 6 ? ? 3_555 0.08 
356  1 C4 A G4S 6 ? ? 1_555 C4 B G4S 2 ? ? 3_553 0.08 
357  1 C5 A G4S 4 ? ? 1_555 C5 B G4S 6 ? ? 3_555 0.08 
358  1 C5 A G4S 2 ? ? 1_555 C5 B G4S 4 ? ? 3_555 0.08 
359  1 O3 A DGS 5 ? ? 1_555 O3 B DGS 1 ? ? 3_553 0.08 
360  1 O5 A G4S 6 ? ? 1_555 O5 B G4S 2 ? ? 3_553 0.08 
361  1 O9 A G4S 4 ? ? 1_555 O9 B G4S 6 ? ? 3_555 0.08 
362  1 C3 A G4S 4 ? ? 1_555 C3 B G4S 6 ? ? 3_555 0.08 
363  1 C3 A G4S 2 ? ? 1_555 C3 B G4S 4 ? ? 3_555 0.08 
364  1 O7 A G4S 6 ? ? 1_555 O7 B G4S 2 ? ? 3_553 0.08 
365  1 O2 A DGS 3 ? ? 1_555 O2 B DGS 5 ? ? 3_555 0.08 
366  1 S  A G4S 4 ? ? 1_555 S  B G4S 6 ? ? 3_555 0.08 
367  1 O5 A G4S 2 ? ? 1_555 O5 B G4S 4 ? ? 3_555 0.08 
368  1 O7 A G4S 2 ? ? 1_555 O7 B G4S 4 ? ? 3_555 0.08 
369  1 S  A DGS 3 ? ? 1_555 S  B DGS 5 ? ? 3_555 0.08 
370  1 C4 A DGS 5 ? ? 1_555 C4 B DGS 1 ? ? 3_553 0.08 
371  1 O5 A DGS 5 ? ? 1_555 O5 B DGS 1 ? ? 3_553 0.08 
372  1 C5 A DGS 3 ? ? 1_555 C5 B DGS 5 ? ? 3_555 0.08 
373  1 O5 A DGS 3 ? ? 1_555 O5 B DGS 5 ? ? 3_555 0.08 
374  1 C4 A G4S 2 ? ? 1_555 C4 B G4S 4 ? ? 3_555 0.08 
375  1 C4 A G4S 4 ? ? 1_555 C4 B G4S 6 ? ? 3_555 0.08 
376  1 O3 A DGS 1 ? ? 1_555 O3 B DGS 3 ? ? 3_555 0.08 
377  1 O8 A DGS 5 ? ? 1_555 O8 B DGS 1 ? ? 3_553 0.08 
378  1 C1 A G4S 4 ? ? 1_555 C1 B G4S 6 ? ? 3_555 0.08 
379  1 S  A DGS 1 ? ? 1_555 S  B DGS 3 ? ? 3_555 0.08 
380  1 C1 A G4S 6 ? ? 1_555 C1 B G4S 2 ? ? 3_553 0.08 
381  1 C2 A G4S 2 ? ? 1_555 C2 B G4S 4 ? ? 3_555 0.08 
382  1 C4 A DGS 1 ? ? 1_555 C4 B DGS 3 ? ? 3_555 0.08 
383  1 O9 A G4S 2 ? ? 1_555 O9 B G4S 4 ? ? 3_555 0.08 
384  1 O8 A DGS 3 ? ? 1_555 O8 B DGS 5 ? ? 3_555 0.08 
385  1 C2 A DGS 3 ? ? 1_555 C2 B DGS 5 ? ? 3_555 0.08 
386  1 O6 A G4S 2 ? ? 1_555 O6 B G4S 4 ? ? 3_555 0.08 
387  1 C3 A DGS 5 ? ? 1_555 C3 B DGS 1 ? ? 3_553 0.08 
388  1 C6 A G4S 6 ? ? 1_555 C6 B G4S 2 ? ? 3_553 0.08 
389  1 O8 A G4S 2 ? ? 1_555 O8 B G4S 4 ? ? 3_555 0.08 
390  1 C3 A DGS 1 ? ? 1_555 C3 B DGS 3 ? ? 3_555 0.08 
391  1 O4 A G4S 4 ? ? 1_555 O4 B G4S 6 ? ? 3_555 0.08 
392  1 C6 A DGS 1 ? ? 1_555 C6 B DGS 3 ? ? 3_555 0.08 
393  1 O4 A DGS 3 ? ? 1_555 O4 B DGS 5 ? ? 3_555 0.08 
394  1 O2 A DGS 1 ? ? 1_555 O2 B DGS 3 ? ? 3_555 0.08 
395  1 C1 A DGS 5 ? ? 1_555 C1 B DGS 5 ? ? 2_554 0.08 
396  1 C3 A DGS 1 ? ? 1_555 C3 B DGS 1 ? ? 2_554 0.08 
397  1 O3 A G4S 2 ? ? 1_555 O3 B G4S 2 ? ? 2_554 0.08 
398  1 O7 A DGS 1 ? ? 1_555 O7 B DGS 1 ? ? 2_554 0.08 
399  1 O9 A DGS 3 ? ? 1_555 O9 B DGS 3 ? ? 2_554 0.08 
400  1 C1 A G4S 6 ? ? 1_555 C1 B G4S 6 ? ? 2_554 0.08 
401  1 O5 A DGS 5 ? ? 1_555 O5 B DGS 5 ? ? 2_554 0.08 
402  1 S  A DGS 3 ? ? 1_555 S  B DGS 3 ? ? 2_554 0.08 
403  1 O2 A G4S 6 ? ? 1_555 O2 B G4S 6 ? ? 2_554 0.08 
404  1 O7 A G4S 2 ? ? 1_555 O7 B G4S 2 ? ? 2_554 0.08 
405  1 C5 A G4S 6 ? ? 1_555 C5 B G4S 6 ? ? 2_554 0.08 
406  1 C5 A G4S 2 ? ? 1_555 C5 B G4S 2 ? ? 2_554 0.08 
407  1 O2 A DGS 3 ? ? 1_555 O2 B DGS 3 ? ? 2_554 0.08 
408  1 O9 A G4S 2 ? ? 1_555 O9 B G4S 2 ? ? 2_554 0.08 
409  1 C3 A G4S 2 ? ? 1_555 C3 B G4S 2 ? ? 2_554 0.08 
410  1 C3 A G4S 6 ? ? 1_555 C3 B G4S 6 ? ? 2_554 0.08 
411  1 S  A G4S 6 ? ? 1_555 S  B G4S 6 ? ? 2_554 0.08 
412  1 O7 A G4S 6 ? ? 1_555 O7 B G4S 6 ? ? 2_554 0.08 
413  1 C2 A G4S 2 ? ? 1_555 C2 B G4S 2 ? ? 2_554 0.08 
414  1 O5 A DGS 1 ? ? 1_555 O5 B DGS 1 ? ? 2_554 0.08 
415  1 C4 A G4S 2 ? ? 1_555 C4 B G4S 2 ? ? 2_554 0.08 
416  1 C4 A G4S 6 ? ? 1_555 C4 B G4S 6 ? ? 2_554 0.08 
417  1 O3 A DGS 1 ? ? 1_555 O3 B DGS 1 ? ? 2_554 0.08 
418  1 C6 A G4S 6 ? ? 1_555 C6 B G4S 6 ? ? 2_554 0.08 
419  1 O6 A G4S 2 ? ? 1_555 O6 B G4S 2 ? ? 2_554 0.08 
420  1 C1 A G4S 2 ? ? 1_555 C1 B G4S 2 ? ? 2_554 0.08 
421  1 C4 A DGS 1 ? ? 1_555 C4 B DGS 1 ? ? 2_554 0.08 
422  1 O9 A G4S 6 ? ? 1_555 O9 B G4S 6 ? ? 2_554 0.08 
423  1 O4 A DGS 5 ? ? 1_555 O4 B DGS 5 ? ? 2_554 0.08 
424  1 O4 A G4S 6 ? ? 1_555 O4 B G4S 6 ? ? 2_554 0.08 
425  1 O8 A DGS 5 ? ? 1_555 O8 B DGS 5 ? ? 2_554 0.08 
426  1 O8 A G4S 2 ? ? 1_555 O8 B G4S 2 ? ? 2_554 0.08 
427  1 C6 A DGS 3 ? ? 1_555 C6 B DGS 3 ? ? 2_554 0.08 
428  1 O5 A G4S 2 ? ? 1_555 O5 B G4S 2 ? ? 2_554 0.08 
429  1 O5 A DGS 1 ? ? 1_555 O5 B DGS 5 ? ? 1_556 0.08 
430  1 C1 A G4S 2 ? ? 1_555 C1 B G4S 6 ? ? 1_556 0.08 
431  1 C3 A G4S 2 ? ? 1_555 C3 B G4S 6 ? ? 1_556 0.08 
432  1 C4 A G4S 2 ? ? 1_555 C4 B G4S 6 ? ? 1_556 0.08 
433  1 O9 A G4S 2 ? ? 1_555 O9 B G4S 6 ? ? 1_556 0.08 
434  1 C5 A G4S 2 ? ? 1_555 C5 B G4S 6 ? ? 1_556 0.08 
435  1 O7 A G4S 2 ? ? 1_555 O7 B G4S 6 ? ? 1_556 0.08 
436  1 C5 A G4S 4 ? ? 1_555 C1 A DGS 5 ? ? 4_556 0.39 
437  1 C1 A DGS 5 ? ? 1_555 C5 A G4S 6 ? ? 5_555 0.39 
438  1 C1 A DGS 1 ? ? 1_555 C5 A G4S 4 ? ? 5_557 0.39 
439  1 C1 A DGS 3 ? ? 1_555 C5 A G4S 4 ? ? 6_557 0.39 
440  1 C1 A DGS 1 ? ? 1_555 C5 A G4S 6 ? ? 6_557 0.39 
441  1 C1 A DGS 3 ? ? 1_555 C5 A G4S 6 ? ? 4_556 0.39 
442  1 C5 A G4S 2 ? ? 1_555 C1 A DGS 5 ? ? 6_557 0.39 
443  1 C1 A DGS 1 ? ? 1_555 C5 A G4S 2 ? ? 4_558 0.39 
444  1 C5 A G4S 2 ? ? 1_555 C1 A DGS 3 ? ? 5_557 0.39 
445  1 C5 A G4S 6 ? ? 1_555 C1 B DGS 3 ? ? 5_556 0.41 
446  1 C1 A DGS 5 ? ? 1_555 C5 B G4S 4 ? ? 5_556 0.41 
447  1 C5 A G4S 4 ? ? 1_555 C1 B DGS 3 ? ? 4_557 0.41 
448  1 C1 A DGS 5 ? ? 1_555 C5 B G4S 2 ? ? 4_557 0.41 
449  1 C1 A DGS 3 ? ? 1_555 C5 B G4S 4 ? ? 4_557 0.41 
450  1 C5 A G4S 6 ? ? 1_555 C1 B DGS 1 ? ? 4_557 0.41 
451  1 C5 A G4S 2 ? ? 1_555 C1 B DGS 3 ? ? 6_558 0.42 
452  1 C1 A DGS 3 ? ? 1_555 C5 B G4S 2 ? ? 6_558 0.42 
453  1 C5 A G4S 4 ? ? 1_555 C1 B DGS 1 ? ? 6_558 0.42 
454  1 C1 A DGS 1 ? ? 1_555 C5 B G4S 4 ? ? 6_558 0.42 
455  1 C5 A G4S 6 ? ? 1_555 C1 B DGS 5 ? ? 6_556 0.42 
456  1 C1 A DGS 1 ? ? 1_555 C5 B G4S 2 ? ? 5_558 0.42 
457  1 C5 A G4S 4 ? ? 1_555 C1 B DGS 5 ? ? 5_556 0.42 
458  1 C5 A G4S 2 ? ? 1_555 C1 B DGS 1 ? ? 5_558 0.42 
459  1 C5 A G4S 2 ? ? 1_555 C1 B DGS 5 ? ? 4_557 0.42 
460  1 C1 A DGS 5 ? ? 1_555 C5 B G4S 6 ? ? 6_556 0.42 
461  1 C1 A DGS 3 ? ? 1_555 C5 B G4S 6 ? ? 5_556 0.42 
462  1 C1 A DGS 1 ? ? 1_555 C5 B G4S 6 ? ? 4_557 0.42 
463  1 C1 B DGS 3 ? ? 1_555 C5 B G4S 4 ? ? 5_557 0.45 
464  1 C5 B G4S 2 ? ? 1_555 C1 B DGS 3 ? ? 4_558 0.45 
465  1 C1 B DGS 1 ? ? 1_555 C5 B G4S 4 ? ? 4_558 0.45 
466  1 C1 B DGS 1 ? ? 1_555 C5 B G4S 2 ? ? 6_559 0.45 
467  1 C5 B G4S 4 ? ? 1_555 C1 B DGS 5 ? ? 6_557 0.45 
468  1 C5 B G4S 2 ? ? 1_555 C1 B DGS 5 ? ? 5_557 0.45 
469  1 C1 B DGS 3 ? ? 1_555 C5 B G4S 6 ? ? 6_557 0.45 
470  1 C1 B DGS 1 ? ? 1_555 C5 B G4S 6 ? ? 5_557 0.45 
471  1 C1 B DGS 5 ? ? 1_555 C5 B G4S 6 ? ? 4_556 0.45 
472  1 C1 A G4S 4 ? ? 1_555 O5 A DGS 5 ? ? 4_556 0.81 
473  1 O5 A DGS 1 ? ? 1_555 C1 A G4S 4 ? ? 5_557 0.81 
474  1 C1 A G4S 2 ? ? 1_555 O5 A DGS 5 ? ? 6_557 0.81 
475  1 O5 A DGS 1 ? ? 1_555 C1 A G4S 2 ? ? 4_558 0.81 
476  1 O5 A DGS 5 ? ? 1_555 C1 A G4S 6 ? ? 5_555 0.81 
477  1 O5 A DGS 1 ? ? 1_555 C1 A G4S 6 ? ? 6_557 0.81 
478  1 O5 A DGS 3 ? ? 1_555 C1 A G4S 4 ? ? 6_557 0.81 
479  1 C1 A G4S 2 ? ? 1_555 O5 A DGS 3 ? ? 5_557 0.81 
480  1 O5 A DGS 3 ? ? 1_555 C1 A G4S 6 ? ? 4_556 0.81 
481  1 O5 A DGS 5 ? ? 1_555 C1 B G4S 2 ? ? 4_557 0.86 
482  1 C1 A G4S 4 ? ? 1_555 O5 B DGS 3 ? ? 4_557 0.86 
483  1 O5 A DGS 1 ? ? 1_555 C1 B G4S 2 ? ? 5_558 0.86 
484  1 C1 A G4S 2 ? ? 1_555 O5 B DGS 3 ? ? 6_558 0.86 
485  1 O5 A DGS 5 ? ? 1_555 C1 B G4S 4 ? ? 5_556 0.86 
486  1 C1 A G4S 6 ? ? 1_555 O5 B DGS 3 ? ? 5_556 0.86 
487  1 O5 A DGS 1 ? ? 1_555 C1 B G4S 4 ? ? 6_558 0.86 
488  1 C1 A G4S 4 ? ? 1_555 O5 B DGS 5 ? ? 5_556 0.86 
489  1 O5 A DGS 3 ? ? 1_555 C1 B G4S 2 ? ? 6_558 0.86 
490  1 C1 A G4S 4 ? ? 1_555 O5 B DGS 1 ? ? 6_558 0.86 
491  1 O5 A DGS 5 ? ? 1_555 C1 B G4S 6 ? ? 6_556 0.86 
492  1 C1 A G4S 2 ? ? 1_555 O5 B DGS 5 ? ? 4_557 0.86 
493  1 O5 A DGS 1 ? ? 1_555 C1 B G4S 6 ? ? 4_557 0.86 
494  1 C1 A G4S 2 ? ? 1_555 O5 B DGS 1 ? ? 5_558 0.86 
495  1 C1 A G4S 6 ? ? 1_555 O5 B DGS 5 ? ? 6_556 0.86 
496  1 O5 A DGS 3 ? ? 1_555 C1 B G4S 4 ? ? 4_557 0.86 
497  1 C1 A G4S 6 ? ? 1_555 O5 B DGS 1 ? ? 4_557 0.86 
498  1 O5 A DGS 3 ? ? 1_555 C1 B G4S 6 ? ? 5_556 0.86 
499  1 O5 B G4S 2 ? ? 1_555 O5 B DGS 5 ? ? 5_557 0.90 
500  1 O5 B G4S 2 ? ? 1_555 O5 B DGS 3 ? ? 4_558 0.90 
501  1 O5 B DGS 1 ? ? 1_555 O5 B G4S 2 ? ? 6_559 0.90 
502  1 O5 B G4S 4 ? ? 1_555 O5 B DGS 5 ? ? 6_557 0.90 
503  1 O5 B DGS 5 ? ? 1_555 O5 B G4S 6 ? ? 4_556 0.91 
504  1 O5 B DGS 3 ? ? 1_555 O5 B G4S 4 ? ? 5_557 0.91 
505  1 O5 B DGS 1 ? ? 1_555 O5 B G4S 4 ? ? 4_558 0.91 
506  1 O5 B DGS 3 ? ? 1_555 O5 B G4S 6 ? ? 6_557 0.91 
507  1 O5 B DGS 1 ? ? 1_555 O5 B G4S 6 ? ? 5_557 0.91 
508  1 O5 A G4S 4 ? ? 1_555 O5 B DGS 5 ? ? 5_556 0.91 
509  1 O5 A DGS 1 ? ? 1_555 O5 B G4S 2 ? ? 5_558 0.91 
510  1 O5 A G4S 4 ? ? 1_555 O5 B DGS 1 ? ? 6_558 0.91 
511  1 O5 A DGS 3 ? ? 1_555 O5 B G4S 2 ? ? 6_558 0.91 
512  1 O5 A DGS 5 ? ? 1_555 O5 B G4S 2 ? ? 4_557 0.91 
513  1 O5 A G4S 4 ? ? 1_555 O5 B DGS 3 ? ? 4_557 0.91 
514  1 O5 A G4S 6 ? ? 1_555 O5 B DGS 5 ? ? 6_556 0.91 
515  1 O5 A DGS 1 ? ? 1_555 O5 B G4S 4 ? ? 6_558 0.91 
516  1 O5 A G4S 2 ? ? 1_555 O5 B DGS 5 ? ? 4_557 0.91 
517  1 O5 A DGS 3 ? ? 1_555 O5 B G4S 4 ? ? 4_557 0.91 
518  1 O5 A G4S 6 ? ? 1_555 O5 B DGS 1 ? ? 4_557 0.91 
519  1 O5 A DGS 1 ? ? 1_555 O5 B G4S 6 ? ? 4_557 0.91 
520  1 O5 A G4S 6 ? ? 1_555 O5 B DGS 3 ? ? 5_556 0.91 
521  1 O5 A DGS 5 ? ? 1_555 O5 B G4S 4 ? ? 5_556 0.91 
522  1 O5 A DGS 3 ? ? 1_555 O5 B G4S 6 ? ? 5_556 0.91 
523  1 O5 A G4S 2 ? ? 1_555 O5 B DGS 1 ? ? 5_558 0.91 
524  1 O5 A DGS 5 ? ? 1_555 O5 B G4S 6 ? ? 6_556 0.91 
525  1 O5 A G4S 2 ? ? 1_555 O5 B DGS 3 ? ? 6_558 0.91 
526  1 C1 B G4S 2 ? ? 1_555 O5 B DGS 3 ? ? 4_558 0.91 
527  1 O5 B DGS 3 ? ? 1_555 C1 B G4S 4 ? ? 5_557 0.91 
528  1 C1 B G4S 2 ? ? 1_555 O5 B DGS 5 ? ? 5_557 0.91 
529  1 O5 B DGS 1 ? ? 1_555 C1 B G4S 2 ? ? 6_559 0.91 
530  1 O5 B DGS 3 ? ? 1_555 C1 B G4S 6 ? ? 6_557 0.91 
531  1 C1 B G4S 4 ? ? 1_555 O5 B DGS 5 ? ? 6_557 0.91 
532  1 O5 B DGS 1 ? ? 1_555 C1 B G4S 4 ? ? 4_558 0.91 
533  1 O5 B DGS 5 ? ? 1_555 C1 B G4S 6 ? ? 4_556 0.91 
534  1 O5 B DGS 1 ? ? 1_555 C1 B G4S 6 ? ? 5_557 0.91 
535  1 O5 A DGS 1 ? ? 1_555 O5 A G4S 4 ? ? 5_557 0.92 
536  1 O5 A DGS 3 ? ? 1_555 O5 A G4S 4 ? ? 6_557 0.92 
537  1 O5 A G4S 4 ? ? 1_555 O5 A DGS 5 ? ? 4_556 0.92 
538  1 O5 A DGS 1 ? ? 1_555 O5 A G4S 6 ? ? 6_557 0.92 
539  1 O5 A DGS 3 ? ? 1_555 O5 A G4S 6 ? ? 4_556 0.92 
540  1 O5 A DGS 5 ? ? 1_555 O5 A G4S 6 ? ? 5_555 0.92 
541  1 O5 A DGS 1 ? ? 1_555 O5 A G4S 2 ? ? 4_558 0.92 
542  1 O5 A G4S 2 ? ? 1_555 O5 A DGS 3 ? ? 5_557 0.92 
543  1 O5 A G4S 2 ? ? 1_555 O5 A DGS 5 ? ? 6_557 0.92 
544  1 O9 B G4S 6 ? ? 1_555 O9 B G4S 6 ? ? 5_555 0.93 
545  1 O9 B G4S 2 ? ? 1_555 O9 B G4S 2 ? ? 4_558 0.93 
546  1 O9 B G4S 4 ? ? 1_555 O9 B G4S 4 ? ? 6_557 0.93 
547  1 O6 A G4S 4 ? ? 1_555 C3 A DGS 5 ? ? 4_556 0.99 
548  1 C3 A DGS 5 ? ? 1_555 O6 A G4S 6 ? ? 5_555 0.99 
549  1 O6 A G4S 2 ? ? 1_555 C3 A DGS 5 ? ? 6_557 1.00 
550  1 C3 A DGS 1 ? ? 1_555 O6 A G4S 4 ? ? 5_557 1.00 
551  1 C3 A DGS 1 ? ? 1_555 O6 A G4S 6 ? ? 6_557 1.00 
552  1 C3 A DGS 3 ? ? 1_555 O6 A G4S 4 ? ? 6_557 1.00 
553  1 C3 A DGS 3 ? ? 1_555 O6 A G4S 6 ? ? 4_556 1.00 
554  1 C3 A DGS 1 ? ? 1_555 O6 A G4S 2 ? ? 4_558 1.00 
555  1 O6 A G4S 2 ? ? 1_555 C3 A DGS 3 ? ? 5_557 1.00 
556  1 O6 A G4S 4 ? ? 1_555 C3 B DGS 3 ? ? 4_557 1.02 
557  1 C3 A DGS 5 ? ? 1_555 O6 B G4S 2 ? ? 4_557 1.02 
558  1 C3 A DGS 5 ? ? 1_555 O6 B G4S 4 ? ? 5_556 1.02 
559  1 O6 A G4S 6 ? ? 1_555 C3 B DGS 3 ? ? 5_556 1.02 
560  1 O6 A G4S 2 ? ? 1_555 C3 B DGS 3 ? ? 6_558 1.02 
561  1 C3 A DGS 5 ? ? 1_555 O6 B G4S 6 ? ? 6_556 1.02 
562  1 C3 A DGS 1 ? ? 1_555 O6 B G4S 2 ? ? 5_558 1.02 
563  1 O6 A G4S 4 ? ? 1_555 C3 B DGS 5 ? ? 5_556 1.02 
564  1 C3 A DGS 1 ? ? 1_555 O6 B G4S 4 ? ? 6_558 1.02 
565  1 O6 A G4S 6 ? ? 1_555 C3 B DGS 5 ? ? 6_556 1.02 
566  1 C3 A DGS 3 ? ? 1_555 O6 B G4S 2 ? ? 6_558 1.02 
567  1 O6 A G4S 4 ? ? 1_555 C3 B DGS 1 ? ? 6_558 1.02 
568  1 C3 A DGS 3 ? ? 1_555 O6 B G4S 4 ? ? 4_557 1.02 
569  1 O6 A G4S 6 ? ? 1_555 C3 B DGS 1 ? ? 4_557 1.02 
570  1 O6 A G4S 2 ? ? 1_555 C3 B DGS 5 ? ? 4_557 1.02 
571  1 C3 A DGS 1 ? ? 1_555 O6 B G4S 6 ? ? 4_557 1.02 
572  1 O6 A G4S 2 ? ? 1_555 C3 B DGS 1 ? ? 5_558 1.02 
573  1 C3 A DGS 3 ? ? 1_555 O6 B G4S 6 ? ? 5_556 1.02 
574  1 O6 B G4S 2 ? ? 1_555 C3 B DGS 3 ? ? 4_558 1.05 
575  1 C3 B DGS 3 ? ? 1_555 O6 B G4S 4 ? ? 5_557 1.05 
576  1 C3 B DGS 3 ? ? 1_555 O6 B G4S 6 ? ? 6_557 1.05 
577  1 O6 B G4S 2 ? ? 1_555 C3 B DGS 5 ? ? 5_557 1.05 
578  1 O6 B G4S 4 ? ? 1_555 C3 B DGS 5 ? ? 6_557 1.05 
579  1 C3 B DGS 5 ? ? 1_555 O6 B G4S 6 ? ? 4_556 1.05 
580  1 C3 B DGS 1 ? ? 1_555 O6 B G4S 2 ? ? 6_559 1.05 
581  1 C3 B DGS 1 ? ? 1_555 O6 B G4S 4 ? ? 4_558 1.05 
582  1 C3 B DGS 1 ? ? 1_555 O6 B G4S 6 ? ? 5_557 1.05 
583  1 C3 A G4S 6 ? ? 1_555 C3 A G4S 6 ? ? 6_555 1.07 
584  1 C3 A G4S 4 ? ? 1_555 C3 A G4S 4 ? ? 4_556 1.07 
585  1 C3 A G4S 2 ? ? 1_555 C3 A G4S 2 ? ? 5_557 1.07 
586  1 O6 B G4S 2 ? ? 1_555 C2 B DGS 5 ? ? 5_557 1.08 
587  1 O6 B G4S 4 ? ? 1_555 C2 B DGS 5 ? ? 6_557 1.08 
588  1 C2 B DGS 1 ? ? 1_555 O6 B G4S 2 ? ? 6_559 1.08 
589  1 C2 B DGS 1 ? ? 1_555 O6 B G4S 4 ? ? 4_558 1.08 
590  1 O6 B G4S 2 ? ? 1_555 C2 B DGS 3 ? ? 4_558 1.08 
591  1 C2 B DGS 3 ? ? 1_555 O6 B G4S 4 ? ? 5_557 1.08 
592  1 C2 B DGS 5 ? ? 1_555 O6 B G4S 6 ? ? 4_556 1.08 
593  1 C2 B DGS 1 ? ? 1_555 O6 B G4S 6 ? ? 5_557 1.08 
594  1 C2 B DGS 3 ? ? 1_555 O6 B G4S 6 ? ? 6_557 1.08 
595  1 O9 A G4S 4 ? ? 1_555 O9 A G4S 4 ? ? 4_556 1.09 
596  1 O9 A G4S 6 ? ? 1_555 O9 A G4S 6 ? ? 6_555 1.09 
597  1 O9 A G4S 2 ? ? 1_555 O9 A G4S 2 ? ? 5_557 1.09 
598  1 C3 B G4S 4 ? ? 1_555 C3 B G4S 4 ? ? 6_557 1.10 
599  1 C3 B G4S 2 ? ? 1_555 C3 B G4S 2 ? ? 4_558 1.10 
600  1 C3 B G4S 6 ? ? 1_555 C3 B G4S 6 ? ? 5_555 1.10 
601  1 C2 A DGS 5 ? ? 1_555 O6 B G4S 2 ? ? 4_557 1.14 
602  1 C2 A DGS 5 ? ? 1_555 O6 B G4S 4 ? ? 5_556 1.14 
603  1 O6 A G4S 4 ? ? 1_555 C2 B DGS 5 ? ? 5_556 1.14 
604  1 C2 A DGS 1 ? ? 1_555 O6 B G4S 2 ? ? 5_558 1.14 
605  1 O6 A G4S 6 ? ? 1_555 C2 B DGS 5 ? ? 6_556 1.14 
606  1 C2 A DGS 1 ? ? 1_555 O6 B G4S 4 ? ? 6_558 1.14 
607  1 O6 A G4S 4 ? ? 1_555 C2 B DGS 1 ? ? 6_558 1.14 
608  1 C2 A DGS 3 ? ? 1_555 O6 B G4S 2 ? ? 6_558 1.14 
609  1 C2 A DGS 3 ? ? 1_555 O6 B G4S 4 ? ? 4_557 1.14 
610  1 O6 A G4S 6 ? ? 1_555 C2 B DGS 1 ? ? 4_557 1.14 
611  1 O6 A G4S 4 ? ? 1_555 C2 B DGS 3 ? ? 4_557 1.14 
612  1 O6 A G4S 6 ? ? 1_555 C2 B DGS 3 ? ? 5_556 1.14 
613  1 C2 A DGS 5 ? ? 1_555 O6 B G4S 6 ? ? 6_556 1.14 
614  1 C2 A DGS 1 ? ? 1_555 O6 B G4S 6 ? ? 4_557 1.14 
615  1 O6 A G4S 2 ? ? 1_555 C2 B DGS 5 ? ? 4_557 1.14 
616  1 C2 A DGS 3 ? ? 1_555 O6 B G4S 6 ? ? 5_556 1.14 
617  1 O6 A G4S 2 ? ? 1_555 C2 B DGS 1 ? ? 5_558 1.14 
618  1 O6 A G4S 2 ? ? 1_555 C2 B DGS 3 ? ? 6_558 1.14 
619  1 C1 B DGS 5 ? ? 1_555 O5 B G4S 6 ? ? 4_556 1.18 
620  1 C1 B DGS 1 ? ? 1_555 O5 B G4S 6 ? ? 5_557 1.18 
621  1 C1 B DGS 3 ? ? 1_555 O5 B G4S 6 ? ? 6_557 1.18 
622  1 O5 B G4S 4 ? ? 1_555 C1 B DGS 5 ? ? 6_557 1.18 
623  1 C1 B DGS 1 ? ? 1_555 O5 B G4S 4 ? ? 4_558 1.18 
624  1 C1 B DGS 3 ? ? 1_555 O5 B G4S 4 ? ? 5_557 1.18 
625  1 O5 B G4S 2 ? ? 1_555 C1 B DGS 5 ? ? 5_557 1.18 
626  1 C1 B DGS 1 ? ? 1_555 O5 B G4S 2 ? ? 6_559 1.18 
627  1 O5 B G4S 2 ? ? 1_555 C1 B DGS 3 ? ? 4_558 1.18 
628  1 O6 A G4S 4 ? ? 1_555 C2 A DGS 5 ? ? 4_556 1.20 
629  1 C2 A DGS 5 ? ? 1_555 O6 A G4S 6 ? ? 5_555 1.20 
630  1 C2 A DGS 1 ? ? 1_555 O6 A G4S 4 ? ? 5_557 1.20 
631  1 C2 A DGS 1 ? ? 1_555 O6 A G4S 6 ? ? 6_557 1.20 
632  1 C2 A DGS 3 ? ? 1_555 O6 A G4S 4 ? ? 6_557 1.20 
633  1 C2 A DGS 3 ? ? 1_555 O6 A G4S 6 ? ? 4_556 1.20 
634  1 O6 A G4S 2 ? ? 1_555 C2 A DGS 5 ? ? 6_557 1.20 
635  1 C2 A DGS 1 ? ? 1_555 O6 A G4S 2 ? ? 4_558 1.20 
636  1 O6 A G4S 2 ? ? 1_555 C2 A DGS 3 ? ? 5_557 1.20 
637  1 C1 A DGS 1 ? ? 1_555 O5 B G4S 6 ? ? 4_557 1.20 
638  1 O5 A G4S 2 ? ? 1_555 C1 B DGS 5 ? ? 4_557 1.20 
639  1 C1 A DGS 3 ? ? 1_555 O5 B G4S 6 ? ? 5_556 1.20 
640  1 O5 A G4S 2 ? ? 1_555 C1 B DGS 1 ? ? 5_558 1.20 
641  1 C1 A DGS 5 ? ? 1_555 O5 B G4S 6 ? ? 6_556 1.20 
642  1 O5 A G4S 2 ? ? 1_555 C1 B DGS 3 ? ? 6_558 1.20 
643  1 O5 A G4S 6 ? ? 1_555 C1 B DGS 5 ? ? 6_556 1.20 
644  1 C1 A DGS 1 ? ? 1_555 O5 B G4S 4 ? ? 6_558 1.20 
645  1 O5 A G4S 6 ? ? 1_555 C1 B DGS 1 ? ? 4_557 1.20 
646  1 C1 A DGS 3 ? ? 1_555 O5 B G4S 4 ? ? 4_557 1.20 
647  1 C1 A DGS 5 ? ? 1_555 O5 B G4S 4 ? ? 5_556 1.20 
648  1 O5 A G4S 6 ? ? 1_555 C1 B DGS 3 ? ? 5_556 1.20 
649  1 O5 A G4S 4 ? ? 1_555 C1 B DGS 5 ? ? 5_556 1.20 
650  1 C1 A DGS 1 ? ? 1_555 O5 B G4S 2 ? ? 5_558 1.20 
651  1 O5 A G4S 4 ? ? 1_555 C1 B DGS 1 ? ? 6_558 1.20 
652  1 C1 A DGS 3 ? ? 1_555 O5 B G4S 2 ? ? 6_558 1.20 
653  1 O5 A G4S 4 ? ? 1_555 C1 B DGS 3 ? ? 4_557 1.20 
654  1 C1 A DGS 5 ? ? 1_555 O5 B G4S 2 ? ? 4_557 1.20 
655  1 C2 A DGS 1 ? ? 1_555 C6 A G4S 4 ? ? 5_557 1.22 
656  1 C2 A DGS 3 ? ? 1_555 C6 A G4S 4 ? ? 6_557 1.22 
657  1 C6 A G4S 4 ? ? 1_555 C2 A DGS 5 ? ? 4_556 1.22 
658  1 C2 A DGS 1 ? ? 1_555 C6 A G4S 2 ? ? 4_558 1.22 
659  1 C6 A G4S 2 ? ? 1_555 C2 A DGS 3 ? ? 5_557 1.22 
660  1 C6 A G4S 2 ? ? 1_555 C2 A DGS 5 ? ? 6_557 1.22 
661  1 C2 A DGS 1 ? ? 1_555 C6 A G4S 6 ? ? 6_557 1.22 
662  1 C2 A DGS 3 ? ? 1_555 C6 A G4S 6 ? ? 4_556 1.22 
663  1 C2 A DGS 5 ? ? 1_555 C6 A G4S 6 ? ? 5_555 1.22 
664  1 C1 A DGS 1 ? ? 1_555 O5 A G4S 2 ? ? 4_558 1.23 
665  1 O5 A G4S 2 ? ? 1_555 C1 A DGS 3 ? ? 5_557 1.23 
666  1 C1 A DGS 1 ? ? 1_555 O5 A G4S 6 ? ? 6_557 1.23 
667  1 O5 A G4S 2 ? ? 1_555 C1 A DGS 5 ? ? 6_557 1.23 
668  1 C1 A DGS 3 ? ? 1_555 O5 A G4S 6 ? ? 4_556 1.23 
669  1 C1 A DGS 1 ? ? 1_555 O5 A G4S 4 ? ? 5_557 1.23 
670  1 C1 A DGS 5 ? ? 1_555 O5 A G4S 6 ? ? 5_555 1.23 
671  1 C1 A DGS 3 ? ? 1_555 O5 A G4S 4 ? ? 6_557 1.23 
672  1 O5 A G4S 4 ? ? 1_555 C1 A DGS 5 ? ? 4_556 1.23 
673  1 C6 A G4S 4 ? ? 1_555 C2 B DGS 3 ? ? 4_557 1.25 
674  1 C6 A G4S 2 ? ? 1_555 C2 B DGS 3 ? ? 6_558 1.25 
675  1 C6 A G4S 4 ? ? 1_555 C2 B DGS 1 ? ? 6_558 1.25 
676  1 C2 A DGS 3 ? ? 1_555 C6 B G4S 2 ? ? 6_558 1.25 
677  1 C2 A DGS 1 ? ? 1_555 C6 B G4S 2 ? ? 5_558 1.25 
678  1 C6 A G4S 4 ? ? 1_555 C2 B DGS 5 ? ? 5_556 1.25 
679  1 C6 A G4S 6 ? ? 1_555 C2 B DGS 3 ? ? 5_556 1.25 
680  1 C2 A DGS 5 ? ? 1_555 C6 B G4S 2 ? ? 4_557 1.25 
681  1 C6 A G4S 2 ? ? 1_555 C2 B DGS 1 ? ? 5_558 1.25 
682  1 C2 A DGS 3 ? ? 1_555 C6 B G4S 6 ? ? 5_556 1.25 
683  1 C6 A G4S 2 ? ? 1_555 C2 B DGS 5 ? ? 4_557 1.25 
684  1 C2 A DGS 1 ? ? 1_555 C6 B G4S 6 ? ? 4_557 1.25 
685  1 C2 A DGS 5 ? ? 1_555 C6 B G4S 6 ? ? 6_556 1.25 
686  1 C6 A G4S 6 ? ? 1_555 C2 B DGS 1 ? ? 4_557 1.25 
687  1 C2 A DGS 3 ? ? 1_555 C6 B G4S 4 ? ? 4_557 1.25 
688  1 C2 A DGS 1 ? ? 1_555 C6 B G4S 4 ? ? 6_558 1.25 
689  1 C6 A G4S 6 ? ? 1_555 C2 B DGS 5 ? ? 6_556 1.25 
690  1 C2 A DGS 5 ? ? 1_555 C6 B G4S 4 ? ? 5_556 1.25 
691  1 C6 B G4S 2 ? ? 1_555 C2 B DGS 3 ? ? 4_558 1.29 
692  1 C2 B DGS 3 ? ? 1_555 C6 B G4S 6 ? ? 6_557 1.29 
693  1 C2 B DGS 3 ? ? 1_555 C6 B G4S 4 ? ? 5_557 1.29 
694  1 C2 B DGS 1 ? ? 1_555 C6 B G4S 2 ? ? 6_559 1.29 
695  1 C6 B G4S 2 ? ? 1_555 C2 B DGS 5 ? ? 5_557 1.29 
696  1 C2 B DGS 1 ? ? 1_555 C6 B G4S 6 ? ? 5_557 1.29 
697  1 C2 B DGS 5 ? ? 1_555 C6 B G4S 6 ? ? 4_556 1.29 
698  1 C2 B DGS 1 ? ? 1_555 C6 B G4S 4 ? ? 4_558 1.29 
699  1 C6 B G4S 4 ? ? 1_555 C2 B DGS 5 ? ? 6_557 1.29 
700  1 O9 B G4S 4 ? ? 1_555 S  B G4S 6 ? ? 4_556 1.31 
701  1 S  B G4S 2 ? ? 1_555 O9 B G4S 4 ? ? 5_557 1.31 
702  1 S  B G4S 6 ? ? 1_555 O9 B G4S 6 ? ? 5_555 1.32 
703  1 O9 B G4S 2 ? ? 1_555 S  B G4S 6 ? ? 6_557 1.32 
704  1 S  B G4S 2 ? ? 1_555 O9 B G4S 6 ? ? 6_557 1.32 
705  1 S  B G4S 2 ? ? 1_555 O9 B G4S 2 ? ? 4_558 1.32 
706  1 S  B G4S 4 ? ? 1_555 O9 B G4S 4 ? ? 6_557 1.32 
707  1 S  B G4S 4 ? ? 1_555 O9 B G4S 6 ? ? 4_556 1.32 
708  1 O9 B G4S 2 ? ? 1_555 S  B G4S 4 ? ? 5_557 1.32 
709  1 C1 A DGS 5 ? ? 1_555 O3 B G4S 2 ? ? 1_554 1.32 
710  1 C1 A DGS 3 ? ? 1_555 O3 B G4S 2 ? ? 2_554 1.32 
711  1 C1 A DGS 5 ? ? 1_555 O3 B G4S 4 ? ? 2_554 1.32 
712  1 C1 A DGS 5 ? ? 1_555 O1 B DGS 1 ? ? 3_553 1.32 
713  1 C1 A DGS 1 ? ? 1_555 O3 B G4S 2 ? ? 3_555 1.32 
714  1 C1 A DGS 3 ? ? 1_555 O3 B G4S 4 ? ? 3_555 1.32 
715  1 C1 A DGS 3 ? ? 1_555 O1 B DGS 1 ? ? 1_554 1.32 
716  1 C1 A DGS 1 ? ? 1_555 O3 B G4S 4 ? ? 1_556 1.32 
717  1 C1 A DGS 1 ? ? 1_555 O1 B DGS 1 ? ? 2_554 1.32 
718  1 C5 A DGS 1 ? ? 1_555 O5 A G4S 4 ? ? 5_557 1.33 
719  1 C5 A DGS 3 ? ? 1_555 O5 A G4S 4 ? ? 6_557 1.33 
720  1 C5 A DGS 1 ? ? 1_555 O5 A G4S 6 ? ? 6_557 1.33 
721  1 C5 A DGS 3 ? ? 1_555 O5 A G4S 6 ? ? 4_556 1.33 
722  1 C5 A DGS 1 ? ? 1_555 O5 A G4S 2 ? ? 4_558 1.33 
723  1 O5 A G4S 2 ? ? 1_555 C5 A DGS 3 ? ? 5_557 1.33 
724  1 O5 A G4S 4 ? ? 1_555 C5 A DGS 5 ? ? 4_556 1.33 
725  1 C5 A DGS 5 ? ? 1_555 O5 A G4S 6 ? ? 5_555 1.33 
726  1 O5 A G4S 2 ? ? 1_555 C5 A DGS 5 ? ? 6_557 1.33 
727  1 O9 A G4S 6 ? ? 1_555 S  B G4S 6 ? ? 4_555 1.34 
728  1 S  A G4S 2 ? ? 1_555 O9 B G4S 4 ? ? 4_557 1.34 
729  1 O9 A G4S 6 ? ? 1_555 S  B G4S 2 ? ? 5_556 1.34 
730  1 S  A G4S 4 ? ? 1_555 O9 B G4S 4 ? ? 5_556 1.34 
731  1 S  A G4S 2 ? ? 1_555 O9 B G4S 6 ? ? 5_556 1.34 
732  1 O9 A G4S 4 ? ? 1_555 S  B G4S 6 ? ? 6_556 1.34 
733  1 S  A G4S 2 ? ? 1_555 O9 B G4S 2 ? ? 6_558 1.34 
734  1 S  A G4S 4 ? ? 1_555 O9 B G4S 6 ? ? 6_556 1.34 
735  1 O9 A G4S 4 ? ? 1_555 S  B G4S 2 ? ? 4_557 1.34 
736  1 S  A G4S 4 ? ? 1_555 O9 B G4S 2 ? ? 4_557 1.34 
737  1 O9 A G4S 2 ? ? 1_555 S  B G4S 6 ? ? 5_556 1.34 
738  1 O9 A G4S 6 ? ? 1_555 S  B G4S 4 ? ? 6_556 1.34 
739  1 S  A G4S 6 ? ? 1_555 O9 B G4S 4 ? ? 6_556 1.34 
740  1 O9 A G4S 2 ? ? 1_555 S  B G4S 2 ? ? 6_558 1.34 
741  1 S  A G4S 6 ? ? 1_555 O9 B G4S 6 ? ? 4_555 1.34 
742  1 O9 A G4S 4 ? ? 1_555 S  B G4S 4 ? ? 5_556 1.34 
743  1 S  A G4S 6 ? ? 1_555 O9 B G4S 2 ? ? 5_556 1.34 
744  1 O9 A G4S 2 ? ? 1_555 S  B G4S 4 ? ? 4_557 1.34 
745  1 C6 A G4S 6 ? ? 1_555 O6 B G4S 2 ? ? 3_553 1.35 
746  1 C6 A G4S 4 ? ? 1_555 O6 B G4S 2 ? ? 1_554 1.35 
747  1 C6 A G4S 6 ? ? 1_555 O6 B G4S 4 ? ? 1_554 1.35 
748  1 C6 A G4S 6 ? ? 1_555 O6 B G4S 6 ? ? 2_554 1.35 
749  1 C6 A G4S 2 ? ? 1_555 O6 B G4S 2 ? ? 2_554 1.35 
750  1 C6 A G4S 4 ? ? 1_555 O6 B G4S 4 ? ? 2_554 1.35 
751  1 C6 A G4S 4 ? ? 1_555 O6 B G4S 6 ? ? 3_555 1.35 
752  1 C6 A G4S 2 ? ? 1_555 O6 B G4S 4 ? ? 3_555 1.35 
753  1 C6 A G4S 2 ? ? 1_555 O6 B G4S 6 ? ? 1_556 1.35 
754  1 C1 A G4S 2 ? ? 1_555 O4 B DGS 1 ? ? 2_554 1.35 
755  1 C1 A G4S 6 ? ? 1_555 O4 B DGS 1 ? ? 3_553 1.35 
756  1 C1 A G4S 2 ? ? 1_555 O4 B DGS 3 ? ? 3_555 1.35 
757  1 C1 A G4S 6 ? ? 1_555 O4 B DGS 3 ? ? 1_554 1.35 
758  1 C1 A G4S 2 ? ? 1_555 O4 B DGS 5 ? ? 1_556 1.35 
759  1 C1 A G4S 6 ? ? 1_555 O4 B DGS 5 ? ? 2_554 1.35 
760  1 C1 A G4S 4 ? ? 1_555 O4 B DGS 1 ? ? 1_554 1.35 
761  1 C1 A G4S 4 ? ? 1_555 O4 B DGS 3 ? ? 2_554 1.35 
762  1 C1 A G4S 4 ? ? 1_555 O4 B DGS 5 ? ? 3_555 1.36 
763  1 O3 A G4S 2 ? ? 1_555 C3 B G4S 6 ? ? 1_556 1.36 
764  1 O3 A G4S 2 ? ? 1_555 C3 B G4S 2 ? ? 2_554 1.36 
765  1 O1 A DGS 1 ? ? 1_555 C3 B G4S 6 ? ? 2_556 1.36 
766  1 O1 A DGS 1 ? ? 1_555 C3 B G4S 2 ? ? 3_555 1.36 
767  1 O3 A G4S 4 ? ? 1_555 C3 B G4S 6 ? ? 3_555 1.36 
768  1 O3 A G4S 2 ? ? 1_555 C3 B G4S 4 ? ? 3_555 1.36 
769  1 O3 A G4S 4 ? ? 1_555 C3 B G4S 2 ? ? 1_554 1.36 
770  1 O1 A DGS 1 ? ? 1_555 C3 B G4S 4 ? ? 1_556 1.36 
771  1 O3 A G4S 4 ? ? 1_555 C3 B G4S 4 ? ? 2_554 1.36 
772  1 O4 A DGS 5 ? ? 1_555 C4 B DGS 1 ? ? 3_553 1.36 
773  1 O4 A DGS 3 ? ? 1_555 C4 B DGS 1 ? ? 1_554 1.36 
774  1 O4 A DGS 5 ? ? 1_555 C4 B DGS 3 ? ? 1_554 1.36 
775  1 O4 A DGS 5 ? ? 1_555 C4 B DGS 5 ? ? 2_554 1.36 
776  1 O4 A DGS 1 ? ? 1_555 C4 B DGS 1 ? ? 2_554 1.36 
777  1 O4 A DGS 3 ? ? 1_555 C4 B DGS 3 ? ? 2_554 1.36 
778  1 O4 A DGS 3 ? ? 1_555 C4 B DGS 5 ? ? 3_555 1.36 
779  1 O4 A DGS 1 ? ? 1_555 C4 B DGS 3 ? ? 3_555 1.36 
780  1 O4 A DGS 1 ? ? 1_555 C4 B DGS 5 ? ? 1_556 1.36 
781  1 O8 A G4S 2 ? ? 1_555 S  B G4S 6 ? ? 1_556 1.37 
782  1 O8 A G4S 6 ? ? 1_555 S  B G4S 6 ? ? 2_554 1.37 
783  1 O8 A G4S 2 ? ? 1_555 S  B G4S 2 ? ? 2_554 1.37 
784  1 O8 A G4S 6 ? ? 1_555 S  B G4S 2 ? ? 3_553 1.37 
785  1 O8 A G4S 4 ? ? 1_555 S  B G4S 6 ? ? 3_555 1.37 
786  1 O8 A G4S 2 ? ? 1_555 S  B G4S 4 ? ? 3_555 1.37 
787  1 O8 A G4S 4 ? ? 1_555 S  B G4S 2 ? ? 1_554 1.37 
788  1 O8 A G4S 6 ? ? 1_555 S  B G4S 4 ? ? 1_554 1.37 
789  1 O8 A G4S 4 ? ? 1_555 S  B G4S 4 ? ? 2_554 1.37 
790  1 C1 A DGS 3 ? ? 1_555 O3 A G4S 4 ? ? 2_555 1.37 
791  1 C1 B DGS 1 ? ? 1_555 O3 B G4S 2 ? ? 2_555 1.37 
792  1 C1 B DGS 3 ? ? 1_555 O3 B G4S 4 ? ? 2_555 1.37 
793  1 O1 A DGS 1 ? ? 1_555 C1 A DGS 5 ? ? 3_556 1.37 
794  1 O3 A G4S 2 ? ? 1_555 C1 A DGS 5 ? ? 2_555 1.37 
795  1 O1 B DGS 1 ? ? 1_555 C1 B DGS 3 ? ? 2_555 1.37 
796  1 C1 A DGS 1 ? ? 1_555 O3 A G4S 4 ? ? 3_556 1.37 
797  1 O3 B G4S 2 ? ? 1_555 C1 B DGS 5 ? ? 2_555 1.37 
798  1 C1 B DGS 1 ? ? 1_555 O3 B G4S 4 ? ? 3_556 1.37 
799  1 O1 A DGS 1 ? ? 1_555 C1 A DGS 3 ? ? 2_555 1.37 
800  1 C1 A DGS 1 ? ? 1_555 O3 A G4S 2 ? ? 2_555 1.37 
801  1 O1 B DGS 1 ? ? 1_555 C1 B DGS 5 ? ? 3_556 1.37 
802  1 S  A G4S 2 ? ? 1_555 O9 A G4S 6 ? ? 4_556 1.37 
803  1 S  A G4S 4 ? ? 1_555 O9 A G4S 6 ? ? 5_555 1.37 
804  1 S  A G4S 2 ? ? 1_555 O9 A G4S 4 ? ? 6_557 1.37 
805  1 S  A G4S 4 ? ? 1_555 O9 A G4S 4 ? ? 4_556 1.37 
806  1 S  A G4S 2 ? ? 1_555 O9 A G4S 2 ? ? 5_557 1.37 
807  1 S  A G4S 6 ? ? 1_555 O9 A G4S 6 ? ? 6_555 1.37 
808  1 O9 A G4S 2 ? ? 1_555 S  A G4S 4 ? ? 6_557 1.37 
809  1 O9 A G4S 4 ? ? 1_555 S  A G4S 6 ? ? 5_555 1.37 
810  1 O9 A G4S 2 ? ? 1_555 S  A G4S 6 ? ? 4_556 1.37 
811  1 C5 B G4S 2 ? ? 1_555 O3 B G4S 2 ? ? 4_558 1.38 
812  1 O3 B G4S 2 ? ? 1_555 C5 B G4S 6 ? ? 6_557 1.38 
813  1 O1 B DGS 1 ? ? 1_555 C5 B G4S 2 ? ? 6_559 1.38 
814  1 C5 B G4S 2 ? ? 1_555 O3 B G4S 4 ? ? 5_557 1.38 
815  1 O1 B DGS 1 ? ? 1_555 C5 B G4S 6 ? ? 5_557 1.38 
816  1 O3 B G4S 2 ? ? 1_555 C5 B G4S 4 ? ? 5_557 1.38 
817  1 O3 B G4S 4 ? ? 1_555 C5 B G4S 6 ? ? 4_556 1.38 
818  1 O1 B DGS 1 ? ? 1_555 C5 B G4S 4 ? ? 4_558 1.38 
819  1 C5 B G4S 4 ? ? 1_555 O3 B G4S 4 ? ? 6_557 1.38 
820  1 C5 A DGS 3 ? ? 1_555 O5 B DGS 5 ? ? 3_555 1.39 
821  1 C5 A DGS 1 ? ? 1_555 O5 B DGS 5 ? ? 1_556 1.39 
822  1 C5 A DGS 3 ? ? 1_555 O5 B DGS 3 ? ? 2_554 1.39 
823  1 C5 A DGS 3 ? ? 1_555 O5 B DGS 1 ? ? 1_554 1.39 
824  1 C5 A DGS 1 ? ? 1_555 O5 B DGS 3 ? ? 3_555 1.39 
825  1 C5 A DGS 1 ? ? 1_555 O5 B DGS 1 ? ? 2_554 1.39 
826  1 C5 A DGS 5 ? ? 1_555 O5 B DGS 5 ? ? 2_554 1.39 
827  1 C1 A G4S 2 ? ? 1_555 O4 A DGS 3 ? ? 2_555 1.39 
828  1 O4 B DGS 1 ? ? 1_555 C1 B G4S 4 ? ? 2_555 1.39 
829  1 O4 A DGS 3 ? ? 1_555 C1 A G4S 6 ? ? 2_555 1.39 
830  1 C1 A G4S 2 ? ? 1_555 O4 A DGS 5 ? ? 3_556 1.39 
831  1 C5 A DGS 5 ? ? 1_555 O5 B DGS 3 ? ? 1_554 1.39 
832  1 O4 B DGS 1 ? ? 1_555 C1 B G4S 6 ? ? 3_556 1.39 
833  1 C5 A DGS 5 ? ? 1_555 O5 B DGS 1 ? ? 3_553 1.39 
834  1 C1 B G4S 4 ? ? 1_555 O4 B DGS 5 ? ? 2_555 1.39 
835  1 O4 A DGS 1 ? ? 1_555 C1 A G4S 6 ? ? 3_556 1.39 
836  1 O4 B DGS 3 ? ? 1_555 C1 B G4S 6 ? ? 2_555 1.39 
837  1 C1 A G4S 4 ? ? 1_555 O4 A DGS 5 ? ? 2_555 1.39 
838  1 C1 B G4S 2 ? ? 1_555 O4 B DGS 3 ? ? 2_555 1.39 
839  1 O2 A G4S 2 ? ? 1_555 C2 B G4S 4 ? ? 3_555 1.39 
840  1 C1 B G4S 2 ? ? 1_555 O4 B DGS 5 ? ? 3_556 1.39 
841  1 O4 A DGS 1 ? ? 1_555 C1 A G4S 4 ? ? 2_555 1.39 
842  1 O2 A G4S 6 ? ? 1_555 C2 B G4S 4 ? ? 1_554 1.39 
843  1 O2 A G4S 4 ? ? 1_555 C2 B G4S 4 ? ? 2_554 1.39 
844  1 O2 A G4S 2 ? ? 1_555 C2 B G4S 2 ? ? 2_554 1.39 
845  1 O2 A G4S 6 ? ? 1_555 C2 B G4S 2 ? ? 3_553 1.39 
846  1 O2 A G4S 2 ? ? 1_555 C2 B G4S 6 ? ? 1_556 1.39 
847  1 O2 A G4S 4 ? ? 1_555 C2 B G4S 2 ? ? 1_554 1.39 
848  1 O2 A G4S 6 ? ? 1_555 C2 B G4S 6 ? ? 2_554 1.39 
849  1 O2 A G4S 4 ? ? 1_555 C2 B G4S 6 ? ? 3_555 1.39 
850  1 C5 A DGS 1 ? ? 1_555 O5 B G4S 2 ? ? 5_558 1.39 
851  1 O5 A G4S 4 ? ? 1_555 C5 B DGS 5 ? ? 5_556 1.39 
852  1 O5 A G4S 4 ? ? 1_555 C5 B DGS 1 ? ? 6_558 1.39 
853  1 C5 A DGS 3 ? ? 1_555 O5 B G4S 2 ? ? 6_558 1.39 
854  1 O5 A G4S 4 ? ? 1_555 C5 B DGS 3 ? ? 4_557 1.39 
855  1 C5 A DGS 1 ? ? 1_555 O5 B G4S 4 ? ? 6_558 1.39 
856  1 O5 A G4S 6 ? ? 1_555 C5 B DGS 5 ? ? 6_556 1.39 
857  1 O5 A G4S 6 ? ? 1_555 C5 B DGS 1 ? ? 4_557 1.39 
858  1 C5 A DGS 3 ? ? 1_555 O5 B G4S 4 ? ? 4_557 1.39 
859  1 O5 A G4S 6 ? ? 1_555 C5 B DGS 3 ? ? 5_556 1.39 
860  1 O5 A G4S 2 ? ? 1_555 C5 B DGS 5 ? ? 4_557 1.39 
861  1 C5 A DGS 1 ? ? 1_555 O5 B G4S 6 ? ? 4_557 1.39 
862  1 O5 A G4S 2 ? ? 1_555 C5 B DGS 1 ? ? 5_558 1.39 
863  1 C5 A DGS 3 ? ? 1_555 O5 B G4S 6 ? ? 5_556 1.39 
864  1 O5 A G4S 2 ? ? 1_555 C5 B DGS 3 ? ? 6_558 1.39 
865  1 C5 A DGS 5 ? ? 1_555 O5 B G4S 2 ? ? 4_557 1.39 
866  1 C5 A DGS 5 ? ? 1_555 O5 B G4S 4 ? ? 5_556 1.39 
867  1 C5 A DGS 5 ? ? 1_555 O5 B G4S 6 ? ? 6_556 1.39 
868  1 C1 A G4S 4 ? ? 1_555 O5 B G4S 2 ? ? 1_554 1.40 
869  1 C1 A G4S 6 ? ? 1_555 O5 B G4S 2 ? ? 3_553 1.40 
870  1 C1 A G4S 2 ? ? 1_555 O5 B G4S 2 ? ? 2_554 1.40 
871  1 C1 A G4S 4 ? ? 1_555 O5 B G4S 4 ? ? 2_554 1.40 
872  1 C1 A G4S 6 ? ? 1_555 O5 B G4S 4 ? ? 1_554 1.40 
873  1 C1 A G4S 2 ? ? 1_555 O5 B G4S 4 ? ? 3_555 1.40 
874  1 C1 A G4S 4 ? ? 1_555 O5 B G4S 6 ? ? 3_555 1.40 
875  1 C1 A G4S 6 ? ? 1_555 O5 B G4S 6 ? ? 2_554 1.40 
876  1 C1 A G4S 2 ? ? 1_555 O5 B G4S 6 ? ? 1_556 1.40 
877  1 O8 A DGS 5 ? ? 1_555 S  B DGS 5 ? ? 2_554 1.41 
878  1 O8 A DGS 3 ? ? 1_555 S  B DGS 5 ? ? 3_555 1.41 
879  1 O8 A DGS 5 ? ? 1_555 S  B DGS 3 ? ? 1_554 1.41 
880  1 O8 A DGS 5 ? ? 1_555 S  B DGS 1 ? ? 3_553 1.41 
881  1 O8 A DGS 3 ? ? 1_555 S  B DGS 3 ? ? 2_554 1.41 
882  1 O8 A DGS 3 ? ? 1_555 S  B DGS 1 ? ? 1_554 1.41 
883  1 C5 A G4S 6 ? ? 1_555 O5 B G4S 6 ? ? 2_554 1.41 
884  1 O8 A DGS 1 ? ? 1_555 S  B DGS 5 ? ? 1_556 1.41 
885  1 C5 A G4S 2 ? ? 1_555 O5 B G4S 6 ? ? 1_556 1.41 
886  1 C5 A G4S 6 ? ? 1_555 O5 B G4S 4 ? ? 1_554 1.41 
887  1 C5 A G4S 4 ? ? 1_555 O5 B G4S 6 ? ? 3_555 1.41 
888  1 O8 A DGS 1 ? ? 1_555 S  B DGS 3 ? ? 3_555 1.41 
889  1 O8 A DGS 1 ? ? 1_555 S  B DGS 1 ? ? 2_554 1.41 
890  1 C5 A G4S 2 ? ? 1_555 O5 B G4S 4 ? ? 3_555 1.41 
891  1 C5 A G4S 6 ? ? 1_555 O5 B G4S 2 ? ? 3_553 1.41 
892  1 C5 A G4S 4 ? ? 1_555 O5 B G4S 4 ? ? 2_554 1.41 
893  1 C4 B G4S 6 ? ? 1_555 C4 B G4S 6 ? ? 5_555 1.41 
894  1 C5 A G4S 2 ? ? 1_555 O5 B G4S 2 ? ? 2_554 1.41 
895  1 C5 A G4S 4 ? ? 1_555 O5 B G4S 2 ? ? 1_554 1.41 
896  1 C4 B G4S 2 ? ? 1_555 C4 B G4S 2 ? ? 4_558 1.41 
897  1 C4 B G4S 4 ? ? 1_555 C4 B G4S 4 ? ? 6_557 1.41 
898  1 C3 A DGS 1 ? ? 1_555 O3 B DGS 3 ? ? 3_555 1.41 
899  1 C3 A DGS 3 ? ? 1_555 O3 B DGS 3 ? ? 2_554 1.41 
900  1 C3 A DGS 1 ? ? 1_555 O3 B DGS 1 ? ? 2_554 1.41 
901  1 C3 A DGS 3 ? ? 1_555 O3 B DGS 1 ? ? 1_554 1.41 
902  1 C3 A DGS 5 ? ? 1_555 O3 B DGS 3 ? ? 1_554 1.41 
903  1 C3 A DGS 5 ? ? 1_555 O3 B DGS 1 ? ? 3_553 1.41 
904  1 C3 A DGS 1 ? ? 1_555 O3 B DGS 5 ? ? 1_556 1.41 
905  1 C3 A DGS 3 ? ? 1_555 O3 B DGS 5 ? ? 3_555 1.41 
906  1 C3 A DGS 5 ? ? 1_555 O3 B DGS 5 ? ? 2_554 1.41 
907  1 O2 A DGS 1 ? ? 1_555 C2 B DGS 1 ? ? 2_554 1.41 
908  1 S  A DGS 3 ? ? 1_555 O9 B DGS 3 ? ? 2_554 1.41 
909  1 S  A DGS 1 ? ? 1_555 O9 B DGS 3 ? ? 3_555 1.41 
910  1 O2 A DGS 3 ? ? 1_555 C2 B DGS 1 ? ? 1_554 1.41 
911  1 O2 A DGS 1 ? ? 1_555 C2 B DGS 5 ? ? 1_556 1.41 
912  1 S  A DGS 3 ? ? 1_555 O9 B DGS 5 ? ? 3_555 1.41 
913  1 S  A DGS 1 ? ? 1_555 O9 B DGS 5 ? ? 1_556 1.41 
914  1 S  A DGS 3 ? ? 1_555 O9 B DGS 1 ? ? 1_554 1.41 
915  1 O2 A DGS 3 ? ? 1_555 C2 B DGS 5 ? ? 3_555 1.41 
916  1 O2 A DGS 1 ? ? 1_555 C2 B DGS 3 ? ? 3_555 1.41 
917  1 S  A DGS 5 ? ? 1_555 O9 B DGS 3 ? ? 1_554 1.41 
918  1 S  A DGS 1 ? ? 1_555 O9 B DGS 1 ? ? 2_554 1.41 
919  1 O2 A DGS 5 ? ? 1_555 C2 B DGS 1 ? ? 3_553 1.41 
920  1 O2 A DGS 3 ? ? 1_555 C2 B DGS 3 ? ? 2_554 1.41 
921  1 S  A DGS 5 ? ? 1_555 O9 B DGS 5 ? ? 2_554 1.41 
922  1 O2 A DGS 5 ? ? 1_555 C2 B DGS 5 ? ? 2_554 1.41 
923  1 S  A DGS 5 ? ? 1_555 O9 B DGS 1 ? ? 3_553 1.41 
924  1 O2 A DGS 5 ? ? 1_555 C2 B DGS 3 ? ? 1_554 1.41 
925  1 O3 A G4S 4 ? ? 1_555 C5 B G4S 2 ? ? 4_557 1.42 
926  1 C5 A G4S 4 ? ? 1_555 O3 B G4S 2 ? ? 4_557 1.42 
927  1 O3 A DGS 3 ? ? 1_555 C6 B DGS 3 ? ? 2_554 1.42 
928  1 O3 A DGS 1 ? ? 1_555 C6 B DGS 3 ? ? 3_555 1.42 
929  1 O3 A G4S 4 ? ? 1_555 C5 B G4S 6 ? ? 6_556 1.42 
930  1 O3 A G4S 2 ? ? 1_555 C5 B G4S 2 ? ? 6_558 1.42 
931  1 C5 A G4S 4 ? ? 1_555 O1 B DGS 1 ? ? 6_558 1.42 
932  1 C5 A G4S 4 ? ? 1_555 O3 B G4S 4 ? ? 5_556 1.42 
933  1 O1 A DGS 1 ? ? 1_555 C5 B G4S 2 ? ? 5_558 1.42 
934  1 O3 A G4S 2 ? ? 1_555 C5 B G4S 6 ? ? 5_556 1.42 
935  1 O1 A DGS 1 ? ? 1_555 C5 B G4S 6 ? ? 4_557 1.42 
936  1 O3 A G4S 4 ? ? 1_555 C5 B G4S 4 ? ? 5_556 1.42 
937  1 C5 A G4S 6 ? ? 1_555 O3 B G4S 2 ? ? 5_556 1.42 
938  1 O3 A DGS 5 ? ? 1_555 C6 B DGS 3 ? ? 1_554 1.42 
939  1 C5 A G4S 2 ? ? 1_555 O3 B G4S 2 ? ? 6_558 1.42 
940  1 O3 A G4S 2 ? ? 1_555 C5 B G4S 4 ? ? 4_557 1.42 
941  1 C5 A G4S 6 ? ? 1_555 O1 B DGS 1 ? ? 4_557 1.42 
942  1 C5 A G4S 6 ? ? 1_555 O3 B G4S 4 ? ? 6_556 1.42 
943  1 O1 A DGS 1 ? ? 1_555 C5 B G4S 4 ? ? 6_558 1.42 
944  1 C5 A G4S 2 ? ? 1_555 O1 B DGS 1 ? ? 5_558 1.42 
945  1 C5 A G4S 2 ? ? 1_555 O3 B G4S 4 ? ? 4_557 1.42 
946  1 O3 A DGS 3 ? ? 1_555 C6 B DGS 5 ? ? 3_555 1.42 
947  1 O3 A DGS 1 ? ? 1_555 C6 B DGS 5 ? ? 1_556 1.42 
948  1 O3 A DGS 3 ? ? 1_555 C6 B DGS 1 ? ? 1_554 1.42 
949  1 O3 A DGS 1 ? ? 1_555 C6 B DGS 1 ? ? 2_554 1.42 
950  1 O3 A DGS 5 ? ? 1_555 C6 B DGS 5 ? ? 2_554 1.42 
951  1 O3 A DGS 5 ? ? 1_555 C6 B DGS 1 ? ? 3_553 1.42 
952  1 O2 A G4S 2 ? ? 1_555 C2 A G4S 6 ? ? 3_556 1.42 
953  1 C2 B G4S 4 ? ? 1_555 O2 B G4S 6 ? ? 2_555 1.42 
954  1 O2 A G4S 4 ? ? 1_555 C2 A G4S 6 ? ? 2_555 1.42 
955  1 O2 B G4S 2 ? ? 1_555 C2 B G4S 4 ? ? 2_555 1.42 
956  1 O2 A G4S 2 ? ? 1_555 C2 A G4S 4 ? ? 2_555 1.42 
957  1 C2 B G4S 2 ? ? 1_555 O2 B G4S 6 ? ? 3_556 1.42 
958  1 C2 A G4S 4 ? ? 1_555 O2 A G4S 6 ? ? 2_555 1.42 
959  1 C2 B G4S 2 ? ? 1_555 O2 B G4S 4 ? ? 2_555 1.42 
960  1 O4 A G4S 2 ? ? 1_555 C4 B G4S 4 ? ? 3_555 1.42 
961  1 O4 A G4S 2 ? ? 1_555 C4 B G4S 2 ? ? 2_554 1.42 
962  1 O2 B G4S 4 ? ? 1_555 C2 B G4S 6 ? ? 2_555 1.42 
963  1 C2 A G4S 2 ? ? 1_555 O2 A G4S 6 ? ? 3_556 1.42 
964  1 O2 B G4S 2 ? ? 1_555 C2 B G4S 6 ? ? 3_556 1.42 
965  1 C2 A G4S 2 ? ? 1_555 O2 A G4S 4 ? ? 2_555 1.42 
966  1 O4 A G4S 2 ? ? 1_555 C4 B G4S 6 ? ? 1_556 1.42 
967  1 O4 A G4S 6 ? ? 1_555 C4 B G4S 4 ? ? 1_554 1.42 
968  1 O4 A G4S 6 ? ? 1_555 C4 B G4S 2 ? ? 3_553 1.42 
969  1 O4 A G4S 4 ? ? 1_555 C4 B G4S 4 ? ? 2_554 1.42 
970  1 O4 A G4S 4 ? ? 1_555 C4 B G4S 2 ? ? 1_554 1.42 
971  1 O4 A G4S 6 ? ? 1_555 C4 B G4S 6 ? ? 2_554 1.42 
972  1 O4 A G4S 4 ? ? 1_555 C4 B G4S 6 ? ? 3_555 1.42 
973  1 C4 B DGS 1 ? ? 1_555 O4 B DGS 3 ? ? 2_555 1.42 
974  1 C4 A DGS 3 ? ? 1_555 O4 A DGS 5 ? ? 2_555 1.42 
975  1 O3 A G4S 4 ? ? 1_555 C1 B DGS 3 ? ? 1_554 1.42 
976  1 O4 A DGS 3 ? ? 1_555 C1 B G4S 4 ? ? 2_554 1.42 
977  1 O3 A G4S 4 ? ? 1_555 C1 B DGS 1 ? ? 3_553 1.42 
978  1 O4 B DGS 3 ? ? 1_555 C4 B DGS 5 ? ? 2_555 1.42 
979  1 C4 A DGS 1 ? ? 1_555 O4 A DGS 5 ? ? 3_556 1.42 
980  1 O4 A DGS 1 ? ? 1_555 C4 A DGS 3 ? ? 2_555 1.42 
981  1 C4 B DGS 1 ? ? 1_555 O4 B DGS 5 ? ? 3_556 1.42 
982  1 O1 A DGS 1 ? ? 1_555 C1 B DGS 3 ? ? 3_555 1.42 
983  1 O4 A DGS 3 ? ? 1_555 C4 A DGS 5 ? ? 2_555 1.42 
984  1 O4 B DGS 1 ? ? 1_555 C4 B DGS 3 ? ? 2_555 1.42 
985  1 O4 A DGS 5 ? ? 1_555 C1 B G4S 4 ? ? 1_554 1.42 
986  1 O3 A G4S 2 ? ? 1_555 C1 B DGS 3 ? ? 2_554 1.42 
987  1 O3 A G4S 4 ? ? 1_555 C1 B DGS 5 ? ? 2_554 1.42 
988  1 O4 B DGS 1 ? ? 1_555 C4 B DGS 5 ? ? 3_556 1.42 
989  1 C4 A DGS 1 ? ? 1_555 O4 A DGS 3 ? ? 2_555 1.42 
990  1 O4 A DGS 3 ? ? 1_555 C1 B G4S 6 ? ? 3_555 1.42 
991  1 O4 A DGS 1 ? ? 1_555 C1 B G4S 4 ? ? 3_555 1.42 
992  1 O1 A DGS 1 ? ? 1_555 C1 B DGS 1 ? ? 2_554 1.42 
993  1 O3 A G4S 2 ? ? 1_555 C1 B DGS 1 ? ? 1_554 1.42 
994  1 O4 A DGS 5 ? ? 1_555 C1 B G4S 6 ? ? 2_554 1.42 
995  1 O1 A DGS 1 ? ? 1_555 C1 B DGS 5 ? ? 1_556 1.42 
996  1 O3 A G4S 2 ? ? 1_555 C1 B DGS 5 ? ? 3_555 1.42 
997  1 O4 A DGS 3 ? ? 1_555 C1 B G4S 2 ? ? 1_554 1.42 
998  1 O4 A DGS 1 ? ? 1_555 C4 A DGS 5 ? ? 3_556 1.43 
999  1 C4 B DGS 3 ? ? 1_555 O4 B DGS 5 ? ? 2_555 1.43 
1000 1 O4 A DGS 1 ? ? 1_555 C1 B G4S 6 ? ? 1_556 1.43 
1001 1 O4 A DGS 5 ? ? 1_555 C1 B G4S 2 ? ? 3_553 1.43 
1002 1 O4 A DGS 1 ? ? 1_555 C1 B G4S 2 ? ? 2_554 1.43 
1003 1 O4 A G4S 2 ? ? 1_555 C4 A G4S 6 ? ? 3_556 1.43 
1004 1 C4 B G4S 4 ? ? 1_555 O4 B G4S 6 ? ? 2_555 1.43 
1005 1 O4 A G4S 2 ? ? 1_555 C4 A G4S 4 ? ? 2_555 1.43 
1006 1 C4 B G4S 2 ? ? 1_555 O4 B G4S 6 ? ? 3_556 1.43 
1007 1 C4 A G4S 4 ? ? 1_555 O4 A G4S 6 ? ? 2_555 1.43 
1008 1 C4 B G4S 2 ? ? 1_555 O4 B G4S 4 ? ? 2_555 1.43 
1009 1 O4 A G4S 4 ? ? 1_555 C4 A G4S 6 ? ? 2_555 1.43 
1010 1 O4 B G4S 2 ? ? 1_555 C4 B G4S 4 ? ? 2_555 1.43 
1011 1 O4 B G4S 4 ? ? 1_555 C4 B G4S 6 ? ? 2_555 1.43 
1012 1 C4 A G4S 2 ? ? 1_555 O4 A G4S 6 ? ? 3_556 1.43 
1013 1 O4 B G4S 2 ? ? 1_555 C4 B G4S 6 ? ? 3_556 1.43 
1014 1 C4 A G4S 2 ? ? 1_555 O4 A G4S 4 ? ? 2_555 1.43 
1015 1 O6 A G4S 4 ? ? 1_555 C6 A G4S 6 ? ? 2_555 1.43 
1016 1 O6 B G4S 2 ? ? 1_555 C6 B G4S 4 ? ? 2_555 1.43 
1017 1 C6 B G4S 4 ? ? 1_555 O6 B G4S 6 ? ? 2_555 1.43 
1018 1 O6 A G4S 2 ? ? 1_555 C6 A G4S 6 ? ? 3_556 1.43 
1019 1 C6 A G4S 2 ? ? 1_555 O6 A G4S 4 ? ? 2_555 1.43 
1020 1 O6 B G4S 2 ? ? 1_555 C6 B G4S 6 ? ? 3_556 1.43 
1021 1 C6 B G4S 2 ? ? 1_555 O6 B G4S 4 ? ? 2_555 1.43 
1022 1 C6 A G4S 4 ? ? 1_555 O6 A G4S 6 ? ? 2_555 1.43 
1023 1 S  A G4S 6 ? ? 1_555 O7 B G4S 6 ? ? 2_554 1.43 
1024 1 C6 B G4S 2 ? ? 1_555 O6 B G4S 6 ? ? 3_556 1.43 
1025 1 O6 A G4S 2 ? ? 1_555 C6 A G4S 4 ? ? 2_555 1.43 
1026 1 S  A G4S 2 ? ? 1_555 O7 B G4S 6 ? ? 1_556 1.43 
1027 1 S  A G4S 6 ? ? 1_555 O7 B G4S 4 ? ? 1_554 1.43 
1028 1 C6 A G4S 2 ? ? 1_555 O6 A G4S 6 ? ? 3_556 1.43 
1029 1 O6 B G4S 4 ? ? 1_555 C6 B G4S 6 ? ? 2_555 1.43 
1030 1 S  A G4S 2 ? ? 1_555 O7 B G4S 4 ? ? 3_555 1.43 
1031 1 S  A G4S 6 ? ? 1_555 O7 B G4S 2 ? ? 3_553 1.43 
1032 1 S  A G4S 4 ? ? 1_555 O7 B G4S 6 ? ? 3_555 1.43 
1033 1 O5 A G4S 4 ? ? 1_555 C1 A G4S 6 ? ? 2_555 1.43 
1034 1 O5 B G4S 2 ? ? 1_555 C1 B G4S 4 ? ? 2_555 1.43 
1035 1 C1 A G4S 2 ? ? 1_555 O5 A G4S 4 ? ? 2_555 1.43 
1036 1 S  A G4S 2 ? ? 1_555 O7 B G4S 2 ? ? 2_554 1.43 
1037 1 S  A G4S 4 ? ? 1_555 O7 B G4S 4 ? ? 2_554 1.43 
1038 1 S  A G4S 4 ? ? 1_555 O7 B G4S 2 ? ? 1_554 1.43 
1039 1 O5 B G4S 2 ? ? 1_555 C1 B G4S 6 ? ? 3_556 1.43 
1040 1 C1 B G4S 2 ? ? 1_555 O5 B G4S 4 ? ? 2_555 1.43 
1041 1 C1 A G4S 4 ? ? 1_555 O5 A G4S 6 ? ? 2_555 1.43 
1042 1 C1 A G4S 2 ? ? 1_555 O5 A G4S 6 ? ? 3_556 1.43 
1043 1 C3 A DGS 1 ? ? 1_555 O3 A DGS 5 ? ? 3_556 1.43 
1044 1 O3 B DGS 3 ? ? 1_555 C3 B DGS 5 ? ? 2_555 1.43 
1045 1 C3 A DGS 1 ? ? 1_555 O3 A DGS 3 ? ? 2_555 1.43 
1046 1 O3 B DGS 1 ? ? 1_555 C3 B DGS 5 ? ? 3_556 1.43 
1047 1 C3 A DGS 3 ? ? 1_555 O3 A DGS 5 ? ? 2_555 1.43 
1048 1 C3 B DGS 1 ? ? 1_555 O3 B DGS 3 ? ? 2_555 1.43 
1049 1 O3 A DGS 3 ? ? 1_555 C3 A DGS 5 ? ? 2_555 1.43 
1050 1 O3 B DGS 1 ? ? 1_555 C3 B DGS 3 ? ? 2_555 1.43 
1051 1 O5 B G4S 4 ? ? 1_555 C1 B G4S 6 ? ? 2_555 1.43 
1052 1 C1 B G4S 2 ? ? 1_555 O5 B G4S 6 ? ? 3_556 1.43 
1053 1 O5 A G4S 2 ? ? 1_555 C1 A G4S 4 ? ? 2_555 1.43 
1054 1 C1 B G4S 4 ? ? 1_555 O5 B G4S 6 ? ? 2_555 1.43 
1055 1 O5 A G4S 2 ? ? 1_555 C1 A G4S 6 ? ? 3_556 1.43 
1056 1 C3 B DGS 1 ? ? 1_555 O3 B DGS 5 ? ? 3_556 1.43 
1057 1 O3 A DGS 1 ? ? 1_555 C3 A DGS 3 ? ? 2_555 1.43 
1058 1 C3 B DGS 3 ? ? 1_555 O3 B DGS 5 ? ? 2_555 1.43 
1059 1 O3 A DGS 1 ? ? 1_555 C3 A DGS 5 ? ? 3_556 1.43 
1060 1 O1 B DGS 1 ? ? 1_555 C3 B G4S 6 ? ? 1_557 1.43 
1061 1 O1 B DGS 1 ? ? 1_555 C3 B G4S 2 ? ? 2_555 1.43 
1062 1 O3 A G4S 2 ? ? 1_555 C3 A G4S 4 ? ? 2_555 1.43 
1063 1 O3 B G4S 4 ? ? 1_555 C3 B G4S 6 ? ? 2_555 1.43 
1064 1 O1 A DGS 1 ? ? 1_555 C3 A G4S 4 ? ? 3_556 1.43 
1065 1 C3 B G4S 2 ? ? 1_555 O3 B G4S 4 ? ? 2_555 1.43 
1066 1 O3 B G4S 2 ? ? 1_555 C3 B G4S 6 ? ? 3_556 1.43 
1067 1 O2 A DGS 1 ? ? 1_555 C2 A DGS 3 ? ? 2_555 1.43 
1068 1 C2 B DGS 1 ? ? 1_555 O2 B DGS 5 ? ? 3_556 1.43 
1069 1 O1 B DGS 1 ? ? 1_555 C3 B G4S 4 ? ? 3_556 1.43 
1070 1 O3 A G4S 2 ? ? 1_555 C3 A G4S 6 ? ? 3_556 1.43 
1071 1 O1 A DGS 1 ? ? 1_555 C3 A G4S 6 ? ? 1_557 1.43 
1072 1 O2 A DGS 1 ? ? 1_555 C2 A DGS 5 ? ? 3_556 1.43 
1073 1 O1 A DGS 1 ? ? 1_555 C3 A G4S 2 ? ? 2_555 1.43 
1074 1 O3 B G4S 2 ? ? 1_555 C3 B G4S 4 ? ? 2_555 1.43 
1075 1 O3 A G4S 4 ? ? 1_555 C3 A G4S 6 ? ? 2_555 1.43 
1076 1 O2 B DGS 1 ? ? 1_555 C2 B DGS 5 ? ? 3_556 1.43 
1077 1 C2 A DGS 1 ? ? 1_555 O2 A DGS 3 ? ? 2_555 1.43 
1078 1 C2 B DGS 3 ? ? 1_555 O2 B DGS 5 ? ? 2_555 1.43 
1079 1 O2 A DGS 3 ? ? 1_555 C2 A DGS 5 ? ? 2_555 1.43 
1080 1 C3 A G4S 2 ? ? 1_555 O3 A G4S 4 ? ? 2_555 1.43 
1081 1 C2 A DGS 3 ? ? 1_555 O2 A DGS 5 ? ? 2_555 1.43 
1082 1 C2 B DGS 1 ? ? 1_555 O2 B DGS 3 ? ? 2_555 1.43 
1083 1 O2 B DGS 1 ? ? 1_555 C2 B DGS 3 ? ? 2_555 1.43 
1084 1 O2 B DGS 3 ? ? 1_555 C2 B DGS 5 ? ? 2_555 1.43 
1085 1 C2 A DGS 1 ? ? 1_555 O2 A DGS 5 ? ? 3_556 1.43 
1086 1 O5 A DGS 3 ? ? 1_555 C1 B DGS 5 ? ? 3_555 1.43 
1087 1 O5 A DGS 3 ? ? 1_555 C1 B DGS 1 ? ? 1_554 1.43 
1088 1 O5 A DGS 1 ? ? 1_555 C1 B DGS 5 ? ? 1_556 1.43 
1089 1 O5 A DGS 1 ? ? 1_555 C1 B DGS 1 ? ? 2_554 1.43 
1090 1 O5 A DGS 3 ? ? 1_555 C1 B DGS 3 ? ? 2_554 1.43 
1091 1 O5 A DGS 1 ? ? 1_555 C1 B DGS 3 ? ? 3_555 1.43 
1092 1 O5 A DGS 5 ? ? 1_555 C1 B DGS 5 ? ? 2_554 1.43 
1093 1 O5 A DGS 5 ? ? 1_555 C1 B DGS 1 ? ? 3_553 1.43 
1094 1 O5 A DGS 5 ? ? 1_555 C1 B DGS 3 ? ? 1_554 1.43 
1095 1 C4 A G4S 4 ? ? 1_555 O4 B G4S 6 ? ? 3_555 1.43 
1096 1 C4 A G4S 6 ? ? 1_555 O4 B G4S 6 ? ? 2_554 1.43 
1097 1 C4 A G4S 4 ? ? 1_555 O4 B G4S 4 ? ? 2_554 1.43 
1098 1 C4 A G4S 6 ? ? 1_555 O4 B G4S 4 ? ? 1_554 1.43 
1099 1 C4 A G4S 2 ? ? 1_555 O4 B G4S 6 ? ? 1_556 1.43 
1100 1 C4 A G4S 4 ? ? 1_555 O4 B G4S 2 ? ? 1_554 1.43 
1101 1 C4 A G4S 6 ? ? 1_555 O4 B G4S 2 ? ? 3_553 1.43 
1102 1 C5 B G4S 4 ? ? 1_555 O5 B G4S 6 ? ? 2_555 1.43 
1103 1 O5 A G4S 2 ? ? 1_555 C5 A G4S 6 ? ? 3_556 1.43 
1104 1 C4 A G4S 2 ? ? 1_555 O4 B G4S 4 ? ? 3_555 1.44 
1105 1 C5 B G4S 2 ? ? 1_555 O5 B G4S 6 ? ? 3_556 1.44 
1106 1 O5 A G4S 2 ? ? 1_555 C5 A G4S 4 ? ? 2_555 1.44 
1107 1 C4 A G4S 2 ? ? 1_555 O4 B G4S 2 ? ? 2_554 1.44 
1108 1 C5 A G4S 2 ? ? 1_555 O5 A G4S 6 ? ? 3_556 1.44 
1109 1 O5 A G4S 4 ? ? 1_555 C5 A G4S 6 ? ? 2_555 1.44 
1110 1 O5 B G4S 2 ? ? 1_555 C5 B G4S 4 ? ? 2_555 1.44 
1111 1 C5 A G4S 4 ? ? 1_555 O5 A G4S 6 ? ? 2_555 1.44 
1112 1 C5 B G4S 2 ? ? 1_555 O5 B G4S 4 ? ? 2_555 1.44 
1113 1 O5 B G4S 4 ? ? 1_555 C5 B G4S 6 ? ? 2_555 1.44 
1114 1 C5 A G4S 2 ? ? 1_555 O5 A G4S 4 ? ? 2_555 1.44 
1115 1 O5 B G4S 2 ? ? 1_555 C5 B G4S 6 ? ? 3_556 1.44 
1116 1 O7 A DGS 3 ? ? 1_555 S  B DGS 1 ? ? 1_554 1.44 
1117 1 O7 A DGS 3 ? ? 1_555 S  B DGS 3 ? ? 2_554 1.44 
1118 1 O7 A DGS 5 ? ? 1_555 S  B DGS 1 ? ? 3_553 1.44 
1119 1 O7 A DGS 5 ? ? 1_555 S  B DGS 3 ? ? 1_554 1.44 
1120 1 O7 A DGS 1 ? ? 1_555 S  B DGS 1 ? ? 2_554 1.44 
1121 1 O7 A DGS 1 ? ? 1_555 S  B DGS 3 ? ? 3_555 1.44 
1122 1 O7 A DGS 3 ? ? 1_555 S  B DGS 5 ? ? 3_555 1.44 
1123 1 O7 A DGS 5 ? ? 1_555 S  B DGS 5 ? ? 2_554 1.44 
1124 1 O7 A DGS 1 ? ? 1_555 S  B DGS 5 ? ? 1_556 1.44 
1125 1 C4 A G4S 2 ? ? 1_555 C5 B G4S 6 ? ? 1_556 1.45 
1126 1 C4 A G4S 2 ? ? 1_555 C5 B G4S 2 ? ? 2_554 1.45 
1127 1 C4 A G4S 6 ? ? 1_555 C5 B G4S 6 ? ? 2_554 1.45 
1128 1 C4 A G4S 2 ? ? 1_555 C5 B G4S 4 ? ? 3_555 1.45 
1129 1 C4 A G4S 4 ? ? 1_555 C5 B G4S 6 ? ? 3_555 1.45 
1130 1 C4 A G4S 6 ? ? 1_555 C5 B G4S 2 ? ? 3_553 1.45 
1131 1 C4 A G4S 6 ? ? 1_555 C5 B G4S 4 ? ? 1_554 1.45 
1132 1 C4 A G4S 4 ? ? 1_555 C5 B G4S 2 ? ? 1_554 1.45 
1133 1 C4 A G4S 4 ? ? 1_555 C5 B G4S 4 ? ? 2_554 1.45 
1134 1 O3 A DGS 3 ? ? 1_555 C6 A DGS 5 ? ? 2_555 1.45 
1135 1 O3 B DGS 1 ? ? 1_555 C6 B DGS 3 ? ? 2_555 1.45 
1136 1 O3 A DGS 1 ? ? 1_555 C6 A DGS 5 ? ? 3_556 1.45 
1137 1 C6 B DGS 3 ? ? 1_555 O3 B DGS 5 ? ? 2_555 1.45 
1138 1 C2 A G4S 2 ? ? 1_555 C1 B G4S 6 ? ? 1_556 1.45 
1139 1 C5 B DGS 1 ? ? 1_555 O5 B DGS 5 ? ? 3_556 1.45 
1140 1 S  B G4S 4 ? ? 1_555 O7 B G4S 6 ? ? 2_555 1.45 
1141 1 C2 A G4S 2 ? ? 1_555 C1 B G4S 2 ? ? 2_554 1.45 
1142 1 C2 A G4S 6 ? ? 1_555 C1 B G4S 6 ? ? 2_554 1.45 
1143 1 O7 A G4S 2 ? ? 1_555 S  A G4S 6 ? ? 3_556 1.45 
1144 1 C5 B DGS 3 ? ? 1_555 O5 B DGS 5 ? ? 2_555 1.45 
1145 1 C2 A G4S 2 ? ? 1_555 C1 B G4S 4 ? ? 3_555 1.45 
1146 1 O3 B DGS 1 ? ? 1_555 C6 B DGS 5 ? ? 3_556 1.45 
1147 1 C6 A DGS 1 ? ? 1_555 O3 A DGS 3 ? ? 2_555 1.45 
1148 1 S  A G4S 2 ? ? 1_555 O7 A G4S 6 ? ? 3_556 1.45 
1149 1 O7 B G4S 4 ? ? 1_555 S  B G4S 6 ? ? 2_555 1.45 
1150 1 C5 B DGS 1 ? ? 1_555 O5 B DGS 3 ? ? 2_555 1.45 
1151 1 C5 A DGS 3 ? ? 1_555 O5 A DGS 5 ? ? 2_555 1.45 
1152 1 O5 B DGS 1 ? ? 1_555 C1 B DGS 5 ? ? 3_556 1.45 
1153 1 C1 A DGS 1 ? ? 1_555 O5 A DGS 3 ? ? 2_555 1.45 
1154 1 O7 A G4S 4 ? ? 1_555 S  A G4S 6 ? ? 2_555 1.45 
1155 1 O7 B G4S 2 ? ? 1_555 S  B G4S 4 ? ? 2_555 1.45 
1156 1 O5 A DGS 1 ? ? 1_555 C1 A DGS 3 ? ? 2_555 1.45 
1157 1 S  B G4S 2 ? ? 1_555 O7 B G4S 6 ? ? 3_556 1.45 
1158 1 C2 A G4S 4 ? ? 1_555 C1 B G4S 6 ? ? 3_555 1.45 
1159 1 C2 A G4S 6 ? ? 1_555 C1 B G4S 2 ? ? 3_553 1.45 
1160 1 O3 A DGS 1 ? ? 1_555 C6 A DGS 3 ? ? 2_555 1.45 
1161 1 C6 B DGS 1 ? ? 1_555 O3 B DGS 5 ? ? 3_556 1.45 
1162 1 O5 B DGS 1 ? ? 1_555 C1 B DGS 3 ? ? 2_555 1.45 
1163 1 O5 A DGS 3 ? ? 1_555 C1 A DGS 5 ? ? 2_555 1.45 
1164 1 O5 A DGS 1 ? ? 1_555 C1 A DGS 5 ? ? 3_556 1.45 
1165 1 O5 A DGS 1 ? ? 1_555 C5 A DGS 3 ? ? 2_555 1.45 
1166 1 C1 B DGS 1 ? ? 1_555 O5 B DGS 5 ? ? 3_556 1.45 
1167 1 S  A G4S 2 ? ? 1_555 O7 A G4S 4 ? ? 2_555 1.45 
1168 1 O7 B G4S 2 ? ? 1_555 S  B G4S 6 ? ? 3_556 1.45 
1169 1 C2 A G4S 6 ? ? 1_555 C1 B G4S 4 ? ? 1_554 1.45 
1170 1 O7 A G4S 2 ? ? 1_555 S  A G4S 4 ? ? 2_555 1.45 
1171 1 S  A G4S 4 ? ? 1_555 O7 A G4S 6 ? ? 2_555 1.45 
1172 1 S  B G4S 2 ? ? 1_555 O7 B G4S 4 ? ? 2_555 1.45 
1173 1 C5 A DGS 1 ? ? 1_555 O5 A DGS 5 ? ? 3_556 1.45 
1174 1 O5 B DGS 3 ? ? 1_555 C5 B DGS 5 ? ? 2_555 1.45 
1175 1 O5 B DGS 1 ? ? 1_555 C5 B DGS 3 ? ? 2_555 1.45 
1176 1 O8 B DGS 3 ? ? 1_555 S  B DGS 5 ? ? 2_555 1.45 
1177 1 S  A DGS 1 ? ? 1_555 O8 A DGS 5 ? ? 3_556 1.45 
1178 1 C1 B DGS 3 ? ? 1_555 O5 B DGS 5 ? ? 2_555 1.45 
1179 1 O3 B DGS 3 ? ? 1_555 C6 B DGS 5 ? ? 2_555 1.45 
1180 1 C6 A DGS 1 ? ? 1_555 O3 A DGS 5 ? ? 3_556 1.45 
1181 1 C2 A G4S 4 ? ? 1_555 C1 B G4S 2 ? ? 1_554 1.45 
1182 1 O5 B DGS 3 ? ? 1_555 C1 B DGS 5 ? ? 2_555 1.45 
1183 1 C1 A DGS 1 ? ? 1_555 O5 A DGS 5 ? ? 3_556 1.45 
1184 1 C5 A DGS 1 ? ? 1_555 O5 A DGS 3 ? ? 2_555 1.45 
1185 1 O5 B DGS 1 ? ? 1_555 C5 B DGS 5 ? ? 3_556 1.45 
1186 1 C1 B DGS 1 ? ? 1_555 O5 B DGS 3 ? ? 2_555 1.45 
1187 1 C1 A DGS 3 ? ? 1_555 O5 A DGS 5 ? ? 2_555 1.45 
1188 1 C6 B DGS 1 ? ? 1_555 O3 B DGS 3 ? ? 2_555 1.45 
1189 1 C6 A DGS 3 ? ? 1_555 O3 A DGS 5 ? ? 2_555 1.45 
1190 1 C2 A G4S 4 ? ? 1_555 C1 B G4S 4 ? ? 2_554 1.45 
1191 1 O7 A DGS 3 ? ? 1_555 S  A DGS 5 ? ? 2_555 1.45 
1192 1 O7 B DGS 1 ? ? 1_555 S  B DGS 3 ? ? 2_555 1.45 
1193 1 O8 B DGS 1 ? ? 1_555 S  B DGS 5 ? ? 3_556 1.45 
1194 1 S  A DGS 1 ? ? 1_555 O8 A DGS 3 ? ? 2_555 1.45 
1195 1 O8 B G4S 4 ? ? 1_555 S  B G4S 6 ? ? 2_555 1.45 
1196 1 S  A G4S 2 ? ? 1_555 O8 A G4S 6 ? ? 3_556 1.45 
1197 1 O8 A G4S 2 ? ? 1_555 S  A G4S 4 ? ? 2_555 1.45 
1198 1 S  B G4S 2 ? ? 1_555 O8 B G4S 6 ? ? 3_556 1.45 
1199 1 S  A DGS 3 ? ? 1_555 O7 A DGS 5 ? ? 2_555 1.45 
1200 1 S  B DGS 1 ? ? 1_555 O7 B DGS 3 ? ? 2_555 1.45 
1201 1 S  A DGS 3 ? ? 1_555 O8 A DGS 5 ? ? 2_555 1.45 
1202 1 S  B DGS 1 ? ? 1_555 O8 B DGS 3 ? ? 2_555 1.45 
1203 1 O7 A DGS 1 ? ? 1_555 S  A DGS 3 ? ? 2_555 1.45 
1204 1 S  B DGS 1 ? ? 1_555 O7 B DGS 5 ? ? 3_556 1.45 
1205 1 O7 A DGS 1 ? ? 1_555 S  A DGS 5 ? ? 3_556 1.45 
1206 1 S  B DGS 3 ? ? 1_555 O7 B DGS 5 ? ? 2_555 1.45 
1207 1 O8 B DGS 1 ? ? 1_555 S  B DGS 3 ? ? 2_555 1.45 
1208 1 O8 A DGS 3 ? ? 1_555 S  A DGS 5 ? ? 2_555 1.45 
1209 1 S  B G4S 2 ? ? 1_555 O8 B G4S 4 ? ? 2_555 1.45 
1210 1 S  A G4S 4 ? ? 1_555 O8 A G4S 6 ? ? 2_555 1.45 
1211 1 O8 B G4S 2 ? ? 1_555 S  B G4S 6 ? ? 3_556 1.45 
1212 1 S  A G4S 2 ? ? 1_555 O8 A G4S 4 ? ? 2_555 1.45 
1213 1 O8 A G4S 2 ? ? 1_555 S  A G4S 6 ? ? 3_556 1.45 
1214 1 S  B G4S 4 ? ? 1_555 O8 B G4S 6 ? ? 2_555 1.45 
1215 1 O5 A DGS 3 ? ? 1_555 C5 A DGS 5 ? ? 2_555 1.45 
1216 1 O7 B DGS 1 ? ? 1_555 S  B DGS 5 ? ? 3_556 1.45 
1217 1 S  A DGS 1 ? ? 1_555 O7 A DGS 3 ? ? 2_555 1.45 
1218 1 O5 A DGS 1 ? ? 1_555 C5 A DGS 5 ? ? 3_556 1.45 
1219 1 O7 B DGS 3 ? ? 1_555 S  B DGS 5 ? ? 2_555 1.45 
1220 1 S  A DGS 1 ? ? 1_555 O7 A DGS 5 ? ? 3_556 1.45 
1221 1 O8 B G4S 2 ? ? 1_555 S  B G4S 4 ? ? 2_555 1.45 
1222 1 O8 A G4S 4 ? ? 1_555 S  A G4S 6 ? ? 2_555 1.45 
1223 1 O8 A DGS 1 ? ? 1_555 S  A DGS 5 ? ? 3_556 1.45 
1224 1 S  B DGS 3 ? ? 1_555 O8 B DGS 5 ? ? 2_555 1.45 
1225 1 O8 A DGS 1 ? ? 1_555 S  A DGS 3 ? ? 2_555 1.45 
1226 1 S  B DGS 1 ? ? 1_555 O8 B DGS 5 ? ? 3_556 1.45 
1227 1 C5 B DGS 1 ? ? 1_555 O5 B G4S 2 ? ? 6_559 1.45 
1228 1 O5 B G4S 2 ? ? 1_555 C5 B DGS 5 ? ? 5_557 1.45 
1229 1 O5 B G4S 2 ? ? 1_555 C5 B DGS 3 ? ? 4_558 1.45 
1230 1 C5 B DGS 1 ? ? 1_555 O5 B G4S 4 ? ? 4_558 1.45 
1231 1 O3 A DGS 5 ? ? 1_555 C3 B DGS 5 ? ? 2_554 1.45 
1232 1 O5 B G4S 4 ? ? 1_555 C5 B DGS 5 ? ? 6_557 1.45 
1233 1 O3 A DGS 3 ? ? 1_555 C3 B DGS 5 ? ? 3_555 1.45 
1234 1 C5 B DGS 3 ? ? 1_555 O5 B G4S 4 ? ? 5_557 1.46 
1235 1 C5 B DGS 1 ? ? 1_555 O5 B G4S 6 ? ? 5_557 1.46 
1236 1 O3 A DGS 5 ? ? 1_555 C3 B DGS 1 ? ? 3_553 1.46 
1237 1 C5 B DGS 5 ? ? 1_555 O5 B G4S 6 ? ? 4_556 1.46 
1238 1 O3 A DGS 3 ? ? 1_555 C3 B DGS 1 ? ? 1_554 1.46 
1239 1 C5 B DGS 3 ? ? 1_555 O5 B G4S 6 ? ? 6_557 1.46 
1240 1 O3 A DGS 5 ? ? 1_555 C3 B DGS 3 ? ? 1_554 1.46 
1241 1 O3 A DGS 3 ? ? 1_555 C3 B DGS 3 ? ? 2_554 1.46 
1242 1 O3 A DGS 1 ? ? 1_555 C3 B DGS 5 ? ? 1_556 1.46 
1243 1 O3 A DGS 1 ? ? 1_555 C3 B DGS 1 ? ? 2_554 1.46 
1244 1 O3 A DGS 1 ? ? 1_555 C3 B DGS 3 ? ? 3_555 1.46 
1245 1 C2 A DGS 3 ? ? 1_555 O2 B DGS 5 ? ? 3_555 1.46 
1246 1 C2 A DGS 3 ? ? 1_555 O2 B DGS 1 ? ? 1_554 1.46 
1247 1 C2 A DGS 1 ? ? 1_555 O2 B DGS 5 ? ? 1_556 1.46 
1248 1 C2 A DGS 5 ? ? 1_555 O2 B DGS 5 ? ? 2_554 1.46 
1249 1 C2 A DGS 1 ? ? 1_555 O2 B DGS 1 ? ? 2_554 1.46 
1250 1 C2 A DGS 5 ? ? 1_555 O2 B DGS 1 ? ? 3_553 1.46 
1251 1 C2 A DGS 3 ? ? 1_555 O2 B DGS 3 ? ? 2_554 1.46 
1252 1 C2 A DGS 1 ? ? 1_555 O2 B DGS 3 ? ? 3_555 1.46 
1253 1 C2 A DGS 5 ? ? 1_555 O2 B DGS 3 ? ? 1_554 1.46 
1254 1 C2 A G4S 6 ? ? 1_555 O2 B G4S 6 ? ? 2_554 1.46 
1255 1 C2 A G4S 6 ? ? 1_555 O2 B G4S 4 ? ? 1_554 1.46 
1256 1 C2 A G4S 6 ? ? 1_555 O2 B G4S 2 ? ? 3_553 1.46 
1257 1 C2 A G4S 4 ? ? 1_555 O2 B G4S 6 ? ? 3_555 1.46 
1258 1 C2 A G4S 4 ? ? 1_555 O2 B G4S 4 ? ? 2_554 1.46 
1259 1 C2 A G4S 4 ? ? 1_555 O2 B G4S 2 ? ? 1_554 1.46 
1260 1 C2 A G4S 2 ? ? 1_555 O2 B G4S 6 ? ? 1_556 1.46 
1261 1 C2 A G4S 2 ? ? 1_555 O2 B G4S 4 ? ? 3_555 1.46 
1262 1 C2 A G4S 2 ? ? 1_555 O2 B G4S 2 ? ? 2_554 1.46 
1263 1 S  A DGS 5 ? ? 1_555 O7 B DGS 1 ? ? 3_553 1.46 
1264 1 S  A DGS 3 ? ? 1_555 O7 B DGS 1 ? ? 1_554 1.46 
1265 1 S  A DGS 5 ? ? 1_555 O7 B DGS 3 ? ? 1_554 1.46 
1266 1 S  A DGS 3 ? ? 1_555 O7 B DGS 3 ? ? 2_554 1.46 
1267 1 S  A DGS 5 ? ? 1_555 O7 B DGS 5 ? ? 2_554 1.46 
1268 1 S  A DGS 3 ? ? 1_555 O7 B DGS 5 ? ? 3_555 1.46 
1269 1 S  A DGS 1 ? ? 1_555 O7 B DGS 1 ? ? 2_554 1.46 
1270 1 S  A DGS 1 ? ? 1_555 O7 B DGS 3 ? ? 3_555 1.46 
1271 1 S  A DGS 1 ? ? 1_555 O7 B DGS 5 ? ? 1_556 1.46 
1272 1 C5 A G4S 4 ? ? 1_555 O3 A G4S 4 ? ? 4_556 1.46 
1273 1 O3 A G4S 2 ? ? 1_555 C5 A G4S 4 ? ? 6_557 1.46 
1274 1 O1 A DGS 1 ? ? 1_555 C5 A G4S 4 ? ? 5_557 1.46 
1275 1 O3 A G4S 4 ? ? 1_555 C5 A G4S 6 ? ? 5_555 1.46 
1276 1 C5 A G4S 2 ? ? 1_555 O3 A G4S 4 ? ? 6_557 1.46 
1277 1 O3 A G4S 2 ? ? 1_555 C5 A G4S 6 ? ? 4_556 1.46 
1278 1 O1 A DGS 1 ? ? 1_555 C5 A G4S 6 ? ? 6_557 1.46 
1279 1 C5 A G4S 2 ? ? 1_555 O3 A G4S 2 ? ? 5_557 1.46 
1280 1 C4 A DGS 1 ? ? 1_555 C5 B DGS 5 ? ? 1_556 1.46 
1281 1 O1 A DGS 1 ? ? 1_555 C5 A G4S 2 ? ? 4_558 1.46 
1282 1 C4 A DGS 3 ? ? 1_555 C5 B DGS 5 ? ? 3_555 1.46 
1283 1 C4 A DGS 1 ? ? 1_555 C5 B DGS 1 ? ? 2_554 1.46 
1284 1 C4 A DGS 5 ? ? 1_555 C5 B DGS 5 ? ? 2_554 1.46 
1285 1 C4 A DGS 3 ? ? 1_555 C5 B DGS 1 ? ? 1_554 1.46 
1286 1 C4 A DGS 5 ? ? 1_555 C5 B DGS 1 ? ? 3_553 1.46 
1287 1 C4 A DGS 1 ? ? 1_555 C5 B DGS 3 ? ? 3_555 1.46 
1288 1 C4 A DGS 3 ? ? 1_555 C5 B DGS 3 ? ? 2_554 1.46 
1289 1 C4 A DGS 5 ? ? 1_555 C5 B DGS 3 ? ? 1_554 1.46 
1290 1 O5 A G4S 4 ? ? 1_555 C1 B G4S 2 ? ? 1_554 1.47 
1291 1 O5 A G4S 4 ? ? 1_555 C1 B G4S 4 ? ? 2_554 1.47 
1292 1 O5 A G4S 4 ? ? 1_555 C1 B G4S 6 ? ? 3_555 1.47 
1293 1 O5 A G4S 6 ? ? 1_555 C1 B G4S 2 ? ? 3_553 1.47 
1294 1 O5 A G4S 6 ? ? 1_555 C1 B G4S 4 ? ? 1_554 1.47 
1295 1 O5 A G4S 6 ? ? 1_555 C1 B G4S 6 ? ? 2_554 1.47 
1296 1 O5 A G4S 2 ? ? 1_555 C1 B G4S 2 ? ? 2_554 1.47 
1297 1 O5 A G4S 2 ? ? 1_555 C1 B G4S 4 ? ? 3_555 1.47 
1298 1 O5 A G4S 2 ? ? 1_555 C1 B G4S 6 ? ? 1_556 1.47 
1299 1 O5 A G4S 2 ? ? 1_555 C5 B G4S 4 ? ? 3_555 1.47 
1300 1 O5 A G4S 6 ? ? 1_555 C5 B G4S 4 ? ? 1_554 1.47 
1301 1 O5 A G4S 2 ? ? 1_555 C5 B G4S 2 ? ? 2_554 1.47 
1302 1 O5 A G4S 4 ? ? 1_555 C5 B G4S 4 ? ? 2_554 1.47 
1303 1 O5 A G4S 2 ? ? 1_555 C5 B G4S 6 ? ? 1_556 1.47 
1304 1 O5 A G4S 6 ? ? 1_555 C5 B G4S 2 ? ? 3_553 1.47 
1305 1 O5 A G4S 6 ? ? 1_555 C5 B G4S 6 ? ? 2_554 1.47 
1306 1 O5 A G4S 4 ? ? 1_555 C5 B G4S 2 ? ? 1_554 1.47 
1307 1 C1 A DGS 1 ? ? 1_555 O5 B DGS 1 ? ? 2_554 1.47 
1308 1 C1 A DGS 3 ? ? 1_555 O5 B DGS 1 ? ? 1_554 1.47 
1309 1 O5 A G4S 4 ? ? 1_555 C5 B G4S 6 ? ? 3_555 1.47 
1310 1 C1 A DGS 5 ? ? 1_555 O5 B DGS 1 ? ? 3_553 1.47 
1311 1 C1 A DGS 1 ? ? 1_555 O5 B DGS 5 ? ? 1_556 1.47 
1312 1 C1 A DGS 3 ? ? 1_555 O5 B DGS 5 ? ? 3_555 1.47 
1313 1 C1 A DGS 5 ? ? 1_555 O5 B DGS 5 ? ? 2_554 1.47 
1314 1 C1 A DGS 1 ? ? 1_555 O5 B DGS 3 ? ? 3_555 1.47 
1315 1 C1 A DGS 3 ? ? 1_555 O5 B DGS 3 ? ? 2_554 1.47 
1316 1 C1 A DGS 5 ? ? 1_555 O5 B DGS 3 ? ? 1_554 1.47 
1317 1 C5 A G4S 2 ? ? 1_555 C6 B G4S 6 ? ? 1_556 1.47 
1318 1 C5 A G4S 2 ? ? 1_555 C6 B G4S 2 ? ? 2_554 1.47 
1319 1 C5 A G4S 6 ? ? 1_555 C6 B G4S 6 ? ? 2_554 1.47 
1320 1 C5 A G4S 2 ? ? 1_555 C6 B G4S 4 ? ? 3_555 1.47 
1321 1 C2 A DGS 1 ? ? 1_555 C1 B DGS 5 ? ? 1_556 1.47 
1322 1 C5 A G4S 4 ? ? 1_555 C6 B G4S 6 ? ? 3_555 1.47 
1323 1 C2 A DGS 5 ? ? 1_555 C1 B DGS 5 ? ? 2_554 1.47 
1324 1 C5 A G4S 6 ? ? 1_555 C6 B G4S 2 ? ? 3_553 1.47 
1325 1 C2 A DGS 3 ? ? 1_555 C1 B DGS 5 ? ? 3_555 1.47 
1326 1 C2 A DGS 1 ? ? 1_555 C1 B DGS 1 ? ? 2_554 1.47 
1327 1 C5 A G4S 4 ? ? 1_555 C6 B G4S 2 ? ? 1_554 1.47 
1328 1 C2 A DGS 5 ? ? 1_555 C1 B DGS 1 ? ? 3_553 1.47 
1329 1 C5 A G4S 6 ? ? 1_555 C6 B G4S 4 ? ? 1_554 1.47 
1330 1 C2 A DGS 3 ? ? 1_555 C1 B DGS 1 ? ? 1_554 1.47 
1331 1 C2 A DGS 1 ? ? 1_555 C1 B DGS 3 ? ? 3_555 1.47 
1332 1 C2 A DGS 5 ? ? 1_555 C1 B DGS 3 ? ? 1_554 1.47 
1333 1 C5 A G4S 4 ? ? 1_555 C6 B G4S 4 ? ? 2_554 1.47 
1334 1 C2 A DGS 3 ? ? 1_555 C1 B DGS 3 ? ? 2_554 1.47 
1335 1 O7 A G4S 6 ? ? 1_555 S  B G4S 4 ? ? 1_554 1.47 
1336 1 O7 A G4S 2 ? ? 1_555 S  B G4S 4 ? ? 3_555 1.47 
1337 1 O7 A G4S 4 ? ? 1_555 S  B G4S 4 ? ? 2_554 1.47 
1338 1 O7 A G4S 6 ? ? 1_555 S  B G4S 6 ? ? 2_554 1.47 
1339 1 O7 A G4S 2 ? ? 1_555 S  B G4S 6 ? ? 1_556 1.47 
1340 1 C3 A DGS 5 ? ? 1_555 C2 B DGS 5 ? ? 2_554 1.47 
1341 1 C3 A DGS 1 ? ? 1_555 C2 B DGS 5 ? ? 1_556 1.47 
1342 1 O7 A G4S 4 ? ? 1_555 S  B G4S 6 ? ? 3_555 1.47 
1343 1 O7 A G4S 6 ? ? 1_555 S  B G4S 2 ? ? 3_553 1.47 
1344 1 O7 A G4S 2 ? ? 1_555 S  B G4S 2 ? ? 2_554 1.47 
1345 1 C3 A DGS 5 ? ? 1_555 C2 B DGS 3 ? ? 1_554 1.47 
1346 1 C3 A DGS 1 ? ? 1_555 C2 B DGS 3 ? ? 3_555 1.47 
1347 1 O7 A G4S 4 ? ? 1_555 S  B G4S 2 ? ? 1_554 1.47 
1348 1 C3 A DGS 3 ? ? 1_555 C2 B DGS 5 ? ? 3_555 1.47 
1349 1 C3 A DGS 5 ? ? 1_555 C2 B DGS 1 ? ? 3_553 1.47 
1350 1 C3 A DGS 1 ? ? 1_555 C2 B DGS 1 ? ? 2_554 1.47 
1351 1 C3 A DGS 3 ? ? 1_555 C2 B DGS 3 ? ? 2_554 1.47 
1352 1 C3 A DGS 3 ? ? 1_555 C2 B DGS 1 ? ? 1_554 1.47 
1353 1 C2 A DGS 1 ? ? 1_555 C5 A G4S 2 ? ? 4_558 1.48 
1354 1 C5 A G4S 2 ? ? 1_555 C2 A DGS 3 ? ? 5_557 1.48 
1355 1 C5 A G4S 2 ? ? 1_555 C2 A DGS 5 ? ? 6_557 1.48 
1356 1 C2 A DGS 1 ? ? 1_555 C5 A G4S 6 ? ? 6_557 1.48 
1357 1 C2 A DGS 3 ? ? 1_555 C5 A G4S 6 ? ? 4_556 1.48 
1358 1 C2 A DGS 1 ? ? 1_555 C5 A G4S 4 ? ? 5_557 1.48 
1359 1 C2 A DGS 5 ? ? 1_555 C5 A G4S 6 ? ? 5_555 1.48 
1360 1 C2 A DGS 3 ? ? 1_555 C5 A G4S 4 ? ? 6_557 1.48 
1361 1 C5 A G4S 4 ? ? 1_555 C2 A DGS 5 ? ? 4_556 1.48 
1362 1 C6 A DGS 5 ? ? 1_555 O3 B DGS 1 ? ? 3_553 1.48 
1363 1 C6 A DGS 5 ? ? 1_555 O3 B DGS 5 ? ? 2_554 1.48 
1364 1 C6 A DGS 5 ? ? 1_555 O3 B DGS 3 ? ? 1_554 1.48 
1365 1 C6 A DGS 1 ? ? 1_555 O3 B DGS 1 ? ? 2_554 1.48 
1366 1 C6 A DGS 1 ? ? 1_555 O3 B DGS 5 ? ? 1_556 1.48 
1367 1 C6 A DGS 3 ? ? 1_555 O3 B DGS 1 ? ? 1_554 1.48 
1368 1 C6 A DGS 3 ? ? 1_555 O3 B DGS 5 ? ? 3_555 1.48 
1369 1 C6 A DGS 1 ? ? 1_555 O3 B DGS 3 ? ? 3_555 1.48 
1370 1 C6 A DGS 3 ? ? 1_555 O3 B DGS 3 ? ? 2_554 1.48 
1371 1 C3 A G4S 4 ? ? 1_555 C4 B G4S 6 ? ? 3_555 1.48 
1372 1 C3 A G4S 6 ? ? 1_555 C4 B G4S 6 ? ? 2_554 1.48 
1373 1 C3 A G4S 4 ? ? 1_555 C4 B G4S 2 ? ? 1_554 1.48 
1374 1 C3 A G4S 6 ? ? 1_555 C4 B G4S 2 ? ? 3_553 1.48 
1375 1 C3 A G4S 2 ? ? 1_555 C4 B G4S 6 ? ? 1_556 1.48 
1376 1 C3 A G4S 2 ? ? 1_555 C4 B G4S 2 ? ? 2_554 1.48 
1377 1 C3 A G4S 4 ? ? 1_555 C4 B G4S 4 ? ? 2_554 1.48 
1378 1 C3 A G4S 6 ? ? 1_555 C4 B G4S 4 ? ? 1_554 1.48 
1379 1 C3 A G4S 2 ? ? 1_555 C4 B G4S 4 ? ? 3_555 1.48 
1380 1 S  A DGS 3 ? ? 1_555 O9 A DGS 5 ? ? 2_555 1.49 
1381 1 S  B DGS 1 ? ? 1_555 O9 B DGS 3 ? ? 2_555 1.49 
1382 1 S  A DGS 1 ? ? 1_555 O9 A DGS 5 ? ? 3_556 1.49 
1383 1 O9 B DGS 3 ? ? 1_555 S  B DGS 5 ? ? 2_555 1.49 
1384 1 S  B DGS 1 ? ? 1_555 O9 B DGS 5 ? ? 3_556 1.49 
1385 1 O9 A DGS 1 ? ? 1_555 S  A DGS 3 ? ? 2_555 1.49 
1386 1 S  A DGS 1 ? ? 1_555 O9 A DGS 3 ? ? 2_555 1.49 
1387 1 O9 B DGS 1 ? ? 1_555 S  B DGS 5 ? ? 3_556 1.49 
1388 1 S  B DGS 3 ? ? 1_555 O9 B DGS 5 ? ? 2_555 1.49 
1389 1 O9 A DGS 1 ? ? 1_555 S  A DGS 5 ? ? 3_556 1.49 
1390 1 O9 A DGS 3 ? ? 1_555 S  A DGS 5 ? ? 2_555 1.49 
1391 1 O9 B DGS 1 ? ? 1_555 S  B DGS 3 ? ? 2_555 1.49 
1392 1 C3 A G4S 2 ? ? 1_555 C2 B G4S 6 ? ? 1_556 1.49 
1393 1 C3 A G4S 2 ? ? 1_555 C2 B G4S 2 ? ? 2_554 1.49 
1394 1 C3 A G4S 2 ? ? 1_555 C2 B G4S 4 ? ? 3_555 1.49 
1395 1 C3 A G4S 6 ? ? 1_555 C2 B G4S 6 ? ? 2_554 1.49 
1396 1 C3 A G4S 4 ? ? 1_555 C2 B G4S 6 ? ? 3_555 1.49 
1397 1 C3 A G4S 6 ? ? 1_555 C2 B G4S 2 ? ? 3_553 1.49 
1398 1 C3 A G4S 4 ? ? 1_555 C2 B G4S 2 ? ? 1_554 1.49 
1399 1 C3 A G4S 6 ? ? 1_555 C2 B G4S 4 ? ? 1_554 1.49 
1400 1 C3 A G4S 4 ? ? 1_555 C2 B G4S 4 ? ? 2_554 1.49 
1401 1 C4 A DGS 3 ? ? 1_555 O4 B DGS 3 ? ? 2_554 1.49 
1402 1 C4 A DGS 3 ? ? 1_555 O4 B DGS 1 ? ? 1_554 1.49 
1403 1 C4 A DGS 5 ? ? 1_555 O4 B DGS 3 ? ? 1_554 1.49 
1404 1 C4 A DGS 1 ? ? 1_555 O4 B DGS 3 ? ? 3_555 1.49 
1405 1 C4 A DGS 3 ? ? 1_555 O4 B DGS 5 ? ? 3_555 1.49 
1406 1 C4 A DGS 5 ? ? 1_555 O4 B DGS 1 ? ? 3_553 1.49 
1407 1 C4 A DGS 1 ? ? 1_555 O4 B DGS 1 ? ? 2_554 1.49 
1408 1 C4 A DGS 5 ? ? 1_555 O4 B DGS 5 ? ? 2_554 1.49 
1409 1 C4 A DGS 1 ? ? 1_555 O4 B DGS 5 ? ? 1_556 1.49 
1410 1 S  A DGS 1 ? ? 1_555 O8 B DGS 3 ? ? 3_555 1.50 
1411 1 S  A DGS 1 ? ? 1_555 O8 B DGS 1 ? ? 2_554 1.50 
1412 1 S  A DGS 5 ? ? 1_555 O8 B DGS 3 ? ? 1_554 1.50 
1413 1 S  A DGS 3 ? ? 1_555 O8 B DGS 3 ? ? 2_554 1.50 
1414 1 S  A DGS 5 ? ? 1_555 O8 B DGS 1 ? ? 3_553 1.50 
1415 1 S  A DGS 3 ? ? 1_555 O8 B DGS 1 ? ? 1_554 1.50 
1416 1 S  A DGS 1 ? ? 1_555 O8 B DGS 5 ? ? 1_556 1.50 
1417 1 S  A DGS 5 ? ? 1_555 O8 B DGS 5 ? ? 2_554 1.50 
1418 1 S  A DGS 3 ? ? 1_555 O8 B DGS 5 ? ? 3_555 1.50 
1419 1 O8 A G4S 2 ? ? 1_555 O9 A G4S 6 ? ? 4_556 1.50 
1420 1 O8 A G4S 2 ? ? 1_555 O9 A G4S 2 ? ? 5_557 1.50 
1421 1 O8 A G4S 2 ? ? 1_555 O9 A G4S 4 ? ? 6_557 1.50 
1422 1 O8 A G4S 6 ? ? 1_555 O9 A G4S 6 ? ? 6_555 1.50 
1423 1 O8 A G4S 4 ? ? 1_555 O9 A G4S 6 ? ? 5_555 1.50 
1424 1 O9 A G4S 2 ? ? 1_555 O8 A G4S 6 ? ? 4_556 1.50 
1425 1 O6 A G4S 4 ? ? 1_555 C6 B G4S 4 ? ? 2_554 1.51 
1426 1 O9 A G4S 2 ? ? 1_555 O8 A G4S 4 ? ? 6_557 1.51 
1427 1 O9 A G4S 4 ? ? 1_555 O8 A G4S 6 ? ? 5_555 1.51 
1428 1 O6 A G4S 4 ? ? 1_555 C6 B G4S 2 ? ? 1_554 1.51 
1429 1 O8 A G4S 4 ? ? 1_555 O9 A G4S 4 ? ? 4_556 1.51 
1430 1 O6 A G4S 6 ? ? 1_555 C6 B G4S 4 ? ? 1_554 1.51 
1431 1 O6 A G4S 2 ? ? 1_555 C6 B G4S 4 ? ? 3_555 1.51 
1432 1 O6 A G4S 4 ? ? 1_555 C6 B G4S 6 ? ? 3_555 1.51 
1433 1 O6 A G4S 6 ? ? 1_555 C6 B G4S 2 ? ? 3_553 1.51 
1434 1 O6 A G4S 2 ? ? 1_555 C6 B G4S 2 ? ? 2_554 1.51 
1435 1 O6 A G4S 6 ? ? 1_555 C6 B G4S 6 ? ? 2_554 1.51 
1436 1 O6 A G4S 2 ? ? 1_555 C6 B G4S 6 ? ? 1_556 1.51 
1437 1 C3 A G4S 4 ? ? 1_555 O1 B DGS 1 ? ? 3_553 1.51 
1438 1 C3 A G4S 4 ? ? 1_555 O3 B G4S 4 ? ? 2_554 1.51 
1439 1 C3 A G4S 6 ? ? 1_555 O1 B DGS 1 ? ? 2_552 1.51 
1440 1 C3 A G4S 4 ? ? 1_555 O3 B G4S 2 ? ? 1_554 1.51 
1441 1 C3 A G4S 2 ? ? 1_555 O1 B DGS 1 ? ? 1_554 1.51 
1442 1 C3 A G4S 6 ? ? 1_555 O3 B G4S 4 ? ? 1_554 1.51 
1443 1 C3 A G4S 2 ? ? 1_555 O3 B G4S 4 ? ? 3_555 1.51 
1444 1 C3 A G4S 6 ? ? 1_555 O3 B G4S 2 ? ? 3_553 1.51 
1445 1 C3 A G4S 2 ? ? 1_555 O3 B G4S 2 ? ? 2_554 1.51 
1446 1 O5 A DGS 5 ? ? 1_555 C5 B DGS 1 ? ? 3_553 1.51 
1447 1 O5 A DGS 3 ? ? 1_555 C5 B DGS 1 ? ? 1_554 1.51 
1448 1 O5 A DGS 5 ? ? 1_555 C5 B DGS 3 ? ? 1_554 1.51 
1449 1 O5 A DGS 1 ? ? 1_555 C5 B DGS 1 ? ? 2_554 1.51 
1450 1 O5 A DGS 3 ? ? 1_555 C5 B DGS 3 ? ? 2_554 1.51 
1451 1 O5 A DGS 5 ? ? 1_555 C5 B DGS 5 ? ? 2_554 1.51 
1452 1 O5 A DGS 3 ? ? 1_555 C5 B DGS 5 ? ? 3_555 1.51 
1453 1 O5 A DGS 1 ? ? 1_555 C5 B DGS 3 ? ? 3_555 1.51 
1454 1 C5 A G4S 2 ? ? 1_555 C6 A G4S 4 ? ? 2_555 1.51 
1455 1 O5 A DGS 1 ? ? 1_555 C5 B DGS 5 ? ? 1_556 1.51 
1456 1 C5 B G4S 4 ? ? 1_555 C6 B G4S 6 ? ? 2_555 1.51 
1457 1 C6 A G4S 2 ? ? 1_555 C5 A G4S 6 ? ? 3_556 1.51 
1458 1 C5 A G4S 2 ? ? 1_555 C6 A G4S 6 ? ? 3_556 1.51 
1459 1 C5 B G4S 2 ? ? 1_555 C6 B G4S 6 ? ? 3_556 1.51 
1460 1 C6 A G4S 2 ? ? 1_555 C5 A G4S 4 ? ? 2_555 1.51 
1461 1 C6 A G4S 4 ? ? 1_555 C5 A G4S 6 ? ? 2_555 1.51 
1462 1 C6 B G4S 2 ? ? 1_555 C5 B G4S 4 ? ? 2_555 1.51 
1463 1 C6 B G4S 2 ? ? 1_555 C5 B G4S 6 ? ? 3_556 1.51 
1464 1 C6 B G4S 4 ? ? 1_555 C5 B G4S 6 ? ? 2_555 1.51 
1465 1 C5 B G4S 2 ? ? 1_555 C6 B G4S 4 ? ? 2_555 1.51 
1466 1 C5 A G4S 4 ? ? 1_555 C6 A G4S 6 ? ? 2_555 1.51 
1467 1 C4 A DGS 1 ? ? 1_555 C3 B DGS 1 ? ? 2_554 1.52 
1468 1 C4 A DGS 1 ? ? 1_555 C3 B DGS 5 ? ? 1_556 1.52 
1469 1 C5 A DGS 1 ? ? 1_555 C6 A DGS 3 ? ? 2_555 1.52 
1470 1 C6 B DGS 1 ? ? 1_555 C5 B DGS 5 ? ? 3_556 1.52 
1471 1 C5 B DGS 3 ? ? 1_555 C6 B DGS 5 ? ? 2_555 1.52 
1472 1 C6 B DGS 1 ? ? 1_555 C5 B DGS 3 ? ? 2_555 1.52 
1473 1 C6 A DGS 1 ? ? 1_555 C5 A DGS 5 ? ? 3_556 1.52 
1474 1 C6 A DGS 3 ? ? 1_555 C5 A DGS 5 ? ? 2_555 1.52 
1475 1 C4 A DGS 5 ? ? 1_555 C3 B DGS 1 ? ? 3_553 1.52 
1476 1 C4 A DGS 5 ? ? 1_555 C3 B DGS 5 ? ? 2_554 1.52 
1477 1 C5 A DGS 1 ? ? 1_555 C6 B DGS 1 ? ? 2_554 1.52 
1478 1 C5 A DGS 1 ? ? 1_555 C6 B DGS 5 ? ? 1_556 1.52 
1479 1 C5 A DGS 1 ? ? 1_555 C6 A DGS 5 ? ? 3_556 1.52 
1480 1 C6 B DGS 3 ? ? 1_555 C5 B DGS 5 ? ? 2_555 1.52 
1481 1 C5 A DGS 5 ? ? 1_555 C6 B DGS 1 ? ? 3_553 1.52 
1482 1 C5 A DGS 5 ? ? 1_555 C6 B DGS 5 ? ? 2_554 1.52 
1483 1 C4 A DGS 3 ? ? 1_555 C3 B DGS 1 ? ? 1_554 1.52 
1484 1 C4 A DGS 1 ? ? 1_555 C3 B DGS 3 ? ? 3_555 1.52 
1485 1 C4 A DGS 3 ? ? 1_555 C3 B DGS 5 ? ? 3_555 1.52 
1486 1 C5 B DGS 1 ? ? 1_555 C6 B DGS 5 ? ? 3_556 1.52 
1487 1 C6 A DGS 1 ? ? 1_555 C5 A DGS 3 ? ? 2_555 1.52 
1488 1 C5 A DGS 1 ? ? 1_555 C6 B DGS 3 ? ? 3_555 1.52 
1489 1 C5 A DGS 5 ? ? 1_555 C6 B DGS 3 ? ? 1_554 1.52 
1490 1 C5 A DGS 3 ? ? 1_555 C6 B DGS 1 ? ? 1_554 1.52 
1491 1 C5 A DGS 3 ? ? 1_555 C6 B DGS 5 ? ? 3_555 1.52 
1492 1 C5 A DGS 3 ? ? 1_555 C6 A DGS 5 ? ? 2_555 1.52 
1493 1 C5 B DGS 1 ? ? 1_555 C6 B DGS 3 ? ? 2_555 1.52 
1494 1 C4 A DGS 5 ? ? 1_555 C3 B DGS 3 ? ? 1_554 1.52 
1495 1 C4 A DGS 3 ? ? 1_555 C3 B DGS 3 ? ? 2_554 1.52 
1496 1 C5 A DGS 3 ? ? 1_555 C6 B DGS 3 ? ? 2_554 1.52 
1497 1 C3 A G4S 2 ? ? 1_555 C2 A G4S 4 ? ? 2_555 1.52 
1498 1 C3 A G4S 2 ? ? 1_555 C2 A G4S 6 ? ? 3_556 1.52 
1499 1 C2 B G4S 2 ? ? 1_555 C3 B G4S 6 ? ? 3_556 1.52 
1500 1 C3 B G4S 4 ? ? 1_555 C2 B G4S 6 ? ? 2_555 1.52 
1501 1 C2 A G4S 2 ? ? 1_555 C3 A G4S 6 ? ? 3_556 1.52 
1502 1 C2 A G4S 4 ? ? 1_555 C3 A G4S 6 ? ? 2_555 1.52 
1503 1 C2 B G4S 2 ? ? 1_555 C3 B G4S 4 ? ? 2_555 1.52 
1504 1 C3 B G4S 2 ? ? 1_555 C2 B G4S 6 ? ? 3_556 1.52 
1505 1 C2 A G4S 2 ? ? 1_555 C3 A G4S 4 ? ? 2_555 1.52 
1506 1 C2 B G4S 4 ? ? 1_555 C3 B G4S 6 ? ? 2_555 1.52 
1507 1 C3 A G4S 4 ? ? 1_555 C2 A G4S 6 ? ? 2_555 1.52 
1508 1 C3 B G4S 2 ? ? 1_555 C2 B G4S 4 ? ? 2_555 1.52 
1509 1 C3 B G4S 2 ? ? 1_555 C4 B G4S 6 ? ? 3_556 1.52 
1510 1 C3 B G4S 4 ? ? 1_555 C4 B G4S 6 ? ? 2_555 1.52 
1511 1 C4 A G4S 4 ? ? 1_555 C3 A G4S 6 ? ? 2_555 1.52 
1512 1 C4 B G4S 2 ? ? 1_555 C3 B G4S 4 ? ? 2_555 1.52 
1513 1 C3 A G4S 2 ? ? 1_555 C4 A G4S 4 ? ? 2_555 1.52 
1514 1 C6 A DGS 1 ? ? 1_555 C5 B DGS 3 ? ? 3_555 1.52 
1515 1 C6 A DGS 1 ? ? 1_555 C5 B DGS 5 ? ? 1_556 1.52 
1516 1 C6 A DGS 3 ? ? 1_555 C5 B DGS 3 ? ? 2_554 1.52 
1517 1 C6 A DGS 3 ? ? 1_555 C5 B DGS 5 ? ? 3_555 1.52 
1518 1 C4 A G4S 2 ? ? 1_555 C3 A G4S 4 ? ? 2_555 1.52 
1519 1 C4 A G4S 2 ? ? 1_555 C3 A G4S 6 ? ? 3_556 1.52 
1520 1 C4 A G4S 2 ? ? 1_555 C5 A G4S 4 ? ? 2_555 1.52 
1521 1 C6 A DGS 5 ? ? 1_555 C5 B DGS 3 ? ? 1_554 1.52 
1522 1 C6 A DGS 5 ? ? 1_555 C5 B DGS 5 ? ? 2_554 1.52 
1523 1 C4 B G4S 4 ? ? 1_555 C5 B G4S 6 ? ? 2_555 1.52 
1524 1 C4 B G4S 2 ? ? 1_555 C3 B G4S 6 ? ? 3_556 1.52 
1525 1 C6 A DGS 1 ? ? 1_555 C5 B DGS 1 ? ? 2_554 1.52 
1526 1 C3 A G4S 4 ? ? 1_555 C4 A G4S 6 ? ? 2_555 1.52 
1527 1 C3 B G4S 2 ? ? 1_555 C4 B G4S 4 ? ? 2_555 1.52 
1528 1 C6 A DGS 3 ? ? 1_555 C5 B DGS 1 ? ? 1_554 1.52 
1529 1 C4 A G4S 2 ? ? 1_555 C5 A G4S 6 ? ? 3_556 1.52 
1530 1 C3 A G4S 2 ? ? 1_555 C4 A G4S 6 ? ? 3_556 1.52 
1531 1 C4 B G4S 2 ? ? 1_555 C5 B G4S 6 ? ? 3_556 1.52 
1532 1 C5 A G4S 4 ? ? 1_555 C4 A G4S 6 ? ? 2_555 1.52 
1533 1 C5 B G4S 2 ? ? 1_555 C4 B G4S 4 ? ? 2_555 1.52 
1534 1 C6 A DGS 5 ? ? 1_555 C5 B DGS 1 ? ? 3_553 1.52 
1535 1 C4 B G4S 4 ? ? 1_555 C3 B G4S 6 ? ? 2_555 1.52 
1536 1 C5 B G4S 2 ? ? 1_555 C4 B G4S 6 ? ? 3_556 1.52 
1537 1 C4 B G4S 2 ? ? 1_555 C5 B G4S 4 ? ? 2_555 1.52 
1538 1 C4 A G4S 4 ? ? 1_555 C5 A G4S 6 ? ? 2_555 1.52 
1539 1 C5 A G4S 2 ? ? 1_555 C4 A G4S 6 ? ? 3_556 1.52 
1540 1 C5 B G4S 4 ? ? 1_555 C4 B G4S 6 ? ? 2_555 1.52 
1541 1 C5 A G4S 2 ? ? 1_555 C4 A G4S 4 ? ? 2_555 1.52 
1542 1 C2 A G4S 2 ? ? 1_555 C1 A G4S 4 ? ? 2_555 1.53 
1543 1 C1 B G4S 2 ? ? 1_555 C2 B G4S 6 ? ? 3_556 1.53 
1544 1 C2 B G4S 4 ? ? 1_555 C1 B G4S 6 ? ? 2_555 1.53 
1545 1 C2 A G4S 2 ? ? 1_555 C1 A G4S 6 ? ? 3_556 1.53 
1546 1 C1 B G4S 4 ? ? 1_555 C2 B G4S 6 ? ? 2_555 1.53 
1547 1 C4 B DGS 1 ? ? 1_555 C5 B DGS 5 ? ? 3_556 1.53 
1548 1 C5 A DGS 1 ? ? 1_555 C4 A DGS 3 ? ? 2_555 1.53 
1549 1 C4 A DGS 1 ? ? 1_555 C5 A DGS 5 ? ? 3_556 1.53 
1550 1 C4 A DGS 1 ? ? 1_555 C5 A DGS 3 ? ? 2_555 1.53 
1551 1 C5 B DGS 1 ? ? 1_555 C4 B DGS 5 ? ? 3_556 1.53 
1552 1 C2 B G4S 2 ? ? 1_555 C1 B G4S 6 ? ? 3_556 1.53 
1553 1 C1 A G4S 4 ? ? 1_555 C2 A G4S 6 ? ? 2_555 1.53 
1554 1 C1 B G4S 2 ? ? 1_555 C2 B G4S 4 ? ? 2_555 1.53 
1555 1 C4 B DGS 3 ? ? 1_555 C5 B DGS 5 ? ? 2_555 1.53 
1556 1 C5 A DGS 1 ? ? 1_555 C4 A DGS 5 ? ? 3_556 1.53 
1557 1 C4 A DGS 3 ? ? 1_555 C5 A DGS 5 ? ? 2_555 1.53 
1558 1 C5 A DGS 3 ? ? 1_555 C4 A DGS 5 ? ? 2_555 1.53 
1559 1 C5 B DGS 1 ? ? 1_555 C4 B DGS 3 ? ? 2_555 1.53 
1560 1 C2 A G4S 4 ? ? 1_555 C1 A G4S 6 ? ? 2_555 1.53 
1561 1 C2 B G4S 2 ? ? 1_555 C1 B G4S 4 ? ? 2_555 1.53 
1562 1 C1 A G4S 2 ? ? 1_555 C2 A G4S 6 ? ? 3_556 1.53 
1563 1 C5 B DGS 3 ? ? 1_555 C4 B DGS 5 ? ? 2_555 1.53 
1564 1 C1 A G4S 2 ? ? 1_555 C2 A G4S 4 ? ? 2_555 1.53 
1565 1 C4 B DGS 1 ? ? 1_555 C5 B DGS 3 ? ? 2_555 1.53 
1566 1 S  A G4S 2 ? ? 1_555 O8 B G4S 6 ? ? 1_556 1.53 
1567 1 S  A G4S 2 ? ? 1_555 O8 B G4S 4 ? ? 3_555 1.53 
1568 1 S  A G4S 4 ? ? 1_555 O8 B G4S 6 ? ? 3_555 1.53 
1569 1 S  A G4S 4 ? ? 1_555 O8 B G4S 4 ? ? 2_554 1.53 
1570 1 S  A G4S 2 ? ? 1_555 O8 B G4S 2 ? ? 2_554 1.53 
1571 1 S  A G4S 6 ? ? 1_555 O8 B G4S 6 ? ? 2_554 1.53 
1572 1 S  A G4S 4 ? ? 1_555 O8 B G4S 2 ? ? 1_554 1.53 
1573 1 S  A G4S 6 ? ? 1_555 O8 B G4S 4 ? ? 1_554 1.53 
1574 1 S  A G4S 6 ? ? 1_555 O8 B G4S 2 ? ? 3_553 1.53 
1575 1 C4 A DGS 1 ? ? 1_555 C3 A DGS 3 ? ? 2_555 1.53 
1576 1 C3 B DGS 1 ? ? 1_555 C4 B DGS 5 ? ? 3_556 1.53 
1577 1 C3 A DGS 3 ? ? 1_555 C4 A DGS 5 ? ? 2_555 1.53 
1578 1 C3 B DGS 1 ? ? 1_555 C4 B DGS 3 ? ? 2_555 1.53 
1579 1 C4 B DGS 3 ? ? 1_555 C3 B DGS 5 ? ? 2_555 1.53 
1580 1 C3 A DGS 1 ? ? 1_555 C4 A DGS 5 ? ? 3_556 1.53 
1581 1 C4 A DGS 1 ? ? 1_555 C3 A DGS 5 ? ? 3_556 1.53 
1582 1 C3 B DGS 3 ? ? 1_555 C4 B DGS 5 ? ? 2_555 1.53 
1583 1 C4 B DGS 1 ? ? 1_555 C3 B DGS 5 ? ? 3_556 1.53 
1584 1 C3 A DGS 1 ? ? 1_555 C4 A DGS 3 ? ? 2_555 1.53 
1585 1 C3 A DGS 1 ? ? 1_555 C2 A DGS 5 ? ? 3_556 1.53 
1586 1 C4 A DGS 3 ? ? 1_555 C3 A DGS 5 ? ? 2_555 1.53 
1587 1 C4 B DGS 1 ? ? 1_555 C3 B DGS 3 ? ? 2_555 1.53 
1588 1 C3 B DGS 3 ? ? 1_555 C2 B DGS 5 ? ? 2_555 1.53 
1589 1 C2 A DGS 1 ? ? 1_555 C3 A DGS 5 ? ? 3_556 1.53 
1590 1 C3 A DGS 3 ? ? 1_555 C2 A DGS 5 ? ? 2_555 1.53 
1591 1 C2 B DGS 3 ? ? 1_555 C3 B DGS 5 ? ? 2_555 1.53 
1592 1 C2 B DGS 3 ? ? 1_555 C1 B DGS 5 ? ? 2_555 1.53 
1593 1 C3 B DGS 1 ? ? 1_555 C2 B DGS 5 ? ? 3_556 1.53 
1594 1 C2 A DGS 1 ? ? 1_555 C3 A DGS 3 ? ? 2_555 1.53 
1595 1 C2 A DGS 3 ? ? 1_555 C3 A DGS 5 ? ? 2_555 1.53 
1596 1 C2 B DGS 1 ? ? 1_555 C3 B DGS 3 ? ? 2_555 1.53 
1597 1 C3 A DGS 1 ? ? 1_555 C2 A DGS 3 ? ? 2_555 1.53 
1598 1 C2 B DGS 1 ? ? 1_555 C3 B DGS 5 ? ? 3_556 1.53 
1599 1 C1 B DGS 1 ? ? 1_555 C2 B DGS 3 ? ? 2_555 1.53 
1600 1 C3 B DGS 1 ? ? 1_555 C2 B DGS 3 ? ? 2_555 1.53 
1601 1 C1 A DGS 1 ? ? 1_555 C2 A DGS 5 ? ? 3_556 1.53 
1602 1 C2 B DGS 1 ? ? 1_555 C1 B DGS 5 ? ? 3_556 1.53 
1603 1 C1 A DGS 1 ? ? 1_555 C2 A DGS 3 ? ? 2_555 1.53 
1604 1 C2 A DGS 1 ? ? 1_555 C1 A DGS 3 ? ? 2_555 1.54 
1605 1 C1 B DGS 1 ? ? 1_555 C2 B DGS 5 ? ? 3_556 1.54 
1606 1 C1 A DGS 3 ? ? 1_555 C2 A DGS 5 ? ? 2_555 1.54 
1607 1 C2 A DGS 1 ? ? 1_555 C1 A DGS 5 ? ? 3_556 1.54 
1608 1 C1 B DGS 3 ? ? 1_555 C2 B DGS 5 ? ? 2_555 1.54 
1609 1 C2 B DGS 1 ? ? 1_555 C1 B DGS 3 ? ? 2_555 1.54 
1610 1 C2 A DGS 3 ? ? 1_555 C1 A DGS 5 ? ? 2_555 1.54 
1611 1 C5 A G4S 2 ? ? 1_555 C2 B DGS 3 ? ? 6_558 1.55 
1612 1 C5 A G4S 6 ? ? 1_555 C2 B DGS 3 ? ? 5_556 1.55 
1613 1 C5 A G4S 4 ? ? 1_555 C2 B DGS 3 ? ? 4_557 1.55 
1614 1 C5 A G4S 2 ? ? 1_555 C2 B DGS 5 ? ? 4_557 1.55 
1615 1 C5 A G4S 2 ? ? 1_555 C2 B DGS 1 ? ? 5_558 1.55 
1616 1 C2 A DGS 1 ? ? 1_555 C5 B G4S 4 ? ? 6_558 1.55 
1617 1 C5 A G4S 6 ? ? 1_555 C2 B DGS 5 ? ? 6_556 1.55 
1618 1 C5 A G4S 6 ? ? 1_555 C2 B DGS 1 ? ? 4_557 1.55 
1619 1 C2 A DGS 3 ? ? 1_555 C5 B G4S 4 ? ? 4_557 1.55 
1620 1 C2 A DGS 1 ? ? 1_555 C5 B G4S 2 ? ? 5_558 1.55 
1621 1 C5 A G4S 4 ? ? 1_555 C2 B DGS 5 ? ? 5_556 1.55 
1622 1 C2 A DGS 5 ? ? 1_555 C5 B G4S 4 ? ? 5_556 1.55 
1623 1 C2 A DGS 3 ? ? 1_555 C5 B G4S 2 ? ? 6_558 1.55 
1624 1 C5 A G4S 4 ? ? 1_555 C2 B DGS 1 ? ? 6_558 1.55 
1625 1 C2 A DGS 5 ? ? 1_555 C5 B G4S 2 ? ? 4_557 1.55 
1626 1 C2 A DGS 1 ? ? 1_555 C5 B G4S 6 ? ? 4_557 1.55 
1627 1 C2 A DGS 3 ? ? 1_555 C5 B G4S 6 ? ? 5_556 1.55 
1628 1 C2 A DGS 5 ? ? 1_555 C5 B G4S 6 ? ? 6_556 1.55 
1629 1 C3 A DGS 3 ? ? 1_555 C4 B DGS 5 ? ? 3_555 1.55 
1630 1 C3 A DGS 1 ? ? 1_555 C4 B DGS 5 ? ? 1_556 1.55 
1631 1 C3 A DGS 3 ? ? 1_555 C4 B DGS 3 ? ? 2_554 1.55 
1632 1 C3 A DGS 1 ? ? 1_555 C4 B DGS 3 ? ? 3_555 1.55 
1633 1 C3 A DGS 3 ? ? 1_555 C4 B DGS 1 ? ? 1_554 1.55 
1634 1 C3 A DGS 5 ? ? 1_555 C4 B DGS 5 ? ? 2_554 1.55 
1635 1 C3 A DGS 1 ? ? 1_555 C4 B DGS 1 ? ? 2_554 1.55 
1636 1 C3 A DGS 5 ? ? 1_555 C4 B DGS 3 ? ? 1_554 1.55 
1637 1 C3 A DGS 5 ? ? 1_555 C4 B DGS 1 ? ? 3_553 1.55 
1638 1 O8 A G4S 2 ? ? 1_555 O9 B G4S 4 ? ? 4_557 1.55 
1639 1 O9 A G4S 6 ? ? 1_555 O8 B G4S 6 ? ? 4_555 1.55 
1640 1 O9 A G4S 2 ? ? 1_555 O8 B G4S 6 ? ? 5_556 1.55 
1641 1 O8 A G4S 2 ? ? 1_555 O9 B G4S 2 ? ? 6_558 1.55 
1642 1 O9 A G4S 4 ? ? 1_555 O8 B G4S 6 ? ? 6_556 1.55 
1643 1 O8 A G4S 6 ? ? 1_555 O9 B G4S 4 ? ? 6_556 1.55 
1644 1 O9 A G4S 6 ? ? 1_555 O8 B G4S 4 ? ? 6_556 1.55 
1645 1 O8 A G4S 2 ? ? 1_555 O9 B G4S 6 ? ? 5_556 1.55 
1646 1 O9 A G4S 6 ? ? 1_555 O8 B G4S 2 ? ? 5_556 1.55 
1647 1 O8 A G4S 4 ? ? 1_555 O9 B G4S 4 ? ? 5_556 1.55 
1648 1 C4 A G4S 4 ? ? 1_555 C4 A G4S 4 ? ? 4_556 1.55 
1649 1 O9 A G4S 2 ? ? 1_555 O8 B G4S 4 ? ? 4_557 1.55 
1650 1 O9 A G4S 2 ? ? 1_555 O8 B G4S 2 ? ? 6_558 1.55 
1651 1 O9 A G4S 4 ? ? 1_555 O8 B G4S 4 ? ? 5_556 1.55 
1652 1 O8 A G4S 6 ? ? 1_555 O9 B G4S 2 ? ? 5_556 1.55 
1653 1 C4 A G4S 6 ? ? 1_555 C4 A G4S 6 ? ? 6_555 1.55 
1654 1 O9 A G4S 4 ? ? 1_555 O8 B G4S 2 ? ? 4_557 1.55 
1655 1 O8 A G4S 4 ? ? 1_555 O9 B G4S 2 ? ? 4_557 1.55 
1656 1 O8 A G4S 6 ? ? 1_555 O9 B G4S 6 ? ? 4_555 1.55 
1657 1 C4 A G4S 2 ? ? 1_555 C4 A G4S 2 ? ? 5_557 1.55 
1658 1 O8 A G4S 4 ? ? 1_555 O9 B G4S 6 ? ? 6_556 1.55 
1659 1 O2 B G4S 4 ? ? 1_555 O2 B DGS 5 ? ? 5_556 1.56 
1660 1 O2 B DGS 5 ? ? 1_555 O2 B G4S 6 ? ? 6_556 1.56 
1661 1 O2 B G4S 2 ? ? 1_555 O2 B DGS 5 ? ? 4_557 1.56 
1662 1 O2 B DGS 1 ? ? 1_555 O2 B G4S 4 ? ? 6_558 1.56 
1663 1 O2 B DGS 1 ? ? 1_555 O2 B G4S 6 ? ? 4_557 1.56 
1664 1 O2 B DGS 3 ? ? 1_555 O2 B G4S 4 ? ? 4_557 1.56 
1665 1 O2 B DGS 3 ? ? 1_555 O2 B G4S 6 ? ? 5_556 1.56 
1666 1 O2 B DGS 1 ? ? 1_555 O2 B G4S 2 ? ? 5_558 1.56 
1667 1 O2 B G4S 2 ? ? 1_555 O2 B DGS 3 ? ? 6_558 1.56 
1668 1 C2 A G4S 4 ? ? 1_555 C3 B G4S 6 ? ? 3_555 1.56 
1669 1 C2 A G4S 2 ? ? 1_555 C3 B G4S 6 ? ? 1_556 1.56 
1670 1 C6 A G4S 2 ? ? 1_555 C5 B G4S 4 ? ? 3_555 1.56 
1671 1 C6 A G4S 2 ? ? 1_555 C5 B G4S 6 ? ? 1_556 1.56 
1672 1 C2 A G4S 4 ? ? 1_555 C3 B G4S 4 ? ? 2_554 1.56 
1673 1 C2 A G4S 2 ? ? 1_555 C3 B G4S 4 ? ? 3_555 1.56 
1674 1 C2 A G4S 4 ? ? 1_555 C3 B G4S 2 ? ? 1_554 1.56 
1675 1 C2 A G4S 2 ? ? 1_555 C3 B G4S 2 ? ? 2_554 1.56 
1676 1 C6 A G4S 2 ? ? 1_555 C5 B G4S 2 ? ? 2_554 1.56 
1677 1 C6 A G4S 4 ? ? 1_555 C5 B G4S 4 ? ? 2_554 1.56 
1678 1 C6 A G4S 4 ? ? 1_555 C5 B G4S 6 ? ? 3_555 1.56 
1679 1 C2 A G4S 6 ? ? 1_555 C3 B G4S 6 ? ? 2_554 1.56 
1680 1 C2 A G4S 6 ? ? 1_555 C3 B G4S 4 ? ? 1_554 1.56 
1681 1 C6 A G4S 4 ? ? 1_555 C5 B G4S 2 ? ? 1_554 1.56 
1682 1 C6 A G4S 6 ? ? 1_555 C5 B G4S 4 ? ? 1_554 1.56 
1683 1 C2 A G4S 6 ? ? 1_555 C3 B G4S 2 ? ? 3_553 1.56 
1684 1 C6 A G4S 6 ? ? 1_555 C5 B G4S 6 ? ? 2_554 1.56 
1685 1 C6 A G4S 6 ? ? 1_555 C5 B G4S 2 ? ? 3_553 1.56 
1686 1 O9 A DGS 5 ? ? 1_555 S  B DGS 1 ? ? 3_553 1.56 
1687 1 O9 A DGS 5 ? ? 1_555 S  B DGS 5 ? ? 2_554 1.56 
1688 1 O9 A DGS 1 ? ? 1_555 S  B DGS 1 ? ? 2_554 1.56 
1689 1 O9 A DGS 1 ? ? 1_555 S  B DGS 5 ? ? 1_556 1.56 
1690 1 O9 A DGS 3 ? ? 1_555 S  B DGS 1 ? ? 1_554 1.56 
1691 1 O9 A DGS 5 ? ? 1_555 S  B DGS 3 ? ? 1_554 1.56 
1692 1 O9 A DGS 3 ? ? 1_555 S  B DGS 5 ? ? 3_555 1.56 
1693 1 O9 A DGS 1 ? ? 1_555 S  B DGS 3 ? ? 3_555 1.56 
1694 1 O9 A DGS 3 ? ? 1_555 S  B DGS 3 ? ? 2_554 1.56 
1695 1 C4 A G4S 4 ? ? 1_555 C3 B G4S 2 ? ? 1_554 1.56 
1696 1 C4 A G4S 4 ? ? 1_555 C3 B G4S 4 ? ? 2_554 1.56 
1697 1 C4 A G4S 2 ? ? 1_555 C3 B G4S 2 ? ? 2_554 1.56 
1698 1 C4 A G4S 2 ? ? 1_555 C3 B G4S 4 ? ? 3_555 1.56 
1699 1 C4 A G4S 4 ? ? 1_555 C3 B G4S 6 ? ? 3_555 1.56 
1700 1 C4 A G4S 6 ? ? 1_555 C3 B G4S 2 ? ? 3_553 1.56 
1701 1 C4 A G4S 6 ? ? 1_555 C3 B G4S 4 ? ? 1_554 1.56 
1702 1 C4 A G4S 2 ? ? 1_555 C3 B G4S 6 ? ? 1_556 1.56 
1703 1 C4 A G4S 6 ? ? 1_555 C3 B G4S 6 ? ? 2_554 1.56 
1704 1 S  A G4S 6 ? ? 1_555 O4 B G4S 6 ? ? 2_554 1.57 
1705 1 S  A G4S 4 ? ? 1_555 O4 B G4S 6 ? ? 3_555 1.57 
1706 1 S  A G4S 6 ? ? 1_555 O4 B G4S 2 ? ? 3_553 1.57 
1707 1 S  A G4S 4 ? ? 1_555 O4 B G4S 2 ? ? 1_554 1.57 
1708 1 S  A G4S 6 ? ? 1_555 O4 B G4S 4 ? ? 1_554 1.57 
1709 1 S  A G4S 4 ? ? 1_555 O4 B G4S 4 ? ? 2_554 1.57 
1710 1 S  A G4S 2 ? ? 1_555 O4 B G4S 6 ? ? 1_556 1.57 
1711 1 S  A G4S 2 ? ? 1_555 O4 B G4S 2 ? ? 2_554 1.57 
1712 1 S  A G4S 2 ? ? 1_555 O4 B G4S 4 ? ? 3_555 1.57 
1713 1 O2 A DGS 1 ? ? 1_555 O2 B G4S 6 ? ? 6_557 1.58 
1714 1 O2 A G4S 2 ? ? 1_555 O2 B DGS 5 ? ? 6_557 1.58 
1715 1 O2 A G4S 6 ? ? 1_555 O2 B DGS 5 ? ? 5_555 1.58 
1716 1 O2 A DGS 1 ? ? 1_555 O2 B G4S 4 ? ? 5_557 1.58 
1717 1 O2 A G4S 4 ? ? 1_555 O2 B DGS 5 ? ? 4_556 1.58 
1718 1 O2 A DGS 1 ? ? 1_555 O2 B G4S 2 ? ? 4_558 1.58 
1719 1 O2 A DGS 3 ? ? 1_555 O2 B G4S 6 ? ? 4_556 1.58 
1720 1 O2 A G4S 2 ? ? 1_555 O2 B DGS 1 ? ? 4_558 1.58 
1721 1 O2 A DGS 5 ? ? 1_555 O2 B G4S 6 ? ? 5_555 1.58 
1722 1 O2 A G4S 2 ? ? 1_555 O2 B DGS 3 ? ? 5_557 1.58 
1723 1 O2 A DGS 3 ? ? 1_555 O2 B G4S 4 ? ? 6_557 1.58 
1724 1 O2 A G4S 6 ? ? 1_555 O2 B DGS 1 ? ? 6_557 1.58 
1725 1 O2 A G4S 6 ? ? 1_555 O2 B DGS 3 ? ? 4_556 1.58 
1726 1 O2 A DGS 5 ? ? 1_555 O2 B G4S 4 ? ? 4_556 1.58 
1727 1 O2 A DGS 3 ? ? 1_555 O2 B G4S 2 ? ? 5_557 1.58 
1728 1 O2 A G4S 4 ? ? 1_555 O2 B DGS 1 ? ? 5_557 1.58 
1729 1 O2 A G4S 4 ? ? 1_555 O2 B DGS 3 ? ? 6_557 1.58 
1730 1 O2 A DGS 5 ? ? 1_555 O2 B G4S 2 ? ? 6_557 1.58 
1731 1 O2 A DGS 5 ? ? 1_555 S  B DGS 3 ? ? 1_554 1.58 
1732 1 O2 A DGS 3 ? ? 1_555 S  B DGS 3 ? ? 2_554 1.58 
1733 1 O2 A DGS 5 ? ? 1_555 S  B DGS 5 ? ? 2_554 1.58 
1734 1 O2 A DGS 3 ? ? 1_555 S  B DGS 5 ? ? 3_555 1.58 
1735 1 O2 A DGS 5 ? ? 1_555 S  B DGS 1 ? ? 3_553 1.58 
1736 1 O2 A DGS 3 ? ? 1_555 S  B DGS 1 ? ? 1_554 1.58 
1737 1 O2 A DGS 1 ? ? 1_555 S  B DGS 3 ? ? 3_555 1.58 
1738 1 O2 A DGS 1 ? ? 1_555 S  B DGS 5 ? ? 1_556 1.58 
1739 1 O2 A DGS 1 ? ? 1_555 S  B DGS 1 ? ? 2_554 1.58 
1740 1 C5 A DGS 1 ? ? 1_555 C4 B DGS 5 ? ? 1_556 1.59 
1741 1 C5 A DGS 5 ? ? 1_555 C4 B DGS 5 ? ? 2_554 1.59 
1742 1 C5 A DGS 1 ? ? 1_555 C4 B DGS 1 ? ? 2_554 1.59 
1743 1 C5 A DGS 3 ? ? 1_555 C4 B DGS 5 ? ? 3_555 1.59 
1744 1 C5 A DGS 1 ? ? 1_555 C4 B DGS 3 ? ? 3_555 1.59 
1745 1 C5 A DGS 5 ? ? 1_555 C4 B DGS 1 ? ? 3_553 1.59 
1746 1 C5 A DGS 3 ? ? 1_555 C4 B DGS 1 ? ? 1_554 1.59 
1747 1 C5 A DGS 5 ? ? 1_555 C4 B DGS 3 ? ? 1_554 1.59 
1748 1 C5 A DGS 3 ? ? 1_555 C4 B DGS 3 ? ? 2_554 1.59 
1749 1 C2 A DGS 5 ? ? 1_555 C3 B DGS 3 ? ? 1_554 1.60 
1750 1 C2 A DGS 5 ? ? 1_555 C3 B DGS 5 ? ? 2_554 1.60 
1751 1 C2 A DGS 1 ? ? 1_555 C3 B DGS 3 ? ? 3_555 1.60 
1752 1 C2 A DGS 1 ? ? 1_555 C3 B DGS 5 ? ? 1_556 1.60 
1753 1 C2 A DGS 5 ? ? 1_555 C3 B DGS 1 ? ? 3_553 1.60 
1754 1 C2 A DGS 1 ? ? 1_555 C3 B DGS 1 ? ? 2_554 1.60 
1755 1 C2 A DGS 3 ? ? 1_555 C3 B DGS 3 ? ? 2_554 1.60 
1756 1 C2 A DGS 3 ? ? 1_555 C3 B DGS 5 ? ? 3_555 1.60 
1757 1 C2 A DGS 3 ? ? 1_555 C3 B DGS 1 ? ? 1_554 1.60 
1758 1 C1 A DGS 1 ? ? 1_555 C2 B DGS 3 ? ? 3_555 1.60 
1759 1 C1 A DGS 3 ? ? 1_555 C2 B DGS 3 ? ? 2_554 1.60 
1760 1 O2 B DGS 1 ? ? 1_555 S  B DGS 3 ? ? 2_555 1.60 
1761 1 O2 A DGS 3 ? ? 1_555 S  A DGS 5 ? ? 2_555 1.60 
1762 1 C1 A DGS 5 ? ? 1_555 C2 B DGS 3 ? ? 1_554 1.60 
1763 1 O2 B DGS 3 ? ? 1_555 S  B DGS 5 ? ? 2_555 1.60 
1764 1 S  A DGS 1 ? ? 1_555 O2 A DGS 5 ? ? 3_556 1.60 
1765 1 C1 A DGS 1 ? ? 1_555 C2 B DGS 5 ? ? 1_556 1.60 
1766 1 O2 B DGS 1 ? ? 1_555 S  B DGS 5 ? ? 3_556 1.60 
1767 1 S  A DGS 1 ? ? 1_555 O2 A DGS 3 ? ? 2_555 1.60 
1768 1 C1 A DGS 1 ? ? 1_555 C2 B DGS 1 ? ? 2_554 1.60 
1769 1 S  A DGS 3 ? ? 1_555 O2 A DGS 5 ? ? 2_555 1.60 
1770 1 S  B DGS 1 ? ? 1_555 O2 B DGS 3 ? ? 2_555 1.60 
1771 1 C1 A DGS 3 ? ? 1_555 C2 B DGS 5 ? ? 3_555 1.60 
1772 1 O2 A DGS 1 ? ? 1_555 S  A DGS 5 ? ? 3_556 1.60 
1773 1 S  B DGS 3 ? ? 1_555 O2 B DGS 5 ? ? 2_555 1.60 
1774 1 C1 A DGS 3 ? ? 1_555 C2 B DGS 1 ? ? 1_554 1.60 
1775 1 C1 A DGS 5 ? ? 1_555 C2 B DGS 5 ? ? 2_554 1.60 
1776 1 C1 A DGS 5 ? ? 1_555 C2 B DGS 1 ? ? 3_553 1.60 
1777 1 S  B G4S 4 ? ? 1_555 O4 B G4S 6 ? ? 2_555 1.60 
1778 1 O4 A G4S 2 ? ? 1_555 S  A G4S 6 ? ? 3_556 1.60 
1779 1 S  B G4S 2 ? ? 1_555 O4 B G4S 6 ? ? 3_556 1.60 
1780 1 O4 A G4S 2 ? ? 1_555 S  A G4S 4 ? ? 2_555 1.60 
1781 1 O4 B G4S 2 ? ? 1_555 S  B G4S 4 ? ? 2_555 1.60 
1782 1 O4 A G4S 4 ? ? 1_555 S  A G4S 6 ? ? 2_555 1.60 
1783 1 O2 A DGS 1 ? ? 1_555 S  A DGS 3 ? ? 2_555 1.60 
1784 1 S  B DGS 1 ? ? 1_555 O2 B DGS 5 ? ? 3_556 1.60 
1785 1 S  A G4S 4 ? ? 1_555 O4 A G4S 6 ? ? 2_555 1.60 
1786 1 S  B G4S 2 ? ? 1_555 O4 B G4S 4 ? ? 2_555 1.60 
1787 1 C5 A G4S 4 ? ? 1_555 C4 B G4S 4 ? ? 2_554 1.60 
1788 1 C5 A G4S 6 ? ? 1_555 C4 B G4S 4 ? ? 1_554 1.60 
1789 1 S  A G4S 2 ? ? 1_555 O4 A G4S 4 ? ? 2_555 1.60 
1790 1 O4 B G4S 2 ? ? 1_555 S  B G4S 6 ? ? 3_556 1.60 
1791 1 C5 A G4S 4 ? ? 1_555 C4 B G4S 2 ? ? 1_554 1.60 
1792 1 S  A G4S 2 ? ? 1_555 O4 A G4S 6 ? ? 3_556 1.60 
1793 1 O4 B G4S 4 ? ? 1_555 S  B G4S 6 ? ? 2_555 1.60 
1794 1 C5 A G4S 4 ? ? 1_555 C4 B G4S 6 ? ? 3_555 1.60 
1795 1 C5 A G4S 6 ? ? 1_555 C4 B G4S 2 ? ? 3_553 1.60 
1796 1 C5 A G4S 2 ? ? 1_555 C4 B G4S 4 ? ? 3_555 1.60 
1797 1 C5 A G4S 6 ? ? 1_555 C4 B G4S 6 ? ? 2_554 1.60 
1798 1 C5 A G4S 2 ? ? 1_555 C4 B G4S 2 ? ? 2_554 1.60 
1799 1 C5 A G4S 2 ? ? 1_555 C4 B G4S 6 ? ? 1_556 1.60 
1800 1 O2 A DGS 1 ? ? 1_555 O2 A G4S 2 ? ? 6_558 1.60 
1801 1 O2 A DGS 1 ? ? 1_555 O2 A G4S 6 ? ? 5_556 1.60 
1802 1 O9 B G4S 4 ? ? 1_555 O8 B G4S 6 ? ? 4_556 1.60 
1803 1 O2 A DGS 1 ? ? 1_555 O2 A G4S 4 ? ? 4_557 1.60 
1804 1 O2 A G4S 2 ? ? 1_555 O2 A DGS 5 ? ? 5_556 1.60 
1805 1 O2 A G4S 2 ? ? 1_555 O2 A DGS 3 ? ? 4_557 1.60 
1806 1 O2 A DGS 5 ? ? 1_555 O2 A G4S 6 ? ? 4_555 1.60 
1807 1 O2 A DGS 3 ? ? 1_555 O2 A G4S 6 ? ? 6_556 1.60 
1808 1 O2 A G4S 4 ? ? 1_555 O2 A DGS 5 ? ? 6_556 1.60 
1809 1 O2 A DGS 3 ? ? 1_555 O2 A G4S 4 ? ? 5_556 1.60 
1810 1 O9 B G4S 2 ? ? 1_555 O8 B G4S 6 ? ? 6_557 1.60 
1811 1 C1 A G4S 4 ? ? 1_555 C2 B G4S 6 ? ? 3_555 1.60 
1812 1 O8 B G4S 4 ? ? 1_555 O9 B G4S 4 ? ? 6_557 1.60 
1813 1 C1 A G4S 6 ? ? 1_555 C2 B G4S 6 ? ? 2_554 1.60 
1814 1 O8 B G4S 6 ? ? 1_555 O9 B G4S 6 ? ? 5_555 1.60 
1815 1 O8 B G4S 2 ? ? 1_555 O9 B G4S 4 ? ? 5_557 1.60 
1816 1 C1 A G4S 4 ? ? 1_555 C2 B G4S 4 ? ? 2_554 1.60 
1817 1 C1 A G4S 2 ? ? 1_555 C2 B G4S 6 ? ? 1_556 1.60 
1818 1 C1 A G4S 6 ? ? 1_555 C2 B G4S 4 ? ? 1_554 1.60 
1819 1 O9 B G4S 2 ? ? 1_555 O8 B G4S 4 ? ? 5_557 1.60 
1820 1 C1 A G4S 4 ? ? 1_555 C2 B G4S 2 ? ? 1_554 1.60 
1821 1 O8 B G4S 2 ? ? 1_555 O9 B G4S 2 ? ? 4_558 1.60 
1822 1 C1 A G4S 6 ? ? 1_555 C2 B G4S 2 ? ? 3_553 1.60 
1823 1 O8 B G4S 4 ? ? 1_555 O9 B G4S 6 ? ? 4_556 1.60 
1824 1 C1 A G4S 2 ? ? 1_555 C2 B G4S 4 ? ? 3_555 1.60 
1825 1 O8 B G4S 2 ? ? 1_555 O9 B G4S 6 ? ? 6_557 1.60 
1826 1 C1 A G4S 2 ? ? 1_555 C2 B G4S 2 ? ? 2_554 1.60 
1827 1 C2 B DGS 3 ? ? 1_555 C5 B G4S 4 ? ? 5_557 1.62 
1828 1 C5 B G4S 2 ? ? 1_555 C2 B DGS 3 ? ? 4_558 1.62 
1829 1 C2 B DGS 3 ? ? 1_555 C5 B G4S 6 ? ? 6_557 1.62 
1830 1 C5 B G4S 4 ? ? 1_555 C2 B DGS 5 ? ? 6_557 1.62 
1831 1 C2 B DGS 1 ? ? 1_555 C5 B G4S 4 ? ? 4_558 1.62 
1832 1 C5 B G4S 2 ? ? 1_555 C2 B DGS 5 ? ? 5_557 1.62 
1833 1 C2 B DGS 1 ? ? 1_555 C5 B G4S 2 ? ? 6_559 1.62 
1834 1 C2 B DGS 5 ? ? 1_555 C5 B G4S 6 ? ? 4_556 1.62 
1835 1 C2 B DGS 1 ? ? 1_555 C5 B G4S 6 ? ? 5_557 1.62 
1836 1 S  A DGS 5 ? ? 1_555 O2 B DGS 3 ? ? 1_554 1.62 
1837 1 S  A DGS 5 ? ? 1_555 O2 B DGS 1 ? ? 3_553 1.62 
1838 1 S  A DGS 1 ? ? 1_555 O2 B DGS 3 ? ? 3_555 1.62 
1839 1 S  A DGS 1 ? ? 1_555 O2 B DGS 1 ? ? 2_554 1.62 
1840 1 S  A DGS 3 ? ? 1_555 O2 B DGS 3 ? ? 2_554 1.62 
1841 1 S  A DGS 5 ? ? 1_555 O2 B DGS 5 ? ? 2_554 1.62 
1842 1 S  A DGS 3 ? ? 1_555 O2 B DGS 1 ? ? 1_554 1.62 
1843 1 S  A DGS 1 ? ? 1_555 O2 B DGS 5 ? ? 1_556 1.62 
1844 1 S  A DGS 3 ? ? 1_555 O2 B DGS 5 ? ? 3_555 1.62 
1845 1 O4 A G4S 2 ? ? 1_555 S  B G4S 4 ? ? 3_555 1.63 
1846 1 O4 A G4S 2 ? ? 1_555 S  B G4S 2 ? ? 2_554 1.63 
1847 1 O4 A G4S 4 ? ? 1_555 S  B G4S 4 ? ? 2_554 1.63 
1848 1 O4 A G4S 4 ? ? 1_555 S  B G4S 2 ? ? 1_554 1.63 
1849 1 O4 A G4S 6 ? ? 1_555 S  B G4S 4 ? ? 1_554 1.63 
1850 1 O4 A G4S 6 ? ? 1_555 S  B G4S 2 ? ? 3_553 1.63 
1851 1 O4 A G4S 2 ? ? 1_555 S  B G4S 6 ? ? 1_556 1.63 
1852 1 O4 A G4S 4 ? ? 1_555 S  B G4S 6 ? ? 3_555 1.63 
1853 1 O4 A G4S 6 ? ? 1_555 S  B G4S 6 ? ? 2_554 1.63 
1854 1 C3 B G4S 6 ? ? 1_555 C4 B G4S 6 ? ? 5_555 1.63 
1855 1 C3 B G4S 2 ? ? 1_555 C4 B G4S 2 ? ? 4_558 1.63 
1856 1 C3 B G4S 4 ? ? 1_555 C4 B G4S 4 ? ? 6_557 1.63 
1857 1 C3 A G4S 4 ? ? 1_555 C4 A G4S 4 ? ? 4_556 1.69 
1858 1 C3 A G4S 6 ? ? 1_555 C4 A G4S 6 ? ? 6_555 1.69 
1859 1 C3 A G4S 2 ? ? 1_555 C4 A G4S 2 ? ? 5_557 1.69 
1860 1 C4 A G4S 2 ? ? 1_555 C1 A DGS 5 ? ? 6_557 1.71 
1861 1 C4 A G4S 2 ? ? 1_555 C1 A DGS 3 ? ? 5_557 1.71 
1862 1 C1 A DGS 5 ? ? 1_555 C4 A G4S 6 ? ? 5_555 1.71 
1863 1 C1 A DGS 1 ? ? 1_555 C4 A G4S 2 ? ? 4_558 1.71 
1864 1 C4 A G4S 4 ? ? 1_555 C1 A DGS 5 ? ? 4_556 1.71 
1865 1 C1 A DGS 3 ? ? 1_555 C4 A G4S 6 ? ? 4_556 1.71 
1866 1 C1 A DGS 3 ? ? 1_555 C4 A G4S 4 ? ? 6_557 1.71 
1867 1 C1 A DGS 1 ? ? 1_555 C4 A G4S 6 ? ? 6_557 1.71 
1868 1 C1 A DGS 1 ? ? 1_555 C4 A G4S 4 ? ? 5_557 1.71 
1869 1 C5 A DGS 3 ? ? 1_555 O4 A DGS 5 ? ? 4_556 1.72 
1870 1 C5 A DGS 5 ? ? 1_555 O4 A DGS 5 ? ? 5_555 1.72 
1871 1 C5 A DGS 3 ? ? 1_555 O4 A DGS 3 ? ? 6_557 1.72 
1872 1 O4 A DGS 3 ? ? 1_555 C5 A DGS 5 ? ? 4_556 1.72 
1873 1 C5 A DGS 1 ? ? 1_555 O4 A DGS 5 ? ? 6_557 1.72 
1874 1 O4 A DGS 1 ? ? 1_555 C5 A DGS 3 ? ? 5_557 1.72 
1875 1 O4 A DGS 1 ? ? 1_555 C5 A DGS 5 ? ? 6_557 1.72 
1876 1 C5 A DGS 1 ? ? 1_555 O4 A DGS 3 ? ? 5_557 1.72 
1877 1 C5 A DGS 1 ? ? 1_555 O4 A DGS 1 ? ? 4_558 1.72 
1878 1 C4 A G4S 2 ? ? 1_555 O3 A G4S 2 ? ? 5_557 1.74 
1879 1 C4 A G4S 2 ? ? 1_555 O3 A G4S 4 ? ? 6_557 1.74 
1880 1 O1 A DGS 1 ? ? 1_555 C4 A G4S 2 ? ? 4_558 1.74 
1881 1 C5 B DGS 3 ? ? 1_555 C5 B DGS 3 ? ? 5_557 1.74 
1882 1 C5 B DGS 1 ? ? 1_555 C5 B DGS 1 ? ? 6_559 1.74 
1883 1 O3 A G4S 2 ? ? 1_555 C4 A G4S 6 ? ? 4_556 1.74 
1884 1 O3 A G4S 2 ? ? 1_555 C4 A G4S 4 ? ? 6_557 1.74 
1885 1 C5 B DGS 5 ? ? 1_555 C5 B DGS 5 ? ? 4_556 1.74 
1886 1 O3 A G4S 4 ? ? 1_555 C4 A G4S 6 ? ? 5_555 1.74 
1887 1 C4 A G4S 4 ? ? 1_555 O3 A G4S 4 ? ? 4_556 1.74 
1888 1 O1 A DGS 1 ? ? 1_555 C4 A G4S 6 ? ? 6_557 1.74 
1889 1 O1 A DGS 1 ? ? 1_555 C4 A G4S 4 ? ? 5_557 1.74 
1890 1 C1 B DGS 5 ? ? 1_555 C6 B G4S 6 ? ? 4_556 1.75 
1891 1 C1 B DGS 1 ? ? 1_555 C6 B G4S 6 ? ? 5_557 1.75 
1892 1 C1 B DGS 3 ? ? 1_555 C6 B G4S 6 ? ? 6_557 1.75 
1893 1 C6 B G4S 2 ? ? 1_555 C1 B DGS 5 ? ? 5_557 1.75 
1894 1 C1 B DGS 1 ? ? 1_555 C6 B G4S 2 ? ? 6_559 1.75 
1895 1 C6 B G4S 4 ? ? 1_555 C1 B DGS 5 ? ? 6_557 1.75 
1896 1 C6 B G4S 2 ? ? 1_555 C1 B DGS 3 ? ? 4_558 1.75 
1897 1 C1 B DGS 1 ? ? 1_555 C6 B G4S 4 ? ? 4_558 1.75 
1898 1 C1 B DGS 3 ? ? 1_555 C6 B G4S 4 ? ? 5_557 1.75 
1899 1 O5 A G4S 2 ? ? 1_555 C6 A DGS 3 ? ? 5_557 1.76 
1900 1 C6 A DGS 3 ? ? 1_555 O5 A G4S 6 ? ? 4_556 1.76 
1901 1 C6 A DGS 1 ? ? 1_555 O5 A G4S 2 ? ? 4_558 1.76 
1902 1 C6 A DGS 3 ? ? 1_555 O5 A G4S 4 ? ? 6_557 1.76 
1903 1 C6 A DGS 1 ? ? 1_555 O5 A G4S 6 ? ? 6_557 1.76 
1904 1 O5 A G4S 2 ? ? 1_555 C6 A DGS 5 ? ? 6_557 1.76 
1905 1 C6 A DGS 5 ? ? 1_555 O5 A G4S 6 ? ? 5_555 1.76 
1906 1 C6 A DGS 1 ? ? 1_555 O5 A G4S 4 ? ? 5_557 1.76 
1907 1 O5 A G4S 4 ? ? 1_555 C6 A DGS 5 ? ? 4_556 1.76 
1908 1 C1 A G4S 2 ? ? 1_555 C5 A DGS 3 ? ? 5_557 1.76 
1909 1 C5 A DGS 3 ? ? 1_555 C1 A G4S 6 ? ? 4_556 1.76 
1910 1 C5 A DGS 1 ? ? 1_555 C1 A G4S 2 ? ? 4_558 1.76 
1911 1 C5 A DGS 3 ? ? 1_555 C1 A G4S 4 ? ? 6_557 1.76 
1912 1 C5 A DGS 1 ? ? 1_555 C1 A G4S 6 ? ? 6_557 1.76 
1913 1 C1 A G4S 2 ? ? 1_555 C5 A DGS 5 ? ? 6_557 1.76 
1914 1 C5 A DGS 5 ? ? 1_555 C1 A G4S 6 ? ? 5_555 1.76 
1915 1 C5 A DGS 1 ? ? 1_555 C1 A G4S 4 ? ? 5_557 1.76 
1916 1 C1 A G4S 4 ? ? 1_555 C5 A DGS 5 ? ? 4_556 1.76 
1917 1 O4 A DGS 5 ? ? 1_555 C5 B DGS 3 ? ? 5_556 1.77 
1918 1 O4 A DGS 3 ? ? 1_555 C5 B DGS 3 ? ? 4_557 1.77 
1919 1 O4 A DGS 5 ? ? 1_555 C5 B DGS 1 ? ? 4_557 1.77 
1920 1 C5 A DGS 3 ? ? 1_555 O4 B DGS 3 ? ? 4_557 1.77 
1921 1 C5 A DGS 5 ? ? 1_555 O4 B DGS 3 ? ? 5_556 1.77 
1922 1 O4 A DGS 1 ? ? 1_555 C5 B DGS 3 ? ? 6_558 1.77 
1923 1 O4 A DGS 3 ? ? 1_555 C5 B DGS 1 ? ? 6_558 1.77 
1924 1 C5 A DGS 3 ? ? 1_555 O4 B DGS 1 ? ? 6_558 1.77 
1925 1 C5 A DGS 5 ? ? 1_555 O4 B DGS 1 ? ? 4_557 1.77 
1926 1 C5 A DGS 1 ? ? 1_555 O4 B DGS 3 ? ? 6_558 1.77 
1927 1 O4 A DGS 5 ? ? 1_555 C5 B DGS 5 ? ? 6_556 1.77 
1928 1 O4 A DGS 1 ? ? 1_555 C5 B DGS 1 ? ? 5_558 1.77 
1929 1 C5 A DGS 3 ? ? 1_555 O4 B DGS 5 ? ? 5_556 1.77 
1930 1 C5 A DGS 5 ? ? 1_555 O4 B DGS 5 ? ? 6_556 1.77 
1931 1 C5 A DGS 1 ? ? 1_555 O4 B DGS 1 ? ? 5_558 1.77 
1932 1 O4 A DGS 3 ? ? 1_555 C5 B DGS 5 ? ? 5_556 1.77 
1933 1 O4 A DGS 1 ? ? 1_555 C5 B DGS 5 ? ? 4_557 1.77 
1934 1 C5 A DGS 1 ? ? 1_555 O4 B DGS 5 ? ? 4_557 1.77 
1935 1 C4 A G4S 2 ? ? 1_555 O1 B DGS 1 ? ? 5_558 1.78 
1936 1 C4 A G4S 2 ? ? 1_555 O3 B G4S 2 ? ? 6_558 1.78 
1937 1 C4 A G4S 2 ? ? 1_555 O3 B G4S 4 ? ? 4_557 1.78 
1938 1 O3 A G4S 2 ? ? 1_555 C4 B G4S 6 ? ? 5_556 1.78 
1939 1 O3 A G4S 2 ? ? 1_555 C4 B G4S 4 ? ? 4_557 1.78 
1940 1 C4 A G4S 6 ? ? 1_555 O1 B DGS 1 ? ? 4_557 1.78 
1941 1 O3 A G4S 2 ? ? 1_555 C4 B G4S 2 ? ? 6_558 1.78 
1942 1 C4 A G4S 4 ? ? 1_555 O1 B DGS 1 ? ? 6_558 1.78 
1943 1 O3 A G4S 4 ? ? 1_555 C4 B G4S 6 ? ? 6_556 1.78 
1944 1 O1 A DGS 1 ? ? 1_555 C4 B G4S 6 ? ? 4_557 1.78 
1945 1 C4 A G4S 6 ? ? 1_555 O3 B G4S 2 ? ? 5_556 1.78 
1946 1 O3 A G4S 4 ? ? 1_555 C4 B G4S 4 ? ? 5_556 1.78 
1947 1 O1 A DGS 1 ? ? 1_555 C4 B G4S 4 ? ? 6_558 1.78 
1948 1 C4 A G4S 6 ? ? 1_555 O3 B G4S 4 ? ? 6_556 1.78 
1949 1 O3 A G4S 4 ? ? 1_555 C4 B G4S 2 ? ? 4_557 1.78 
1950 1 C4 A G4S 4 ? ? 1_555 O3 B G4S 2 ? ? 4_557 1.78 
1951 1 O1 A DGS 1 ? ? 1_555 C4 B G4S 2 ? ? 5_558 1.78 
1952 1 C4 A G4S 4 ? ? 1_555 O3 B G4S 4 ? ? 5_556 1.78 
1953 1 C4 A G4S 2 ? ? 1_555 C1 B DGS 3 ? ? 6_558 1.78 
1954 1 C4 A G4S 2 ? ? 1_555 C1 B DGS 1 ? ? 5_558 1.78 
1955 1 C4 A G4S 6 ? ? 1_555 C1 B DGS 3 ? ? 5_556 1.78 
1956 1 C1 A DGS 5 ? ? 1_555 C4 B G4S 4 ? ? 5_556 1.78 
1957 1 C4 A G4S 2 ? ? 1_555 C1 B DGS 5 ? ? 4_557 1.78 
1958 1 C1 A DGS 5 ? ? 1_555 C4 B G4S 2 ? ? 4_557 1.78 
1959 1 C4 A G4S 4 ? ? 1_555 C1 B DGS 3 ? ? 4_557 1.78 
1960 1 C1 A DGS 3 ? ? 1_555 C4 B G4S 4 ? ? 4_557 1.78 
1961 1 C4 A G4S 6 ? ? 1_555 C1 B DGS 1 ? ? 4_557 1.78 
1962 1 C1 A DGS 5 ? ? 1_555 C4 B G4S 6 ? ? 6_556 1.78 
1963 1 C1 A DGS 3 ? ? 1_555 C4 B G4S 2 ? ? 6_558 1.78 
1964 1 C4 A G4S 4 ? ? 1_555 C1 B DGS 1 ? ? 6_558 1.78 
1965 1 C1 A DGS 1 ? ? 1_555 C4 B G4S 4 ? ? 6_558 1.78 
1966 1 C4 A G4S 6 ? ? 1_555 C1 B DGS 5 ? ? 6_556 1.78 
1967 1 C1 A DGS 3 ? ? 1_555 C4 B G4S 6 ? ? 5_556 1.78 
1968 1 C1 A DGS 1 ? ? 1_555 C4 B G4S 2 ? ? 5_558 1.78 
1969 1 C4 A G4S 4 ? ? 1_555 C1 B DGS 5 ? ? 5_556 1.78 
1970 1 C6 A G4S 2 ? ? 1_555 C1 B DGS 5 ? ? 4_557 1.78 
1971 1 C1 A DGS 1 ? ? 1_555 C6 B G4S 6 ? ? 4_557 1.78 
1972 1 C1 A DGS 1 ? ? 1_555 C4 B G4S 6 ? ? 4_557 1.78 
1973 1 C1 A DGS 3 ? ? 1_555 C6 B G4S 6 ? ? 5_556 1.78 
1974 1 C6 A G4S 2 ? ? 1_555 C1 B DGS 1 ? ? 5_558 1.78 
1975 1 C1 A DGS 5 ? ? 1_555 C6 B G4S 6 ? ? 6_556 1.78 
1976 1 C6 A G4S 2 ? ? 1_555 C1 B DGS 3 ? ? 6_558 1.78 
1977 1 C6 A G4S 4 ? ? 1_555 C1 B DGS 5 ? ? 5_556 1.78 
1978 1 C1 A DGS 1 ? ? 1_555 C6 B G4S 2 ? ? 5_558 1.78 
1979 1 C6 A G4S 4 ? ? 1_555 C1 B DGS 1 ? ? 6_558 1.78 
1980 1 C1 A DGS 3 ? ? 1_555 C6 B G4S 2 ? ? 6_558 1.78 
1981 1 C6 A G4S 6 ? ? 1_555 C1 B DGS 5 ? ? 6_556 1.78 
1982 1 C1 A DGS 1 ? ? 1_555 C6 B G4S 4 ? ? 6_558 1.78 
1983 1 C6 A G4S 4 ? ? 1_555 C1 B DGS 3 ? ? 4_557 1.78 
1984 1 C1 A DGS 5 ? ? 1_555 C6 B G4S 2 ? ? 4_557 1.78 
1985 1 C6 A G4S 6 ? ? 1_555 C1 B DGS 1 ? ? 4_557 1.78 
1986 1 C1 A DGS 3 ? ? 1_555 C6 B G4S 4 ? ? 4_557 1.78 
1987 1 C1 A DGS 5 ? ? 1_555 C6 B G4S 4 ? ? 5_556 1.78 
1988 1 C6 A G4S 6 ? ? 1_555 C1 B DGS 3 ? ? 5_556 1.78 
1989 1 O2 A G4S 4 ? ? 1_555 C4 A DGS 5 ? ? 6_556 1.79 
1990 1 C4 A DGS 5 ? ? 1_555 O2 A G4S 6 ? ? 4_555 1.79 
1991 1 C4 A DGS 1 ? ? 1_555 O2 A G4S 4 ? ? 4_557 1.79 
1992 1 C4 A DGS 1 ? ? 1_555 O2 A G4S 6 ? ? 5_556 1.79 
1993 1 O2 A G4S 2 ? ? 1_555 C4 A DGS 5 ? ? 5_556 1.79 
1994 1 C4 A DGS 3 ? ? 1_555 O2 A G4S 4 ? ? 5_556 1.79 
1995 1 C4 A DGS 3 ? ? 1_555 O2 A G4S 6 ? ? 6_556 1.79 
1996 1 C4 A DGS 1 ? ? 1_555 O2 A G4S 2 ? ? 6_558 1.79 
1997 1 O2 A G4S 2 ? ? 1_555 C4 A DGS 3 ? ? 4_557 1.79 
1998 1 O5 A G4S 2 ? ? 1_555 C6 B DGS 1 ? ? 5_558 1.80 
1999 1 C6 A DGS 3 ? ? 1_555 O5 B G4S 6 ? ? 5_556 1.80 
2000 1 O5 A G4S 6 ? ? 1_555 C6 B DGS 1 ? ? 4_557 1.80 
2001 1 C6 A DGS 3 ? ? 1_555 O5 B G4S 4 ? ? 4_557 1.80 
2002 1 O5 A G4S 2 ? ? 1_555 C6 B DGS 5 ? ? 4_557 1.80 
2003 1 C6 A DGS 1 ? ? 1_555 O5 B G4S 6 ? ? 4_557 1.80 
2004 1 C6 A DGS 3 ? ? 1_555 O5 B G4S 2 ? ? 6_558 1.80 
2005 1 O5 A G4S 4 ? ? 1_555 C6 B DGS 1 ? ? 6_558 1.80 
2006 1 C6 A DGS 1 ? ? 1_555 O5 B G4S 4 ? ? 6_558 1.80 
2007 1 O5 A G4S 6 ? ? 1_555 C6 B DGS 5 ? ? 6_556 1.80 
2008 1 O5 A G4S 2 ? ? 1_555 C6 B DGS 3 ? ? 6_558 1.80 
2009 1 C6 A DGS 5 ? ? 1_555 O5 B G4S 6 ? ? 6_556 1.80 
2010 1 O5 A G4S 6 ? ? 1_555 C6 B DGS 3 ? ? 5_556 1.80 
2011 1 C6 A DGS 5 ? ? 1_555 O5 B G4S 4 ? ? 5_556 1.80 
2012 1 O5 A DGS 1 ? ? 1_555 C5 A G4S 6 ? ? 6_557 1.80 
2013 1 C6 A DGS 1 ? ? 1_555 O5 B G4S 2 ? ? 5_558 1.80 
2014 1 O5 A G4S 4 ? ? 1_555 C6 B DGS 5 ? ? 5_556 1.80 
2015 1 O5 A DGS 3 ? ? 1_555 C5 A G4S 6 ? ? 4_556 1.80 
2016 1 O5 A G4S 4 ? ? 1_555 C6 B DGS 3 ? ? 4_557 1.80 
2017 1 C6 A DGS 5 ? ? 1_555 O5 B G4S 2 ? ? 4_557 1.80 
2018 1 O5 A DGS 1 ? ? 1_555 C5 A G4S 4 ? ? 5_557 1.80 
2019 1 O5 A DGS 3 ? ? 1_555 C5 A G4S 4 ? ? 6_557 1.80 
2020 1 O5 A DGS 1 ? ? 1_555 C5 A G4S 2 ? ? 4_558 1.80 
2021 1 C5 A G4S 2 ? ? 1_555 O5 A DGS 3 ? ? 5_557 1.80 
2022 1 O5 A DGS 5 ? ? 1_555 C5 A G4S 6 ? ? 5_555 1.80 
2023 1 C5 A G4S 4 ? ? 1_555 O5 A DGS 5 ? ? 4_556 1.80 
2024 1 C5 A G4S 2 ? ? 1_555 O5 A DGS 5 ? ? 6_557 1.80 
2025 1 O1 B DGS 1 ? ? 1_555 C4 B G4S 6 ? ? 5_557 1.81 
2026 1 O1 B DGS 1 ? ? 1_555 C4 B G4S 4 ? ? 4_558 1.81 
2027 1 O1 B DGS 1 ? ? 1_555 C4 B G4S 2 ? ? 6_559 1.81 
2028 1 O3 B G4S 2 ? ? 1_555 C4 B G4S 6 ? ? 6_557 1.81 
2029 1 O3 B G4S 4 ? ? 1_555 C4 B G4S 6 ? ? 4_556 1.81 
2030 1 O3 B G4S 2 ? ? 1_555 C4 B G4S 4 ? ? 5_557 1.81 
2031 1 C4 B G4S 4 ? ? 1_555 O3 B G4S 4 ? ? 6_557 1.81 
2032 1 C4 B G4S 2 ? ? 1_555 O3 B G4S 2 ? ? 4_558 1.81 
2033 1 C4 B G4S 2 ? ? 1_555 O3 B G4S 4 ? ? 5_557 1.81 
2034 1 C1 A DGS 1 ? ? 1_555 C6 A G4S 2 ? ? 4_558 1.81 
2035 1 C6 A G4S 2 ? ? 1_555 C1 A DGS 3 ? ? 5_557 1.81 
2036 1 C1 A DGS 1 ? ? 1_555 C6 A G4S 4 ? ? 5_557 1.81 
2037 1 C6 A G4S 2 ? ? 1_555 C1 A DGS 5 ? ? 6_557 1.81 
2038 1 C1 A DGS 3 ? ? 1_555 C6 A G4S 4 ? ? 6_557 1.81 
2039 1 C1 A DGS 1 ? ? 1_555 C6 A G4S 6 ? ? 6_557 1.81 
2040 1 C6 A G4S 4 ? ? 1_555 C1 A DGS 5 ? ? 4_556 1.81 
2041 1 C1 A DGS 3 ? ? 1_555 C6 A G4S 6 ? ? 4_556 1.81 
2042 1 C1 A DGS 5 ? ? 1_555 C6 A G4S 6 ? ? 5_555 1.81 
2043 1 C4 A DGS 5 ? ? 1_555 O2 B G4S 4 ? ? 4_556 1.82 
2044 1 O2 A G4S 6 ? ? 1_555 C4 B DGS 3 ? ? 4_556 1.82 
2045 1 O2 A G4S 4 ? ? 1_555 C4 B DGS 3 ? ? 6_557 1.82 
2046 1 C4 A DGS 5 ? ? 1_555 O2 B G4S 2 ? ? 6_557 1.82 
2047 1 C5 B DGS 3 ? ? 1_555 O4 B DGS 3 ? ? 5_557 1.82 
2048 1 O4 B DGS 1 ? ? 1_555 C5 B DGS 3 ? ? 4_558 1.82 
2049 1 C4 A DGS 1 ? ? 1_555 O2 B G4S 4 ? ? 5_557 1.82 
2050 1 O2 A G4S 6 ? ? 1_555 C4 B DGS 5 ? ? 5_555 1.82 
2051 1 C4 A DGS 1 ? ? 1_555 O2 B G4S 2 ? ? 4_558 1.82 
2052 1 O2 A G4S 4 ? ? 1_555 C4 B DGS 5 ? ? 4_556 1.82 
2053 1 O2 A G4S 2 ? ? 1_555 C4 B DGS 3 ? ? 5_557 1.82 
2054 1 C4 A DGS 5 ? ? 1_555 O2 B G4S 6 ? ? 5_555 1.82 
2055 1 C5 B DGS 1 ? ? 1_555 O4 B DGS 3 ? ? 4_558 1.82 
2056 1 C5 B DGS 3 ? ? 1_555 O4 B DGS 5 ? ? 6_557 1.82 
2057 1 O2 A G4S 6 ? ? 1_555 C4 B DGS 1 ? ? 6_557 1.82 
2058 1 C4 A DGS 3 ? ? 1_555 O2 B G4S 4 ? ? 6_557 1.82 
2059 1 O2 A G4S 4 ? ? 1_555 C4 B DGS 1 ? ? 5_557 1.82 
2060 1 C4 A DGS 3 ? ? 1_555 O2 B G4S 2 ? ? 5_557 1.82 
2061 1 C5 B DGS 1 ? ? 1_555 O4 B DGS 1 ? ? 6_559 1.82 
2062 1 O2 A G4S 2 ? ? 1_555 C4 B DGS 5 ? ? 6_557 1.82 
2063 1 C4 A DGS 1 ? ? 1_555 O2 B G4S 6 ? ? 6_557 1.82 
2064 1 O4 B DGS 3 ? ? 1_555 C5 B DGS 5 ? ? 6_557 1.82 
2065 1 C5 B DGS 1 ? ? 1_555 O4 B DGS 5 ? ? 5_557 1.82 
2066 1 O2 A G4S 2 ? ? 1_555 C4 B DGS 1 ? ? 4_558 1.82 
2067 1 C4 A DGS 3 ? ? 1_555 O2 B G4S 6 ? ? 4_556 1.82 
2068 1 O4 B DGS 1 ? ? 1_555 C5 B DGS 5 ? ? 5_557 1.82 
2069 1 C5 B DGS 5 ? ? 1_555 O4 B DGS 5 ? ? 4_556 1.82 
2070 1 O5 A DGS 1 ? ? 1_555 C5 B G4S 4 ? ? 6_558 1.82 
2071 1 C5 A G4S 6 ? ? 1_555 O5 B DGS 1 ? ? 4_557 1.82 
2072 1 O5 A DGS 3 ? ? 1_555 C5 B G4S 4 ? ? 4_557 1.82 
2073 1 O5 A DGS 1 ? ? 1_555 C5 B G4S 2 ? ? 5_558 1.82 
2074 1 C5 A G4S 4 ? ? 1_555 O5 B DGS 1 ? ? 6_558 1.82 
2075 1 O5 A DGS 3 ? ? 1_555 C5 B G4S 2 ? ? 6_558 1.82 
2076 1 C5 A G4S 6 ? ? 1_555 O5 B DGS 5 ? ? 6_556 1.82 
2077 1 C5 A G4S 2 ? ? 1_555 O5 B DGS 1 ? ? 5_558 1.82 
2078 1 C5 A G4S 4 ? ? 1_555 O5 B DGS 5 ? ? 5_556 1.82 
2079 1 C5 A G4S 6 ? ? 1_555 O5 B DGS 3 ? ? 5_556 1.82 
2080 1 O5 A DGS 5 ? ? 1_555 C5 B G4S 4 ? ? 5_556 1.82 
2081 1 C5 A G4S 2 ? ? 1_555 O5 B DGS 5 ? ? 4_557 1.82 
2082 1 O5 A DGS 1 ? ? 1_555 C5 B G4S 6 ? ? 4_557 1.82 
2083 1 C5 A G4S 4 ? ? 1_555 O5 B DGS 3 ? ? 4_557 1.82 
2084 1 O5 A DGS 5 ? ? 1_555 C5 B G4S 2 ? ? 4_557 1.82 
2085 1 O5 A DGS 3 ? ? 1_555 C5 B G4S 6 ? ? 5_556 1.82 
2086 1 C5 A G4S 2 ? ? 1_555 O5 B DGS 3 ? ? 6_558 1.82 
2087 1 O5 A DGS 5 ? ? 1_555 C5 B G4S 6 ? ? 6_556 1.82 
2088 1 C1 A G4S 2 ? ? 1_555 C5 B DGS 3 ? ? 6_558 1.84 
2089 1 C1 A G4S 2 ? ? 1_555 C5 B DGS 1 ? ? 5_558 1.84 
2090 1 C1 A G4S 6 ? ? 1_555 C5 B DGS 3 ? ? 5_556 1.84 
2091 1 C1 A G4S 6 ? ? 1_555 C5 B DGS 1 ? ? 4_557 1.84 
2092 1 C5 A DGS 3 ? ? 1_555 C1 B G4S 4 ? ? 4_557 1.84 
2093 1 C1 A G4S 4 ? ? 1_555 C5 B DGS 3 ? ? 4_557 1.84 
2094 1 C1 A G4S 2 ? ? 1_555 C5 B DGS 5 ? ? 4_557 1.84 
2095 1 C1 A G4S 4 ? ? 1_555 C5 B DGS 1 ? ? 6_558 1.84 
2096 1 C5 A DGS 3 ? ? 1_555 C1 B G4S 2 ? ? 6_558 1.84 
2097 1 C5 A DGS 1 ? ? 1_555 C1 B G4S 4 ? ? 6_558 1.84 
2098 1 C1 A G4S 6 ? ? 1_555 C5 B DGS 5 ? ? 6_556 1.84 
2099 1 C5 A DGS 3 ? ? 1_555 C1 B G4S 6 ? ? 5_556 1.84 
2100 1 C5 A DGS 5 ? ? 1_555 C1 B G4S 4 ? ? 5_556 1.84 
2101 1 C5 A DGS 1 ? ? 1_555 C1 B G4S 2 ? ? 5_558 1.84 
2102 1 C1 A G4S 4 ? ? 1_555 C5 B DGS 5 ? ? 5_556 1.84 
2103 1 C5 A DGS 5 ? ? 1_555 C1 B G4S 2 ? ? 4_557 1.84 
2104 1 C5 A DGS 1 ? ? 1_555 C1 B G4S 6 ? ? 4_557 1.84 
2105 1 C5 A DGS 5 ? ? 1_555 C1 B G4S 6 ? ? 6_556 1.84 
2106 1 C4 B DGS 3 ? ? 1_555 O2 B G4S 4 ? ? 4_557 1.84 
2107 1 O2 B G4S 2 ? ? 1_555 C4 B DGS 3 ? ? 6_558 1.84 
2108 1 O2 B G4S 4 ? ? 1_555 C4 B DGS 5 ? ? 5_556 1.85 
2109 1 O2 B G4S 2 ? ? 1_555 C4 B DGS 5 ? ? 4_557 1.85 
2110 1 C4 B DGS 3 ? ? 1_555 O2 B G4S 6 ? ? 5_556 1.85 
2111 1 C4 B DGS 1 ? ? 1_555 O2 B G4S 4 ? ? 6_558 1.85 
2112 1 C4 B DGS 1 ? ? 1_555 O2 B G4S 2 ? ? 5_558 1.85 
2113 1 C4 B DGS 5 ? ? 1_555 O2 B G4S 6 ? ? 6_556 1.85 
2114 1 C4 B DGS 1 ? ? 1_555 O2 B G4S 6 ? ? 4_557 1.85 
2115 1 O5 B DGS 1 ? ? 1_555 C5 B G4S 4 ? ? 4_558 1.85 
2116 1 O5 B DGS 1 ? ? 1_555 C5 B G4S 2 ? ? 6_559 1.85 
2117 1 C5 B G4S 4 ? ? 1_555 O5 B DGS 5 ? ? 6_557 1.85 
2118 1 O5 B DGS 3 ? ? 1_555 C5 B G4S 4 ? ? 5_557 1.85 
2119 1 C5 B G4S 2 ? ? 1_555 O5 B DGS 5 ? ? 5_557 1.85 
2120 1 C5 B G4S 2 ? ? 1_555 O5 B DGS 3 ? ? 4_558 1.85 
2121 1 O5 B DGS 1 ? ? 1_555 C5 B G4S 6 ? ? 5_557 1.85 
2122 1 O5 B DGS 5 ? ? 1_555 C5 B G4S 6 ? ? 4_556 1.85 
2123 1 O5 B DGS 3 ? ? 1_555 C5 B G4S 6 ? ? 6_557 1.85 
2124 1 O6 B G4S 2 ? ? 1_555 O3 B DGS 3 ? ? 4_558 1.85 
2125 1 O3 B DGS 3 ? ? 1_555 O6 B G4S 6 ? ? 6_557 1.85 
2126 1 O3 B DGS 3 ? ? 1_555 O6 B G4S 4 ? ? 5_557 1.85 
2127 1 O3 B DGS 1 ? ? 1_555 O6 B G4S 2 ? ? 6_559 1.85 
2128 1 O3 B DGS 1 ? ? 1_555 O6 B G4S 6 ? ? 5_557 1.85 
2129 1 O6 B G4S 2 ? ? 1_555 O3 B DGS 5 ? ? 5_557 1.85 
2130 1 C6 B DGS 1 ? ? 1_555 O5 B G4S 6 ? ? 5_557 1.85 
2131 1 C6 B DGS 1 ? ? 1_555 O5 B G4S 4 ? ? 4_558 1.85 
2132 1 O3 B DGS 5 ? ? 1_555 O6 B G4S 6 ? ? 4_556 1.85 
2133 1 O3 B DGS 1 ? ? 1_555 O6 B G4S 4 ? ? 4_558 1.85 
2134 1 C6 B DGS 5 ? ? 1_555 O5 B G4S 6 ? ? 4_556 1.85 
2135 1 C6 B DGS 1 ? ? 1_555 O5 B G4S 2 ? ? 6_559 1.85 
2136 1 O5 B G4S 4 ? ? 1_555 C6 B DGS 5 ? ? 6_557 1.85 
2137 1 C6 B DGS 3 ? ? 1_555 O5 B G4S 6 ? ? 6_557 1.85 
2138 1 O6 B G4S 4 ? ? 1_555 O3 B DGS 5 ? ? 6_557 1.85 
2139 1 C6 B DGS 3 ? ? 1_555 O5 B G4S 4 ? ? 5_557 1.85 
2140 1 O5 B G4S 2 ? ? 1_555 C6 B DGS 5 ? ? 5_557 1.85 
2141 1 O5 B G4S 2 ? ? 1_555 C6 B DGS 3 ? ? 4_558 1.85 
2142 1 O6 A G4S 4 ? ? 1_555 O3 B DGS 3 ? ? 4_557 1.85 
2143 1 O3 A DGS 5 ? ? 1_555 O6 B G4S 2 ? ? 4_557 1.85 
2144 1 O3 A DGS 5 ? ? 1_555 O6 B G4S 6 ? ? 6_556 1.85 
2145 1 O6 A G4S 2 ? ? 1_555 O3 B DGS 3 ? ? 6_558 1.85 
2146 1 O3 A DGS 5 ? ? 1_555 O6 B G4S 4 ? ? 5_556 1.85 
2147 1 O6 A G4S 6 ? ? 1_555 O3 B DGS 3 ? ? 5_556 1.85 
2148 1 O6 A G4S 4 ? ? 1_555 O3 B DGS 1 ? ? 6_558 1.85 
2149 1 O3 A DGS 3 ? ? 1_555 O6 B G4S 2 ? ? 6_558 1.85 
2150 1 O3 A DGS 3 ? ? 1_555 O6 B G4S 6 ? ? 5_556 1.85 
2151 1 O6 A G4S 2 ? ? 1_555 O3 B DGS 1 ? ? 5_558 1.85 
2152 1 O6 A G4S 4 ? ? 1_555 O3 B DGS 5 ? ? 5_556 1.85 
2153 1 O3 A DGS 1 ? ? 1_555 O6 B G4S 2 ? ? 5_558 1.85 
2154 1 O3 A DGS 3 ? ? 1_555 O6 B G4S 4 ? ? 4_557 1.85 
2155 1 O6 A G4S 6 ? ? 1_555 O3 B DGS 1 ? ? 4_557 1.85 
2156 1 O3 A DGS 1 ? ? 1_555 O6 B G4S 6 ? ? 4_557 1.85 
2157 1 O6 A G4S 2 ? ? 1_555 O3 B DGS 5 ? ? 4_557 1.85 
2158 1 O6 A G4S 6 ? ? 1_555 O3 B DGS 5 ? ? 6_556 1.85 
2159 1 O3 A DGS 1 ? ? 1_555 O6 B G4S 4 ? ? 6_558 1.85 
2160 1 C1 B DGS 3 ? ? 1_555 C4 B G4S 4 ? ? 5_557 1.85 
2161 1 C4 B G4S 2 ? ? 1_555 C1 B DGS 3 ? ? 4_558 1.85 
2162 1 C1 B DGS 1 ? ? 1_555 C4 B G4S 4 ? ? 4_558 1.85 
2163 1 C1 B DGS 3 ? ? 1_555 C4 B G4S 6 ? ? 6_557 1.85 
2164 1 C1 B DGS 1 ? ? 1_555 C4 B G4S 2 ? ? 6_559 1.85 
2165 1 C4 B G4S 4 ? ? 1_555 C1 B DGS 5 ? ? 6_557 1.85 
2166 1 C1 B DGS 1 ? ? 1_555 C4 B G4S 6 ? ? 5_557 1.85 
2167 1 C4 B G4S 2 ? ? 1_555 C1 B DGS 5 ? ? 5_557 1.85 
2168 1 C1 B DGS 5 ? ? 1_555 C4 B G4S 6 ? ? 4_556 1.86 
2169 1 C5 A DGS 5 ? ? 1_555 C5 A DGS 5 ? ? 5_555 1.86 
2170 1 O6 A G4S 4 ? ? 1_555 O3 A DGS 5 ? ? 4_556 1.86 
2171 1 O6 A G4S 2 ? ? 1_555 O3 A DGS 5 ? ? 6_557 1.86 
2172 1 O3 A DGS 5 ? ? 1_555 O6 A G4S 6 ? ? 5_555 1.86 
2173 1 O3 A DGS 3 ? ? 1_555 O6 A G4S 4 ? ? 6_557 1.86 
2174 1 O6 A G4S 2 ? ? 1_555 O3 A DGS 3 ? ? 5_557 1.86 
2175 1 O3 A DGS 1 ? ? 1_555 O6 A G4S 4 ? ? 5_557 1.86 
2176 1 O3 A DGS 3 ? ? 1_555 O6 A G4S 6 ? ? 4_556 1.86 
2177 1 O3 A DGS 1 ? ? 1_555 O6 A G4S 2 ? ? 4_558 1.86 
2178 1 O3 A DGS 1 ? ? 1_555 O6 A G4S 6 ? ? 6_557 1.86 
2179 1 C5 A DGS 3 ? ? 1_555 C5 A DGS 3 ? ? 6_557 1.86 
2180 1 C5 A DGS 1 ? ? 1_555 C5 A DGS 1 ? ? 4_558 1.86 
2181 1 O4 B DGS 1 ? ? 1_555 O5 B DGS 3 ? ? 4_558 1.90 
2182 1 O4 B DGS 3 ? ? 1_555 O5 B DGS 3 ? ? 5_557 1.90 
2183 1 O4 B DGS 1 ? ? 1_555 O5 B DGS 5 ? ? 5_557 1.90 
2184 1 O4 B DGS 3 ? ? 1_555 O5 B DGS 5 ? ? 6_557 1.90 
2185 1 O5 B DGS 3 ? ? 1_555 O4 B DGS 5 ? ? 6_557 1.90 
2186 1 O4 B DGS 1 ? ? 1_555 O5 B DGS 1 ? ? 6_559 1.90 
2187 1 O5 A DGS 5 ? ? 1_555 O4 B DGS 1 ? ? 4_557 1.90 
2188 1 O4 A DGS 3 ? ? 1_555 O5 B DGS 3 ? ? 4_557 1.90 
2189 1 O5 B DGS 1 ? ? 1_555 O4 B DGS 3 ? ? 4_558 1.90 
2190 1 O4 A DGS 5 ? ? 1_555 O5 B DGS 3 ? ? 5_556 1.90 
2191 1 O5 A DGS 5 ? ? 1_555 O4 B DGS 3 ? ? 5_556 1.90 
2192 1 O4 B DGS 5 ? ? 1_555 O5 B DGS 5 ? ? 4_556 1.90 
2193 1 O4 A DGS 3 ? ? 1_555 O5 B DGS 5 ? ? 5_556 1.90 
2194 1 O5 A DGS 1 ? ? 1_555 O4 B DGS 1 ? ? 5_558 1.90 
2195 1 O4 A DGS 5 ? ? 1_555 O5 B DGS 5 ? ? 6_556 1.90 
2196 1 O5 A DGS 1 ? ? 1_555 O4 B DGS 3 ? ? 6_558 1.90 
2197 1 O5 B DGS 1 ? ? 1_555 O4 B DGS 5 ? ? 5_557 1.90 
2198 1 O5 A DGS 5 ? ? 1_555 O4 B DGS 5 ? ? 6_556 1.90 
2199 1 O4 A DGS 1 ? ? 1_555 O5 B DGS 3 ? ? 6_558 1.90 
2200 1 O5 A DGS 3 ? ? 1_555 O4 B DGS 1 ? ? 6_558 1.90 
2201 1 O4 A DGS 3 ? ? 1_555 O5 B DGS 1 ? ? 6_558 1.90 
2202 1 O5 A DGS 3 ? ? 1_555 O4 B DGS 3 ? ? 4_557 1.90 
2203 1 O4 A DGS 5 ? ? 1_555 O5 B DGS 1 ? ? 4_557 1.90 
2204 1 O4 A DGS 1 ? ? 1_555 O5 B DGS 5 ? ? 4_557 1.90 
2205 1 O5 A DGS 1 ? ? 1_555 O4 B DGS 5 ? ? 4_557 1.90 
2206 1 O5 A DGS 3 ? ? 1_555 O4 B DGS 5 ? ? 5_556 1.90 
2207 1 O4 A DGS 1 ? ? 1_555 O5 B DGS 1 ? ? 5_558 1.90 
2208 1 O4 A DGS 3 ? ? 1_555 O5 A DGS 5 ? ? 4_556 1.90 
2209 1 O4 A DGS 5 ? ? 1_555 O5 A DGS 5 ? ? 5_555 1.90 
2210 1 O5 A DGS 1 ? ? 1_555 O4 A DGS 3 ? ? 5_557 1.90 
2211 1 O5 A DGS 1 ? ? 1_555 O4 A DGS 5 ? ? 6_557 1.90 
2212 1 O4 A DGS 1 ? ? 1_555 O5 A DGS 5 ? ? 6_557 1.90 
2213 1 O4 A DGS 3 ? ? 1_555 O5 A DGS 3 ? ? 6_557 1.90 
2214 1 O5 A DGS 3 ? ? 1_555 O4 A DGS 5 ? ? 4_556 1.90 
2215 1 O4 A DGS 1 ? ? 1_555 O5 A DGS 1 ? ? 4_558 1.90 
2216 1 O4 A DGS 1 ? ? 1_555 O5 A DGS 3 ? ? 5_557 1.90 
2217 1 C5 B DGS 3 ? ? 1_555 C1 B G4S 4 ? ? 5_557 1.91 
2218 1 C5 B DGS 1 ? ? 1_555 C1 B G4S 4 ? ? 4_558 1.91 
2219 1 C1 B G4S 2 ? ? 1_555 C5 B DGS 3 ? ? 4_558 1.91 
2220 1 C5 B DGS 1 ? ? 1_555 C1 B G4S 2 ? ? 6_559 1.91 
2221 1 C1 B G4S 4 ? ? 1_555 C5 B DGS 5 ? ? 6_557 1.91 
2222 1 C5 B DGS 3 ? ? 1_555 C1 B G4S 6 ? ? 6_557 1.91 
2223 1 C5 B DGS 1 ? ? 1_555 C1 B G4S 6 ? ? 5_557 1.91 
2224 1 C1 B G4S 2 ? ? 1_555 C5 B DGS 5 ? ? 5_557 1.91 
2225 1 C5 B DGS 5 ? ? 1_555 C1 B G4S 6 ? ? 4_556 1.91 
2226 1 C3 A DGS 5 ? ? 1_555 C6 A G4S 6 ? ? 5_555 2.00 
2227 1 C3 A DGS 1 ? ? 1_555 C6 A G4S 6 ? ? 6_557 2.00 
2228 1 C6 A G4S 4 ? ? 1_555 C3 A DGS 5 ? ? 4_556 2.00 
2229 1 C6 A G4S 2 ? ? 1_555 C3 A DGS 5 ? ? 6_557 2.00 
2230 1 C3 A DGS 1 ? ? 1_555 C6 A G4S 4 ? ? 5_557 2.00 
2231 1 C3 A DGS 1 ? ? 1_555 C6 A G4S 2 ? ? 4_558 2.00 
2232 1 C3 A DGS 3 ? ? 1_555 C6 A G4S 6 ? ? 4_556 2.00 
2233 1 C3 A DGS 3 ? ? 1_555 C6 A G4S 4 ? ? 6_557 2.00 
2234 1 C6 A G4S 2 ? ? 1_555 C3 A DGS 3 ? ? 5_557 2.00 
2235 1 C4 B DGS 1 ? ? 1_555 C5 B DGS 1 ? ? 6_559 2.00 
2236 1 C4 B DGS 3 ? ? 1_555 C5 B DGS 3 ? ? 5_557 2.01 
2237 1 C4 B DGS 5 ? ? 1_555 C5 B DGS 5 ? ? 4_556 2.01 
2238 1 C4 A DGS 3 ? ? 1_555 C5 A DGS 3 ? ? 6_557 2.01 
2239 1 C4 A DGS 5 ? ? 1_555 C5 A DGS 5 ? ? 5_555 2.01 
2240 1 C4 A DGS 1 ? ? 1_555 C5 A DGS 1 ? ? 4_558 2.01 
2241 1 C1 A DGS 3 ? ? 1_555 C1 A G4S 4 ? ? 6_557 2.06 
2242 1 C1 A G4S 4 ? ? 1_555 C1 A DGS 5 ? ? 4_556 2.06 
2243 1 C1 A DGS 1 ? ? 1_555 C1 A G4S 4 ? ? 5_557 2.06 
2244 1 C1 A DGS 3 ? ? 1_555 C1 A G4S 6 ? ? 4_556 2.06 
2245 1 C1 A G4S 2 ? ? 1_555 C1 A DGS 3 ? ? 5_557 2.06 
2246 1 C1 A DGS 5 ? ? 1_555 C1 A G4S 6 ? ? 5_555 2.06 
2247 1 C1 A G4S 2 ? ? 1_555 C1 A DGS 5 ? ? 6_557 2.06 
2248 1 C1 A DGS 1 ? ? 1_555 C1 A G4S 6 ? ? 6_557 2.06 
2249 1 C1 A DGS 1 ? ? 1_555 C1 A G4S 2 ? ? 4_558 2.06 
2250 1 C1 A G4S 4 ? ? 1_555 C1 B DGS 1 ? ? 6_558 2.06 
2251 1 C1 A DGS 3 ? ? 1_555 C1 B G4S 2 ? ? 6_558 2.06 
2252 1 C1 A DGS 5 ? ? 1_555 C1 B G4S 2 ? ? 4_557 2.06 
2253 1 C1 A G4S 4 ? ? 1_555 C1 B DGS 3 ? ? 4_557 2.06 
2254 1 C1 A DGS 1 ? ? 1_555 C1 B G4S 2 ? ? 5_558 2.06 
2255 1 C1 A G4S 4 ? ? 1_555 C1 B DGS 5 ? ? 5_556 2.06 
2256 1 C1 A DGS 3 ? ? 1_555 C1 B G4S 4 ? ? 4_557 2.06 
2257 1 C1 A G4S 6 ? ? 1_555 C1 B DGS 1 ? ? 4_557 2.06 
2258 1 C1 A G4S 2 ? ? 1_555 C1 B DGS 1 ? ? 5_558 2.06 
2259 1 C1 A G4S 6 ? ? 1_555 C1 B DGS 3 ? ? 5_556 2.06 
2260 1 C1 A DGS 5 ? ? 1_555 C1 B G4S 4 ? ? 5_556 2.06 
2261 1 C1 A G4S 2 ? ? 1_555 C1 B DGS 3 ? ? 6_558 2.06 
2262 1 C1 A DGS 1 ? ? 1_555 C1 B G4S 4 ? ? 6_558 2.06 
2263 1 C1 A G4S 6 ? ? 1_555 C1 B DGS 5 ? ? 6_556 2.06 
2264 1 C1 A G4S 2 ? ? 1_555 C1 B DGS 5 ? ? 4_557 2.06 
2265 1 C1 A DGS 3 ? ? 1_555 C1 B G4S 6 ? ? 5_556 2.06 
2266 1 C1 A DGS 5 ? ? 1_555 C1 B G4S 6 ? ? 6_556 2.06 
2267 1 C1 A DGS 1 ? ? 1_555 C1 B G4S 6 ? ? 4_557 2.06 
2268 1 C3 A DGS 5 ? ? 1_555 C6 B G4S 4 ? ? 5_556 2.07 
2269 1 C6 A G4S 6 ? ? 1_555 C3 B DGS 3 ? ? 5_556 2.07 
2270 1 C3 A DGS 1 ? ? 1_555 C6 B G4S 4 ? ? 6_558 2.07 
2271 1 C6 A G4S 6 ? ? 1_555 C3 B DGS 5 ? ? 6_556 2.07 
2272 1 C3 A DGS 5 ? ? 1_555 C6 B G4S 2 ? ? 4_557 2.07 
2273 1 C6 A G4S 4 ? ? 1_555 C3 B DGS 3 ? ? 4_557 2.07 
2274 1 C6 A G4S 2 ? ? 1_555 C3 B DGS 3 ? ? 6_558 2.07 
2275 1 C3 A DGS 5 ? ? 1_555 C6 B G4S 6 ? ? 6_556 2.07 
2276 1 C3 A DGS 1 ? ? 1_555 C6 B G4S 2 ? ? 5_558 2.07 
2277 1 C6 A G4S 4 ? ? 1_555 C3 B DGS 5 ? ? 5_556 2.07 
2278 1 C6 A G4S 2 ? ? 1_555 C3 B DGS 5 ? ? 4_557 2.07 
2279 1 C3 A DGS 1 ? ? 1_555 C6 B G4S 6 ? ? 4_557 2.07 
2280 1 C3 A DGS 3 ? ? 1_555 C6 B G4S 4 ? ? 4_557 2.07 
2281 1 C6 A G4S 6 ? ? 1_555 C3 B DGS 1 ? ? 4_557 2.07 
2282 1 C3 A DGS 3 ? ? 1_555 C6 B G4S 2 ? ? 6_558 2.07 
2283 1 C6 A G4S 4 ? ? 1_555 C3 B DGS 1 ? ? 6_558 2.07 
2284 1 C6 A G4S 2 ? ? 1_555 C3 B DGS 1 ? ? 5_558 2.07 
2285 1 C3 A DGS 3 ? ? 1_555 C6 B G4S 6 ? ? 5_556 2.07 
2286 1 C3 A G4S 2 ? ? 1_555 O3 A G4S 2 ? ? 5_557 2.07 
2287 1 C1 B DGS 1 ? ? 1_555 C1 B G4S 2 ? ? 6_559 2.07 
2288 1 C1 B G4S 2 ? ? 1_555 C1 B DGS 3 ? ? 4_558 2.07 
2289 1 C3 A G4S 4 ? ? 1_555 O3 A G4S 4 ? ? 4_556 2.07 
2290 1 C1 B G4S 2 ? ? 1_555 C1 B DGS 5 ? ? 5_557 2.07 
2291 1 C1 B DGS 1 ? ? 1_555 C1 B G4S 4 ? ? 4_558 2.07 
2292 1 C1 B DGS 3 ? ? 1_555 C1 B G4S 4 ? ? 5_557 2.07 
2293 1 C1 B G4S 4 ? ? 1_555 C1 B DGS 5 ? ? 6_557 2.07 
2294 1 C1 B DGS 1 ? ? 1_555 C1 B G4S 6 ? ? 5_557 2.07 
2295 1 C1 B DGS 3 ? ? 1_555 C1 B G4S 6 ? ? 6_557 2.07 
2296 1 C1 B DGS 5 ? ? 1_555 C1 B G4S 6 ? ? 4_556 2.07 
2297 1 O6 B G4S 4 ? ? 1_555 O2 B DGS 5 ? ? 6_557 2.10 
2298 1 O6 B G4S 2 ? ? 1_555 O2 B DGS 5 ? ? 5_557 2.10 
2299 1 O2 B DGS 1 ? ? 1_555 O6 B G4S 4 ? ? 4_558 2.10 
2300 1 O2 B DGS 1 ? ? 1_555 O6 B G4S 2 ? ? 6_559 2.10 
2301 1 O2 B DGS 3 ? ? 1_555 O6 B G4S 4 ? ? 5_557 2.10 
2302 1 O2 B DGS 5 ? ? 1_555 O6 B G4S 6 ? ? 4_556 2.10 
2303 1 O6 B G4S 2 ? ? 1_555 O2 B DGS 3 ? ? 4_558 2.10 
2304 1 O2 B DGS 1 ? ? 1_555 O6 B G4S 6 ? ? 5_557 2.10 
2305 1 O2 B DGS 3 ? ? 1_555 O6 B G4S 6 ? ? 6_557 2.10 
2306 1 O2 B G4S 4 ? ? 1_555 C2 B DGS 5 ? ? 5_556 2.11 
2307 1 C2 B DGS 5 ? ? 1_555 O2 B G4S 6 ? ? 6_556 2.11 
2308 1 C2 B DGS 3 ? ? 1_555 O2 B G4S 4 ? ? 4_557 2.11 
2309 1 C2 B DGS 1 ? ? 1_555 O2 B G4S 4 ? ? 6_558 2.11 
2310 1 O2 B G4S 2 ? ? 1_555 C2 B DGS 5 ? ? 4_557 2.11 
2311 1 C2 B DGS 3 ? ? 1_555 O2 B G4S 6 ? ? 5_556 2.11 
2312 1 C2 B DGS 1 ? ? 1_555 O2 B G4S 6 ? ? 4_557 2.11 
2313 1 O2 B G4S 2 ? ? 1_555 C2 B DGS 3 ? ? 6_558 2.11 
2314 1 C2 B DGS 1 ? ? 1_555 O2 B G4S 2 ? ? 5_558 2.11 
2315 1 O6 A G4S 6 ? ? 1_555 O2 B DGS 5 ? ? 6_556 2.12 
2316 1 O2 A DGS 1 ? ? 1_555 O6 B G4S 4 ? ? 6_558 2.12 
2317 1 O6 A G4S 4 ? ? 1_555 O2 B DGS 5 ? ? 5_556 2.12 
2318 1 O2 A DGS 1 ? ? 1_555 O6 B G4S 2 ? ? 5_558 2.12 
2319 1 O6 A G4S 6 ? ? 1_555 O2 B DGS 1 ? ? 4_557 2.12 
2320 1 O2 A DGS 3 ? ? 1_555 O6 B G4S 4 ? ? 4_557 2.12 
2321 1 O6 A G4S 4 ? ? 1_555 O2 B DGS 1 ? ? 6_558 2.12 
2322 1 O2 A DGS 3 ? ? 1_555 O6 B G4S 2 ? ? 6_558 2.12 
2323 1 O6 A G4S 6 ? ? 1_555 O2 B DGS 3 ? ? 5_556 2.12 
2324 1 O2 A DGS 5 ? ? 1_555 O6 B G4S 4 ? ? 5_556 2.12 
2325 1 O2 A DGS 1 ? ? 1_555 O6 B G4S 6 ? ? 4_557 2.12 
2326 1 O6 A G4S 2 ? ? 1_555 O2 B DGS 5 ? ? 4_557 2.12 
2327 1 O6 A G4S 4 ? ? 1_555 O2 B DGS 3 ? ? 4_557 2.12 
2328 1 O2 A DGS 5 ? ? 1_555 O6 B G4S 2 ? ? 4_557 2.12 
2329 1 O2 A DGS 3 ? ? 1_555 O6 B G4S 6 ? ? 5_556 2.12 
2330 1 O6 A G4S 2 ? ? 1_555 O2 B DGS 1 ? ? 5_558 2.12 
2331 1 O2 A DGS 5 ? ? 1_555 O6 B G4S 6 ? ? 6_556 2.12 
2332 1 O6 A G4S 2 ? ? 1_555 O2 B DGS 3 ? ? 6_558 2.12 
2333 1 O5 A DGS 1 ? ? 1_555 C2 A G4S 2 ? ? 4_558 2.13 
2334 1 C2 A G4S 2 ? ? 1_555 O5 A DGS 5 ? ? 6_557 2.13 
2335 1 O5 A DGS 1 ? ? 1_555 C2 A G4S 6 ? ? 6_557 2.13 
2336 1 O5 A DGS 5 ? ? 1_555 C2 A G4S 6 ? ? 5_555 2.13 
2337 1 O5 A DGS 1 ? ? 1_555 C2 A G4S 4 ? ? 5_557 2.13 
2338 1 C2 A G4S 2 ? ? 1_555 O5 A DGS 3 ? ? 5_557 2.13 
2339 1 C2 A G4S 4 ? ? 1_555 O5 A DGS 5 ? ? 4_556 2.13 
2340 1 O5 A DGS 3 ? ? 1_555 C2 A G4S 6 ? ? 4_556 2.13 
2341 1 O5 A DGS 3 ? ? 1_555 C2 A G4S 4 ? ? 6_557 2.13 
2342 1 O2 A DGS 1 ? ? 1_555 O6 A G4S 6 ? ? 6_557 2.13 
2343 1 O2 A DGS 1 ? ? 1_555 O6 A G4S 4 ? ? 5_557 2.13 
2344 1 O2 A DGS 3 ? ? 1_555 O6 A G4S 6 ? ? 4_556 2.13 
2345 1 O2 A DGS 3 ? ? 1_555 O6 A G4S 4 ? ? 6_557 2.14 
2346 1 O2 A DGS 5 ? ? 1_555 O6 A G4S 6 ? ? 5_555 2.14 
2347 1 O2 A DGS 1 ? ? 1_555 O6 A G4S 2 ? ? 4_558 2.14 
2348 1 O6 A G4S 4 ? ? 1_555 O2 A DGS 5 ? ? 4_556 2.14 
2349 1 O6 A G4S 2 ? ? 1_555 O2 A DGS 3 ? ? 5_557 2.14 
2350 1 O6 A G4S 2 ? ? 1_555 O2 A DGS 5 ? ? 6_557 2.14 
2351 1 C3 B DGS 3 ? ? 1_555 C6 B G4S 4 ? ? 5_557 2.14 
2352 1 C6 B G4S 4 ? ? 1_555 C3 B DGS 5 ? ? 6_557 2.14 
2353 1 C6 B G4S 2 ? ? 1_555 C3 B DGS 3 ? ? 4_558 2.14 
2354 1 C3 B DGS 3 ? ? 1_555 C6 B G4S 6 ? ? 6_557 2.14 
2355 1 C6 B G4S 2 ? ? 1_555 C3 B DGS 5 ? ? 5_557 2.14 
2356 1 C3 B DGS 5 ? ? 1_555 C6 B G4S 6 ? ? 4_556 2.14 
2357 1 C3 B DGS 1 ? ? 1_555 C6 B G4S 4 ? ? 4_558 2.14 
2358 1 C3 B DGS 1 ? ? 1_555 C6 B G4S 2 ? ? 6_559 2.14 
2359 1 O3 A DGS 5 ? ? 1_555 C6 A G4S 6 ? ? 5_555 2.14 
2360 1 C3 B DGS 1 ? ? 1_555 C6 B G4S 6 ? ? 5_557 2.14 
2361 1 O3 A DGS 1 ? ? 1_555 C6 A G4S 6 ? ? 6_557 2.14 
2362 1 O3 A DGS 3 ? ? 1_555 C6 A G4S 6 ? ? 4_556 2.14 
2363 1 C6 A G4S 2 ? ? 1_555 O3 A DGS 5 ? ? 6_557 2.14 
2364 1 C6 A G4S 4 ? ? 1_555 O3 A DGS 5 ? ? 4_556 2.14 
2365 1 O3 A DGS 1 ? ? 1_555 C6 A G4S 2 ? ? 4_558 2.14 
2366 1 O3 A DGS 1 ? ? 1_555 C6 A G4S 4 ? ? 5_557 2.14 
2367 1 C6 A G4S 2 ? ? 1_555 O3 A DGS 3 ? ? 5_557 2.14 
2368 1 O3 A DGS 3 ? ? 1_555 C6 A G4S 4 ? ? 6_557 2.14 
2369 1 O5 A G4S 2 ? ? 1_555 C2 A DGS 5 ? ? 6_557 2.14 
2370 1 C2 A DGS 1 ? ? 1_555 O5 A G4S 2 ? ? 4_558 2.14 
2371 1 C2 A DGS 5 ? ? 1_555 O2 B G4S 4 ? ? 4_556 2.14 
2372 1 C2 A DGS 5 ? ? 1_555 O2 B G4S 6 ? ? 5_555 2.14 
2373 1 C2 A DGS 5 ? ? 1_555 O5 A G4S 6 ? ? 5_555 2.14 
2374 1 O2 A G4S 6 ? ? 1_555 C2 B DGS 5 ? ? 5_555 2.14 
2375 1 C2 A DGS 1 ? ? 1_555 O2 B G4S 4 ? ? 5_557 2.14 
2376 1 C2 A DGS 5 ? ? 1_555 O2 B G4S 2 ? ? 6_557 2.14 
2377 1 O5 A G4S 2 ? ? 1_555 C2 A DGS 3 ? ? 5_557 2.14 
2378 1 C2 A DGS 1 ? ? 1_555 O2 B G4S 6 ? ? 6_557 2.14 
2379 1 O2 A G4S 2 ? ? 1_555 C2 B DGS 5 ? ? 6_557 2.14 
2380 1 C2 A DGS 1 ? ? 1_555 O5 A G4S 6 ? ? 6_557 2.14 
2381 1 O2 A G4S 4 ? ? 1_555 C2 B DGS 5 ? ? 4_556 2.14 
2382 1 C2 A DGS 1 ? ? 1_555 O2 B G4S 2 ? ? 4_558 2.14 
2383 1 C2 A DGS 3 ? ? 1_555 O2 B G4S 4 ? ? 6_557 2.14 
2384 1 O2 A G4S 6 ? ? 1_555 C2 B DGS 1 ? ? 6_557 2.14 
2385 1 O2 A G4S 6 ? ? 1_555 C2 B DGS 3 ? ? 4_556 2.14 
2386 1 C2 A DGS 3 ? ? 1_555 O2 B G4S 6 ? ? 4_556 2.14 
2387 1 O2 A G4S 2 ? ? 1_555 C2 B DGS 1 ? ? 4_558 2.14 
2388 1 O2 A G4S 2 ? ? 1_555 C2 B DGS 3 ? ? 5_557 2.14 
2389 1 C2 A DGS 3 ? ? 1_555 O2 B G4S 2 ? ? 5_557 2.14 
2390 1 O2 A G4S 4 ? ? 1_555 C2 B DGS 1 ? ? 5_557 2.14 
2391 1 O2 A G4S 4 ? ? 1_555 C2 B DGS 3 ? ? 6_557 2.14 
2392 1 O5 A G4S 4 ? ? 1_555 C2 A DGS 5 ? ? 4_556 2.14 
2393 1 C2 A DGS 3 ? ? 1_555 O5 A G4S 6 ? ? 4_556 2.14 
2394 1 C2 A DGS 1 ? ? 1_555 O5 A G4S 4 ? ? 5_557 2.14 
2395 1 C2 A DGS 3 ? ? 1_555 O5 A G4S 4 ? ? 6_557 2.14 
2396 1 O5 A G4S 2 ? ? 1_555 C2 B DGS 3 ? ? 6_558 2.17 
2397 1 C2 A DGS 5 ? ? 1_555 O5 B G4S 6 ? ? 6_556 2.17 
2398 1 C2 A DGS 1 ? ? 1_555 O5 B G4S 6 ? ? 4_557 2.17 
2399 1 O5 A G4S 2 ? ? 1_555 C2 B DGS 5 ? ? 4_557 2.17 
2400 1 O5 A G4S 6 ? ? 1_555 C2 B DGS 3 ? ? 5_556 2.17 
2401 1 C2 A DGS 5 ? ? 1_555 O5 B G4S 4 ? ? 5_556 2.17 
2402 1 O5 A G4S 2 ? ? 1_555 C2 B DGS 1 ? ? 5_558 2.17 
2403 1 C2 A DGS 3 ? ? 1_555 O5 B G4S 6 ? ? 5_556 2.17 
2404 1 C2 A DGS 1 ? ? 1_555 O5 B G4S 4 ? ? 6_558 2.17 
2405 1 O5 A G4S 6 ? ? 1_555 C2 B DGS 5 ? ? 6_556 2.17 
2406 1 O5 A G4S 4 ? ? 1_555 C2 B DGS 3 ? ? 4_557 2.17 
2407 1 C2 A DGS 5 ? ? 1_555 O5 B G4S 2 ? ? 4_557 2.17 
2408 1 C2 A DGS 3 ? ? 1_555 O5 B G4S 4 ? ? 4_557 2.17 
2409 1 O5 A G4S 6 ? ? 1_555 C2 B DGS 1 ? ? 4_557 2.17 
2410 1 C2 A DGS 1 ? ? 1_555 O5 B G4S 2 ? ? 5_558 2.17 
2411 1 O5 A G4S 4 ? ? 1_555 C2 B DGS 5 ? ? 5_556 2.17 
2412 1 C2 A DGS 3 ? ? 1_555 O5 B G4S 2 ? ? 6_558 2.17 
2413 1 O5 A G4S 4 ? ? 1_555 C2 B DGS 1 ? ? 6_558 2.17 
2414 1 C2 A DGS 5 ? ? 1_555 O2 A G4S 6 ? ? 4_555 2.17 
2415 1 O2 A G4S 2 ? ? 1_555 C2 A DGS 5 ? ? 5_556 2.17 
2416 1 C2 A DGS 1 ? ? 1_555 O2 A G4S 6 ? ? 5_556 2.17 
2417 1 O2 A G4S 4 ? ? 1_555 C2 A DGS 5 ? ? 6_556 2.17 
2418 1 C2 A DGS 1 ? ? 1_555 O2 A G4S 2 ? ? 6_558 2.17 
2419 1 C2 A DGS 1 ? ? 1_555 O2 A G4S 4 ? ? 4_557 2.17 
2420 1 C2 A DGS 3 ? ? 1_555 O2 A G4S 6 ? ? 6_556 2.17 
2421 1 O2 A G4S 2 ? ? 1_555 C2 A DGS 3 ? ? 4_557 2.17 
2422 1 C2 A DGS 3 ? ? 1_555 O2 A G4S 4 ? ? 5_556 2.17 
2423 1 O3 A DGS 5 ? ? 1_555 C6 B G4S 4 ? ? 5_556 2.18 
2424 1 C6 A G4S 6 ? ? 1_555 O3 B DGS 3 ? ? 5_556 2.18 
2425 1 O3 A DGS 1 ? ? 1_555 C6 B G4S 4 ? ? 6_558 2.18 
2426 1 C6 A G4S 6 ? ? 1_555 O3 B DGS 5 ? ? 6_556 2.18 
2427 1 C6 A G4S 6 ? ? 1_555 O3 B DGS 1 ? ? 4_557 2.19 
2428 1 O3 A DGS 3 ? ? 1_555 C6 B G4S 4 ? ? 4_557 2.19 
2429 1 C6 A G4S 2 ? ? 1_555 O3 B DGS 3 ? ? 6_558 2.19 
2430 1 O3 A DGS 5 ? ? 1_555 C6 B G4S 6 ? ? 6_556 2.19 
2431 1 O3 A DGS 5 ? ? 1_555 C6 B G4S 2 ? ? 4_557 2.19 
2432 1 C6 A G4S 4 ? ? 1_555 O3 B DGS 3 ? ? 4_557 2.19 
2433 1 O3 A DGS 1 ? ? 1_555 C6 B G4S 6 ? ? 4_557 2.19 
2434 1 C6 A G4S 2 ? ? 1_555 O3 B DGS 5 ? ? 4_557 2.19 
2435 1 O3 A DGS 1 ? ? 1_555 C6 B G4S 2 ? ? 5_558 2.19 
2436 1 C6 A G4S 4 ? ? 1_555 O3 B DGS 5 ? ? 5_556 2.19 
2437 1 C6 A G4S 2 ? ? 1_555 O3 B DGS 1 ? ? 5_558 2.19 
2438 1 O3 A DGS 3 ? ? 1_555 C6 B G4S 6 ? ? 5_556 2.19 
2439 1 C6 A G4S 4 ? ? 1_555 O3 B DGS 1 ? ? 6_558 2.19 
2440 1 O3 A DGS 3 ? ? 1_555 C6 B G4S 2 ? ? 6_558 2.19 
2441 1 C3 B G4S 4 ? ? 1_555 O3 B G4S 4 ? ? 6_557 2.19 
2442 1 C3 B G4S 2 ? ? 1_555 O3 B G4S 2 ? ? 4_558 2.19 
2443 1 O7 A DGS 1 ? ? 1_555 O9 A DGS 3 ? ? 6_558 2.19 
2444 1 O9 A DGS 3 ? ? 1_555 O7 A DGS 5 ? ? 5_556 2.19 
2445 1 O7 A DGS 1 ? ? 1_555 O9 A DGS 5 ? ? 4_557 2.19 
2446 1 O7 A DGS 1 ? ? 1_555 O9 A DGS 1 ? ? 5_558 2.19 
2447 1 O7 A DGS 5 ? ? 1_555 O9 A DGS 5 ? ? 6_556 2.19 
2448 1 O9 A DGS 1 ? ? 1_555 O7 A DGS 5 ? ? 4_557 2.19 
2449 1 O7 A DGS 3 ? ? 1_555 O9 A DGS 3 ? ? 4_557 2.19 
2450 1 O7 A DGS 3 ? ? 1_555 O9 A DGS 5 ? ? 5_556 2.19 
2451 1 O9 A DGS 1 ? ? 1_555 O7 A DGS 3 ? ? 6_558 2.19 
# 
loop_
_chem_comp_atom.comp_id 
_chem_comp_atom.atom_id 
_chem_comp_atom.type_symbol 
_chem_comp_atom.pdbx_aromatic_flag 
_chem_comp_atom.pdbx_stereo_config 
_chem_comp_atom.pdbx_ordinal 
DGS C1  C N S 1  
DGS C2  C N R 2  
DGS C3  C N S 3  
DGS C4  C N S 4  
DGS C5  C N R 5  
DGS C6  C N N 6  
DGS O1  O N N 7  
DGS O2  O N N 8  
DGS O3  O N N 9  
DGS O4  O N N 10 
DGS O5  O N N 11 
DGS O7  O N N 12 
DGS O8  O N N 13 
DGS O9  O N N 14 
DGS S   S N N 15 
DGS H1  H N N 16 
DGS H2  H N N 17 
DGS H3  H N N 18 
DGS H4  H N N 19 
DGS H5  H N N 20 
DGS H61 H N N 21 
DGS H62 H N N 22 
DGS HO1 H N N 23 
DGS HO4 H N N 24 
DGS HO7 H N N 25 
G4S C1  C N R 26 
G4S C2  C N R 27 
G4S C3  C N R 28 
G4S C4  C N R 29 
G4S C5  C N R 30 
G4S C6  C N N 31 
G4S O1  O N N 32 
G4S O2  O N N 33 
G4S O3  O N N 34 
G4S O4  O N N 35 
G4S O5  O N N 36 
G4S O6  O N N 37 
G4S S   S N N 38 
G4S O7  O N N 39 
G4S O8  O N N 40 
G4S O9  O N N 41 
G4S H1  H N N 42 
G4S H2  H N N 43 
G4S H3  H N N 44 
G4S H4  H N N 45 
G4S H5  H N N 46 
G4S H61 H N N 47 
G4S H62 H N N 48 
G4S HO1 H N N 49 
G4S HO2 H N N 50 
G4S HO3 H N N 51 
G4S HO6 H N N 52 
G4S HO4 H N N 53 
# 
loop_
_chem_comp_bond.comp_id 
_chem_comp_bond.atom_id_1 
_chem_comp_bond.atom_id_2 
_chem_comp_bond.value_order 
_chem_comp_bond.pdbx_aromatic_flag 
_chem_comp_bond.pdbx_stereo_config 
_chem_comp_bond.pdbx_ordinal 
DGS C1  C2  sing N N 1  
DGS C1  O1  sing N N 2  
DGS C1  O5  sing N N 3  
DGS C1  H1  sing N N 4  
DGS C2  C3  sing N N 5  
DGS C2  O2  sing N N 6  
DGS C2  H2  sing N N 7  
DGS C3  C4  sing N N 8  
DGS C3  O3  sing N N 9  
DGS C3  H3  sing N N 10 
DGS C4  C5  sing N N 11 
DGS C4  O4  sing N N 12 
DGS C4  H4  sing N N 13 
DGS C5  C6  sing N N 14 
DGS C5  O5  sing N N 15 
DGS C5  H5  sing N N 16 
DGS C6  O3  sing N N 17 
DGS C6  H61 sing N N 18 
DGS C6  H62 sing N N 19 
DGS O1  HO1 sing N N 20 
DGS O2  S   sing N N 21 
DGS O4  HO4 sing N N 22 
DGS O7  S   sing N N 23 
DGS O7  HO7 sing N N 24 
DGS O8  S   doub N N 25 
DGS O9  S   doub N N 26 
G4S C1  C2  sing N N 27 
G4S C1  O1  sing N N 28 
G4S C1  O5  sing N N 29 
G4S C1  H1  sing N N 30 
G4S C2  C3  sing N N 31 
G4S C2  O2  sing N N 32 
G4S C2  H2  sing N N 33 
G4S C3  C4  sing N N 34 
G4S C3  O3  sing N N 35 
G4S C3  H3  sing N N 36 
G4S C4  C5  sing N N 37 
G4S C4  O4  sing N N 38 
G4S C4  H4  sing N N 39 
G4S C5  C6  sing N N 40 
G4S C5  O5  sing N N 41 
G4S C5  H5  sing N N 42 
G4S C6  O6  sing N N 43 
G4S C6  H61 sing N N 44 
G4S C6  H62 sing N N 45 
G4S O1  HO1 sing N N 46 
G4S O2  HO2 sing N N 47 
G4S O3  HO3 sing N N 48 
G4S O4  S   sing N N 49 
G4S O6  HO6 sing N N 50 
G4S S   O7  doub N N 51 
G4S S   O8  doub N N 52 
G4S S   O9  sing N N 53 
G4S HO4 O9  sing N N 54 
# 
loop_
_pdbx_entity_branch_list.entity_id 
_pdbx_entity_branch_list.comp_id 
_pdbx_entity_branch_list.num 
_pdbx_entity_branch_list.hetero 
1 DGS 1 n 
1 G4S 2 n 
1 DGS 3 n 
1 G4S 4 n 
1 DGS 5 n 
1 G4S 6 n 
# 
_atom_sites.entry_id                    1CAR 
_atom_sites.fract_transf_matrix[1][1]   0.07182940 
_atom_sites.fract_transf_matrix[1][2]   -0.03069272 
_atom_sites.fract_transf_matrix[1][3]   0.03116638 
_atom_sites.fract_transf_matrix[2][1]   0.07376759 
_atom_sites.fract_transf_matrix[2][2]   0.03032046 
_atom_sites.fract_transf_matrix[2][3]   -0.02668315 
_atom_sites.fract_transf_matrix[3][1]   -0.00154897 
_atom_sites.fract_transf_matrix[3][2]   0.05182525 
_atom_sites.fract_transf_matrix[3][3]   0.05460755 
_atom_sites.fract_transf_vector[1]      0.000000 
_atom_sites.fract_transf_vector[2]      0.000000 
_atom_sites.fract_transf_vector[3]      1.075097 
# 
loop_
_atom_type.symbol 
C 
O 
S 
# 
loop_
_atom_site.group_PDB 
_atom_site.id 
_atom_site.type_symbol 
_atom_site.label_atom_id 
_atom_site.label_alt_id 
_atom_site.label_comp_id 
_atom_site.label_asym_id 
_atom_site.label_entity_id 
_atom_site.label_seq_id 
_atom_site.pdbx_PDB_ins_code 
_atom_site.Cartn_x 
_atom_site.Cartn_y 
_atom_site.Cartn_z 
_atom_site.occupancy 
_atom_site.B_iso_or_equiv 
_atom_site.pdbx_formal_charge 
_atom_site.auth_seq_id 
_atom_site.auth_comp_id 
_atom_site.auth_asym_id 
_atom_site.auth_atom_id 
_atom_site.pdbx_PDB_model_num 
HETATM 1   C C1 . DGS A 1 . ? 2.122  5.844   8.329   1.00 0.00 ? 1 DGS A C1 1 
HETATM 2   C C2 . DGS A 1 . ? 3.043  5.168   7.304   1.00 0.00 ? 1 DGS A C2 1 
HETATM 3   C C3 . DGS A 1 . ? 2.513  3.759   7.012   1.00 0.00 ? 1 DGS A C3 1 
HETATM 4   C C4 . DGS A 1 . ? 1.083  3.861   6.472   1.00 0.00 ? 1 DGS A C4 1 
HETATM 5   C C5 . DGS A 1 . ? 0.395  4.225   7.784   1.00 0.00 ? 1 DGS A C5 1 
HETATM 6   C C6 . DGS A 1 . ? 1.049  3.262   8.760   1.00 0.00 ? 1 DGS A C6 1 
HETATM 7   O O1 . DGS A 1 . ? 2.328  7.199   8.254   1.00 0.00 ? 1 DGS A O1 1 
HETATM 8   O O2 . DGS A 1 . ? 3.069  5.882   6.064   1.00 0.00 ? 1 DGS A O2 1 
HETATM 9   O O3 . DGS A 1 . ? 2.390  3.056   8.251   1.00 0.00 ? 1 DGS A O3 1 
HETATM 10  O O4 . DGS A 1 . ? 0.589  2.595   6.043   1.00 0.00 ? 1 DGS A O4 1 
HETATM 11  O O5 . DGS A 1 . ? 0.717  5.611   8.061   1.00 0.00 ? 1 DGS A O5 1 
HETATM 12  O O7 . DGS A 1 . ? 4.074  7.732   4.726   1.00 0.00 ? 1 DGS A O7 1 
HETATM 13  O O8 . DGS A 1 . ? 5.492  5.996   5.490   1.00 0.00 ? 1 DGS A O8 1 
HETATM 14  O O9 . DGS A 1 . ? 4.762  7.577   7.026   1.00 0.00 ? 1 DGS A O9 1 
HETATM 15  S S  . DGS A 1 . ? 4.344  6.818   5.820   1.00 0.00 ? 1 DGS A S  1 
HETATM 16  C C1 . G4S A 1 . ? -0.475 2.615   5.153   1.00 0.00 ? 2 G4S A C1 1 
HETATM 17  C C2 . G4S A 1 . ? -0.454 1.319   4.347   1.00 0.00 ? 2 G4S A C2 1 
HETATM 18  C C3 . G4S A 1 . ? -1.685 1.223   3.459   1.00 0.00 ? 2 G4S A C3 1 
HETATM 19  C C4 . G4S A 1 . ? -2.950 1.417   4.283   1.00 0.00 ? 2 G4S A C4 1 
HETATM 20  C C5 . G4S A 1 . ? -2.853 2.696   5.104   1.00 0.00 ? 2 G4S A C5 1 
HETATM 21  C C6 . G4S A 1 . ? -4.033 2.886   6.032   1.00 0.00 ? 2 G4S A C6 1 
HETATM 22  O O2 . G4S A 1 . ? 0.737  1.267   3.572   1.00 0.00 ? 2 G4S A O2 1 
HETATM 23  O O3 . G4S A 1 . ? -1.717 -0.056  2.817   1.00 0.00 ? 2 G4S A O3 1 
HETATM 24  O O4 . G4S A 1 . ? -3.135 0.318   5.173   1.00 0.00 ? 2 G4S A O4 1 
HETATM 25  O O5 . G4S A 1 . ? -1.677 2.671   5.926   1.00 0.00 ? 2 G4S A O5 1 
HETATM 26  O O6 . G4S A 1 . ? -3.866 4.046   6.849   1.00 0.00 ? 2 G4S A O6 1 
HETATM 27  S S  . G4S A 1 . ? -4.537 -0.448  5.062   1.00 0.00 ? 2 G4S A S  1 
HETATM 28  O O7 . G4S A 1 . ? -4.797 -1.164  6.295   1.00 0.00 ? 2 G4S A O7 1 
HETATM 29  O O8 . G4S A 1 . ? -4.487 -1.387  3.959   1.00 0.00 ? 2 G4S A O8 1 
HETATM 30  O O9 . G4S A 1 . ? -5.596 0.514   4.830   1.00 0.00 ? 2 G4S A O9 1 
HETATM 31  C C1 . DGS A 1 . ? -2.482 -0.153  1.682   1.00 0.00 ? 3 DGS A C1 1 
HETATM 32  C C2 . DGS A 1 . ? -2.718 -1.643  1.397   1.00 0.00 ? 3 DGS A C2 1 
HETATM 33  C C3 . DGS A 1 . ? -3.128 -1.809  -0.072  1.00 0.00 ? 3 DGS A C3 1 
HETATM 34  C C4 . DGS A 1 . ? -2.018 -1.254  -0.971  1.00 0.00 ? 3 DGS A C4 1 
HETATM 35  C C5 . DGS A 1 . ? -2.265 0.229   -0.707  1.00 0.00 ? 3 DGS A C5 1 
HETATM 36  C C6 . DGS A 1 . ? -3.780 0.315   -0.787  1.00 0.00 ? 3 DGS A C6 1 
HETATM 37  O O2 . DGS A 1 . ? -1.531 -2.416  1.601   1.00 0.00 ? 3 DGS A O2 1 
HETATM 38  O O3 . DGS A 1 . ? -4.259 -0.972  -0.324  1.00 0.00 ? 3 DGS A O3 1 
HETATM 39  O O4 . DGS A 1 . ? -2.274 -1.513  -2.347  1.00 0.00 ? 3 DGS A O4 1 
HETATM 40  O O5 . DGS A 1 . ? -1.756 0.513   0.620   1.00 0.00 ? 3 DGS A O5 1 
HETATM 41  O O7 . DGS A 1 . ? -0.083 -3.657  3.207   1.00 0.00 ? 3 DGS A O7 1 
HETATM 42  O O8 . DGS A 1 . ? -2.316 -4.384  2.912   1.00 0.00 ? 3 DGS A O8 1 
HETATM 43  O O9 . DGS A 1 . ? -1.943 -2.454  4.149   1.00 0.00 ? 3 DGS A O9 1 
HETATM 44  S S  . DGS A 1 . ? -1.448 -3.225  2.979   1.00 0.00 ? 3 DGS A S  1 
HETATM 45  C C1 . G4S A 1 . ? -1.180 -1.468  -3.201  1.00 0.00 ? 4 G4S A C1 1 
HETATM 46  C C2 . G4S A 1 . ? -1.479 -2.344  -4.415  1.00 0.00 ? 4 G4S A C2 1 
HETATM 47  C C3 . G4S A 1 . ? -0.373 -2.214  -5.451  1.00 0.00 ? 4 G4S A C3 1 
HETATM 48  C C4 . G4S A 1 . ? -0.134 -0.750  -5.790  1.00 0.00 ? 4 G4S A C4 1 
HETATM 49  C C5 . G4S A 1 . ? 0.086  0.056   -4.516  1.00 0.00 ? 4 G4S A C5 1 
HETATM 50  C C6 . G4S A 1 . ? 0.217  1.542   -4.779  1.00 0.00 ? 4 G4S A C6 1 
HETATM 51  O O2 . G4S A 1 . ? -1.626 -3.694  -3.994  1.00 0.00 ? 4 G4S A O2 1 
HETATM 52  O O3 . G4S A 1 . ? -0.736 -2.932  -6.635  1.00 0.00 ? 4 G4S A O3 1 
HETATM 53  O O4 . G4S A 1 . ? -1.260 -0.210  -6.481  1.00 0.00 ? 4 G4S A O4 1 
HETATM 54  O O5 . G4S A 1 . ? -1.025 -0.112  -3.623  1.00 0.00 ? 4 G4S A O5 1 
HETATM 55  O O6 . G4S A 1 . ? 0.332  2.273   -3.559  1.00 0.00 ? 4 G4S A O6 1 
HETATM 56  S S  . G4S A 1 . ? -0.955 0.457   -7.904  1.00 0.00 ? 4 G4S A S  1 
HETATM 57  O O7 . G4S A 1 . ? -2.022 1.376   -8.246  1.00 0.00 ? 4 G4S A O7 1 
HETATM 58  O O8 . G4S A 1 . ? -0.868 -0.579  -8.915  1.00 0.00 ? 4 G4S A O8 1 
HETATM 59  O O9 . G4S A 1 . ? 0.301  1.178   -7.842  1.00 0.00 ? 4 G4S A O9 1 
HETATM 60  C C1 . DGS A 1 . ? 0.289  -3.284  -7.475  1.00 0.00 ? 5 DGS A C1 1 
HETATM 61  C C2 . DGS A 1 . ? -0.320 -3.654  -8.836  1.00 0.00 ? 5 DGS A C2 1 
HETATM 62  C C3 . DGS A 1 . ? 0.690  -4.495  -9.623  1.00 0.00 ? 5 DGS A C3 1 
HETATM 63  C C4 . DGS A 1 . ? 1.029  -5.756  -8.819  1.00 0.00 ? 5 DGS A C4 1 
HETATM 64  C C5 . DGS A 1 . ? 1.890  -5.091  -7.749  1.00 0.00 ? 5 DGS A C5 1 
HETATM 65  C C6 . DGS A 1 . ? 2.747  -4.148  -8.576  1.00 0.00 ? 5 DGS A C6 1 
HETATM 66  O O2 . DGS A 1 . ? -1.510 -4.438  -8.689  1.00 0.00 ? 5 DGS A O2 1 
HETATM 67  O O3 . DGS A 1 . ? 1.919  -3.769  -9.702  1.00 0.00 ? 5 DGS A O3 1 
HETATM 68  O O4 . DGS A 1 . ? 1.851  -6.650  -9.562  1.00 0.00 ? 5 DGS A O4 1 
HETATM 69  O O5 . DGS A 1 . ? 0.988  -4.392  -6.855  1.00 0.00 ? 5 DGS A O5 1 
HETATM 70  O O7 . DGS A 1 . ? -3.978 -4.465  -8.344  1.00 0.00 ? 5 DGS A O7 1 
HETATM 71  O O8 . DGS A 1 . ? -3.121 -3.384  -10.268 1.00 0.00 ? 5 DGS A O8 1 
HETATM 72  O O9 . DGS A 1 . ? -2.903 -2.317  -8.218  1.00 0.00 ? 5 DGS A O9 1 
HETATM 73  S S  . DGS A 1 . ? -2.894 -3.655  -8.863  1.00 0.00 ? 5 DGS A S  1 
HETATM 74  C C1 . G4S A 1 . ? 1.860  -7.974  -9.148  1.00 0.00 ? 6 G4S A C1 1 
HETATM 75  C C2 . G4S A 1 . ? 2.228  -8.852  -10.341 1.00 0.00 ? 6 G4S A C2 1 
HETATM 76  C C3 . G4S A 1 . ? 2.395  -10.301 -9.906  1.00 0.00 ? 6 G4S A C3 1 
HETATM 77  C C4 . G4S A 1 . ? 3.375  -10.396 -8.744  1.00 0.00 ? 6 G4S A C4 1 
HETATM 78  C C5 . G4S A 1 . ? 2.967  -9.438  -7.632  1.00 0.00 ? 6 G4S A C5 1 
HETATM 79  C C6 . G4S A 1 . ? 3.965  -9.402  -6.495  1.00 0.00 ? 6 G4S A C6 1 
HETATM 80  O O2 . G4S A 1 . ? 1.222  -8.733  -11.338 1.00 0.00 ? 6 G4S A O2 1 
HETATM 81  O O4 . G4S A 1 . ? 4.692  -10.056 -9.175  1.00 0.00 ? 6 G4S A O4 1 
HETATM 82  O O5 . G4S A 1 . ? 2.867  -8.099  -8.140  1.00 0.00 ? 6 G4S A O5 1 
HETATM 83  O O6 . G4S A 1 . ? 3.596  -8.431  -5.515  1.00 0.00 ? 6 G4S A O6 1 
HETATM 84  S S  . G4S A 1 . ? 5.825  -11.153 -8.901  1.00 0.00 ? 6 G4S A S  1 
HETATM 85  O O7 . G4S A 1 . ? 7.126  -10.517 -8.907  1.00 0.00 ? 6 G4S A O7 1 
HETATM 86  O O8 . G4S A 1 . ? 5.777  -12.166 -9.937  1.00 0.00 ? 6 G4S A O8 1 
HETATM 87  O O9 . G4S A 1 . ? 5.595  -11.772 -7.609  1.00 0.00 ? 6 G4S A O9 1 
HETATM 88  C C1 . DGS B 1 . ? -2.754 8.932   11.254  1.00 0.00 ? 1 DGS B C1 1 
HETATM 89  C C2 . DGS B 1 . ? -2.990 7.442   10.970  1.00 0.00 ? 1 DGS B C2 1 
HETATM 90  C C3 . DGS B 1 . ? -3.400 7.276   9.500   1.00 0.00 ? 1 DGS B C3 1 
HETATM 91  C C4 . DGS B 1 . ? -2.289 7.831   8.602   1.00 0.00 ? 1 DGS B C4 1 
HETATM 92  C C5 . DGS B 1 . ? -2.537 9.314   8.866   1.00 0.00 ? 1 DGS B C5 1 
HETATM 93  C C6 . DGS B 1 . ? -4.051 9.400   8.785   1.00 0.00 ? 1 DGS B C6 1 
HETATM 94  O O1 . DGS B 1 . ? -1.988 9.029   12.390  1.00 0.00 ? 1 DGS B O1 1 
HETATM 95  O O2 . DGS B 1 . ? -1.803 6.669   11.174  1.00 0.00 ? 1 DGS B O2 1 
HETATM 96  O O3 . DGS B 1 . ? -4.530 8.113   9.248   1.00 0.00 ? 1 DGS B O3 1 
HETATM 97  O O4 . DGS B 1 . ? -2.545 7.572   7.225   1.00 0.00 ? 1 DGS B O4 1 
HETATM 98  O O5 . DGS B 1 . ? -2.028 9.598   10.192  1.00 0.00 ? 1 DGS B O5 1 
HETATM 99  O O7 . DGS B 1 . ? -0.355 5.428   12.780  1.00 0.00 ? 1 DGS B O7 1 
HETATM 100 O O8 . DGS B 1 . ? -2.588 4.701   12.484  1.00 0.00 ? 1 DGS B O8 1 
HETATM 101 O O9 . DGS B 1 . ? -2.214 6.631   13.721  1.00 0.00 ? 1 DGS B O9 1 
HETATM 102 S S  . DGS B 1 . ? -1.720 5.860   12.552  1.00 0.00 ? 1 DGS B S  1 
HETATM 103 C C1 . G4S B 1 . ? -1.452 7.617   6.372   1.00 0.00 ? 2 G4S B C1 1 
HETATM 104 C C2 . G4S B 1 . ? -1.751 6.741   5.158   1.00 0.00 ? 2 G4S B C2 1 
HETATM 105 C C3 . G4S B 1 . ? -0.645 6.870   4.121   1.00 0.00 ? 2 G4S B C3 1 
HETATM 106 C C4 . G4S B 1 . ? -0.406 8.335   3.782   1.00 0.00 ? 2 G4S B C4 1 
HETATM 107 C C5 . G4S B 1 . ? -0.185 9.141   5.056   1.00 0.00 ? 2 G4S B C5 1 
HETATM 108 C C6 . G4S B 1 . ? -0.054 10.627  4.793   1.00 0.00 ? 2 G4S B C6 1 
HETATM 109 O O2 . G4S B 1 . ? -1.898 5.391   5.579   1.00 0.00 ? 2 G4S B O2 1 
HETATM 110 O O3 . G4S B 1 . ? -1.008 6.153   2.938   1.00 0.00 ? 2 G4S B O3 1 
HETATM 111 O O4 . G4S B 1 . ? -1.531 8.875   3.091   1.00 0.00 ? 2 G4S B O4 1 
HETATM 112 O O5 . G4S B 1 . ? -1.296 8.973   5.950   1.00 0.00 ? 2 G4S B O5 1 
HETATM 113 O O6 . G4S B 1 . ? 0.061  11.358  6.014   1.00 0.00 ? 2 G4S B O6 1 
HETATM 114 S S  . G4S B 1 . ? -1.226 9.542   1.669   1.00 0.00 ? 2 G4S B S  1 
HETATM 115 O O7 . G4S B 1 . ? -2.294 10.461  1.326   1.00 0.00 ? 2 G4S B O7 1 
HETATM 116 O O8 . G4S B 1 . ? -1.140 8.506   0.658   1.00 0.00 ? 2 G4S B O8 1 
HETATM 117 O O9 . G4S B 1 . ? 0.030  10.263  1.731   1.00 0.00 ? 2 G4S B O9 1 
HETATM 118 C C1 . DGS B 1 . ? 0.017  5.801   2.097   1.00 0.00 ? 3 DGS B C1 1 
HETATM 119 C C2 . DGS B 1 . ? -0.592 5.432   0.738   1.00 0.00 ? 3 DGS B C2 1 
HETATM 120 C C3 . DGS B 1 . ? 0.419  4.589   -0.050  1.00 0.00 ? 3 DGS B C3 1 
HETATM 121 C C4 . DGS B 1 . ? 0.757  3.329   0.753   1.00 0.00 ? 3 DGS B C4 1 
HETATM 122 C C5 . DGS B 1 . ? 1.619  3.994   1.824   1.00 0.00 ? 3 DGS B C5 1 
HETATM 123 C C6 . DGS B 1 . ? 2.476  4.937   0.997   1.00 0.00 ? 3 DGS B C6 1 
HETATM 124 O O2 . DGS B 1 . ? -1.782 4.647   0.884   1.00 0.00 ? 3 DGS B O2 1 
HETATM 125 O O3 . DGS B 1 . ? 1.648  5.316   -0.130  1.00 0.00 ? 3 DGS B O3 1 
HETATM 126 O O4 . DGS B 1 . ? 1.580  2.434   0.011   1.00 0.00 ? 3 DGS B O4 1 
HETATM 127 O O5 . DGS B 1 . ? 0.716  4.693   2.717   1.00 0.00 ? 3 DGS B O5 1 
HETATM 128 O O7 . DGS B 1 . ? -4.250 4.620   1.228   1.00 0.00 ? 3 DGS B O7 1 
HETATM 129 O O8 . DGS B 1 . ? -3.393 5.701   -0.696  1.00 0.00 ? 3 DGS B O8 1 
HETATM 130 O O9 . DGS B 1 . ? -3.174 6.768   1.355   1.00 0.00 ? 3 DGS B O9 1 
HETATM 131 S S  . DGS B 1 . ? -3.165 5.429   0.710   1.00 0.00 ? 3 DGS B S  1 
HETATM 132 C C1 . G4S B 1 . ? 1.589  1.110   0.425   1.00 0.00 ? 4 G4S B C1 1 
HETATM 133 C C2 . G4S B 1 . ? 1.957  0.233   -0.768  1.00 0.00 ? 4 G4S B C2 1 
HETATM 134 C C3 . G4S B 1 . ? 2.124  -1.216  -0.333  1.00 0.00 ? 4 G4S B C3 1 
HETATM 135 C C4 . G4S B 1 . ? 3.104  -1.311  0.829   1.00 0.00 ? 4 G4S B C4 1 
HETATM 136 C C5 . G4S B 1 . ? 2.695  -0.353  1.940   1.00 0.00 ? 4 G4S B C5 1 
HETATM 137 C C6 . G4S B 1 . ? 3.694  -0.317  3.078   1.00 0.00 ? 4 G4S B C6 1 
HETATM 138 O O2 . G4S B 1 . ? 0.951  0.351   -1.766  1.00 0.00 ? 4 G4S B O2 1 
HETATM 139 O O3 . G4S B 1 . ? 2.602  -1.996  -1.434  1.00 0.00 ? 4 G4S B O3 1 
HETATM 140 O O4 . G4S B 1 . ? 4.420  -0.971  0.397   1.00 0.00 ? 4 G4S B O4 1 
HETATM 141 O O5 . G4S B 1 . ? 2.595  0.986   1.432   1.00 0.00 ? 4 G4S B O5 1 
HETATM 142 O O6 . G4S B 1 . ? 3.324  0.653   4.057   1.00 0.00 ? 4 G4S B O6 1 
HETATM 143 S S  . G4S B 1 . ? 5.553  -2.068  0.672   1.00 0.00 ? 4 G4S B S  1 
HETATM 144 O O7 . G4S B 1 . ? 6.855  -1.432  0.665   1.00 0.00 ? 4 G4S B O7 1 
HETATM 145 O O8 . G4S B 1 . ? 5.506  -3.081  -0.364  1.00 0.00 ? 4 G4S B O8 1 
HETATM 146 O O9 . G4S B 1 . ? 5.324  -2.687  1.963   1.00 0.00 ? 4 G4S B O9 1 
HETATM 147 C C1 . DGS B 1 . ? 2.396  -3.351  -1.359  1.00 0.00 ? 5 DGS B C1 1 
HETATM 148 C C2 . DGS B 1 . ? 3.318  -4.026  -2.384  1.00 0.00 ? 5 DGS B C2 1 
HETATM 149 C C3 . DGS B 1 . ? 2.788  -5.435  -2.677  1.00 0.00 ? 5 DGS B C3 1 
HETATM 150 C C4 . DGS B 1 . ? 1.358  -5.334  -3.216  1.00 0.00 ? 5 DGS B C4 1 
HETATM 151 C C5 . DGS B 1 . ? 0.670  -4.970  -1.904  1.00 0.00 ? 5 DGS B C5 1 
HETATM 152 C C6 . DGS B 1 . ? 1.324  -5.933  -0.928  1.00 0.00 ? 5 DGS B C6 1 
HETATM 153 O O2 . DGS B 1 . ? 3.344  -3.313  -3.625  1.00 0.00 ? 5 DGS B O2 1 
HETATM 154 O O3 . DGS B 1 . ? 2.665  -6.139  -1.437  1.00 0.00 ? 5 DGS B O3 1 
HETATM 155 O O4 . DGS B 1 . ? 0.864  -6.600  -3.645  1.00 0.00 ? 5 DGS B O4 1 
HETATM 156 O O5 . DGS B 1 . ? 0.992  -3.585  -1.628  1.00 0.00 ? 5 DGS B O5 1 
HETATM 157 O O7 . DGS B 1 . ? 4.348  -1.463  -4.963  1.00 0.00 ? 5 DGS B O7 1 
HETATM 158 O O8 . DGS B 1 . ? 5.767  -3.199  -4.199  1.00 0.00 ? 5 DGS B O8 1 
HETATM 159 O O9 . DGS B 1 . ? 5.036  -1.617  -2.662  1.00 0.00 ? 5 DGS B O9 1 
HETATM 160 S S  . DGS B 1 . ? 4.619  -2.376  -3.869  1.00 0.00 ? 5 DGS B S  1 
HETATM 161 C C1 . G4S B 1 . ? -0.200 -6.581  -4.536  1.00 0.00 ? 6 G4S B C1 1 
HETATM 162 C C2 . G4S B 1 . ? -0.179 -7.876  -5.342  1.00 0.00 ? 6 G4S B C2 1 
HETATM 163 C C3 . G4S B 1 . ? -1.410 -7.972  -6.231  1.00 0.00 ? 6 G4S B C3 1 
HETATM 164 C C4 . G4S B 1 . ? -2.675 -7.779  -5.406  1.00 0.00 ? 6 G4S B C4 1 
HETATM 165 C C5 . G4S B 1 . ? -2.578 -6.500  -4.585  1.00 0.00 ? 6 G4S B C5 1 
HETATM 166 C C6 . G4S B 1 . ? -3.758 -6.309  -3.656  1.00 0.00 ? 6 G4S B C6 1 
HETATM 167 O O2 . G4S B 1 . ? 1.012  -7.928  -6.116  1.00 0.00 ? 6 G4S B O2 1 
HETATM 168 O O4 . G4S B 1 . ? -2.861 -8.877  -4.515  1.00 0.00 ? 6 G4S B O4 1 
HETATM 169 O O5 . G4S B 1 . ? -1.402 -6.523  -3.762  1.00 0.00 ? 6 G4S B O5 1 
HETATM 170 O O6 . G4S B 1 . ? -3.591 -5.149  -2.840  1.00 0.00 ? 6 G4S B O6 1 
HETATM 171 S S  . G4S B 1 . ? -4.262 -9.643  -4.626  1.00 0.00 ? 6 G4S B S  1 
HETATM 172 O O7 . G4S B 1 . ? -4.522 -10.359 -3.394  1.00 0.00 ? 6 G4S B O7 1 
HETATM 173 O O8 . G4S B 1 . ? -4.212 -10.582 -5.729  1.00 0.00 ? 6 G4S B O8 1 
HETATM 174 O O9 . G4S B 1 . ? -5.322 -8.682  -4.859  1.00 0.00 ? 6 G4S B O9 1 
# 
